data_1MK0
# 
_entry.id   1MK0 
# 
_audit_conform.dict_name       mmcif_pdbx.dic 
_audit_conform.dict_version    5.351 
_audit_conform.dict_location   http://mmcif.pdb.org/dictionaries/ascii/mmcif_pdbx.dic 
# 
loop_
_database_2.database_id 
_database_2.database_code 
_database_2.pdbx_database_accession 
_database_2.pdbx_DOI 
PDB   1MK0         pdb_00001mk0 10.2210/pdb1mk0/pdb 
RCSB  RCSB016968   ?            ?                   
WWPDB D_1000016968 ?            ?                   
# 
_pdbx_database_related.db_name        PDB 
_pdbx_database_related.db_id          1LN0 
_pdbx_database_related.details        'Structure of the Catalytic Domain of Homing Endonuclease I-TevI' 
_pdbx_database_related.content_type   unspecified 
# 
_pdbx_database_status.status_code                     REL 
_pdbx_database_status.entry_id                        1MK0 
_pdbx_database_status.recvd_initial_deposition_date   2002-08-28 
_pdbx_database_status.deposit_site                    RCSB 
_pdbx_database_status.process_site                    RCSB 
_pdbx_database_status.status_code_sf                  REL 
_pdbx_database_status.SG_entry                        . 
_pdbx_database_status.pdb_format_compatible           Y 
_pdbx_database_status.status_code_mr                  ? 
_pdbx_database_status.status_code_cs                  ? 
_pdbx_database_status.status_code_nmr_data            ? 
_pdbx_database_status.methods_development_category    ? 
# 
loop_
_audit_author.name 
_audit_author.pdbx_ordinal 
'Van Roey, P.'   1 
'Meehan, L.'     2 
'Kowalski, J.C.' 3 
'Belfort, M.'    4 
'Derbyshire, V.' 5 
# 
_citation.id                        primary 
_citation.title                     'Catalytic domain structure and hypothesis for function of GIY-YIG intron endonuclease I-TevI.' 
_citation.journal_abbrev            Nat.Struct.Biol. 
_citation.journal_volume            9 
_citation.page_first                806 
_citation.page_last                 811 
_citation.year                      2002 
_citation.journal_id_ASTM           NSBIEW 
_citation.country                   US 
_citation.journal_id_ISSN           1072-8368 
_citation.journal_id_CSD            2024 
_citation.book_publisher            ? 
_citation.pdbx_database_id_PubMed   12379841 
_citation.pdbx_database_id_DOI      ? 
# 
loop_
_citation_author.citation_id 
_citation_author.name 
_citation_author.ordinal 
_citation_author.identifier_ORCID 
primary 'Van Roey, P.'   1 ? 
primary 'Meehan, L.'     2 ? 
primary 'Kowalski, J.C.' 3 ? 
primary 'Belfort, M.'    4 ? 
primary 'Derbyshire, V.' 5 ? 
# 
_cell.entry_id           1MK0 
_cell.length_a           28.360 
_cell.length_b           39.430 
_cell.length_c           97.420 
_cell.angle_alpha        90.00 
_cell.angle_beta         90.00 
_cell.angle_gamma        90.00 
_cell.Z_PDB              4 
_cell.pdbx_unique_axis   ? 
# 
_symmetry.entry_id                         1MK0 
_symmetry.space_group_name_H-M             'P 21 21 21' 
_symmetry.pdbx_full_space_group_name_H-M   ? 
_symmetry.cell_setting                     ? 
_symmetry.Int_Tables_number                19 
# 
loop_
_entity.id 
_entity.type 
_entity.src_method 
_entity.pdbx_description 
_entity.formula_weight 
_entity.pdbx_number_of_molecules 
_entity.pdbx_ec 
_entity.pdbx_mutation 
_entity.pdbx_fragment 
_entity.details 
1 polymer     man 'Intron-associated endonuclease 1' 11406.057 1   3.1.-.- E75A 'catalytic domain (residues 1 to 97)' ? 
2 non-polymer syn 'CITRIC ACID'                      192.124   1   ?       ?    ?                                     ? 
3 non-polymer syn BETA-MERCAPTOETHANOL               78.133    1   ?       ?    ?                                     ? 
4 water       nat water                              18.015    189 ?       ?    ?                                     ? 
# 
_entity_name_com.entity_id   1 
_entity_name_com.name        'I-TevI, IRF protein' 
# 
_entity_poly.entity_id                      1 
_entity_poly.type                           'polypeptide(L)' 
_entity_poly.nstd_linkage                   no 
_entity_poly.nstd_monomer                   no 
_entity_poly.pdbx_seq_one_letter_code       
;MKSGIYQIKNTLNNKVYVGSAKDFEKRWKRHFKDLEKGCHSSIKLQRSFNKHGNVFECSILEEIPYEKDLIIERANFWIK
ELNSKINGYNIADATFG
;
_entity_poly.pdbx_seq_one_letter_code_can   
;MKSGIYQIKNTLNNKVYVGSAKDFEKRWKRHFKDLEKGCHSSIKLQRSFNKHGNVFECSILEEIPYEKDLIIERANFWIK
ELNSKINGYNIADATFG
;
_entity_poly.pdbx_strand_id                 A 
_entity_poly.pdbx_target_identifier         ? 
# 
loop_
_entity_poly_seq.entity_id 
_entity_poly_seq.num 
_entity_poly_seq.mon_id 
_entity_poly_seq.hetero 
1 1  MET n 
1 2  LYS n 
1 3  SER n 
1 4  GLY n 
1 5  ILE n 
1 6  TYR n 
1 7  GLN n 
1 8  ILE n 
1 9  LYS n 
1 10 ASN n 
1 11 THR n 
1 12 LEU n 
1 13 ASN n 
1 14 ASN n 
1 15 LYS n 
1 16 VAL n 
1 17 TYR n 
1 18 VAL n 
1 19 GLY n 
1 20 SER n 
1 21 ALA n 
1 22 LYS n 
1 23 ASP n 
1 24 PHE n 
1 25 GLU n 
1 26 LYS n 
1 27 ARG n 
1 28 TRP n 
1 29 LYS n 
1 30 ARG n 
1 31 HIS n 
1 32 PHE n 
1 33 LYS n 
1 34 ASP n 
1 35 LEU n 
1 36 GLU n 
1 37 LYS n 
1 38 GLY n 
1 39 CYS n 
1 40 HIS n 
1 41 SER n 
1 42 SER n 
1 43 ILE n 
1 44 LYS n 
1 45 LEU n 
1 46 GLN n 
1 47 ARG n 
1 48 SER n 
1 49 PHE n 
1 50 ASN n 
1 51 LYS n 
1 52 HIS n 
1 53 GLY n 
1 54 ASN n 
1 55 VAL n 
1 56 PHE n 
1 57 GLU n 
1 58 CYS n 
1 59 SER n 
1 60 ILE n 
1 61 LEU n 
1 62 GLU n 
1 63 GLU n 
1 64 ILE n 
1 65 PRO n 
1 66 TYR n 
1 67 GLU n 
1 68 LYS n 
1 69 ASP n 
1 70 LEU n 
1 71 ILE n 
1 72 ILE n 
1 73 GLU n 
1 74 ARG n 
1 75 ALA n 
1 76 ASN n 
1 77 PHE n 
1 78 TRP n 
1 79 ILE n 
1 80 LYS n 
1 81 GLU n 
1 82 LEU n 
1 83 ASN n 
1 84 SER n 
1 85 LYS n 
1 86 ILE n 
1 87 ASN n 
1 88 GLY n 
1 89 TYR n 
1 90 ASN n 
1 91 ILE n 
1 92 ALA n 
1 93 ASP n 
1 94 ALA n 
1 95 THR n 
1 96 PHE n 
1 97 GLY n 
# 
_entity_src_gen.entity_id                          1 
_entity_src_gen.pdbx_src_id                        1 
_entity_src_gen.pdbx_alt_source_flag               sample 
_entity_src_gen.pdbx_seq_type                      ? 
_entity_src_gen.pdbx_beg_seq_num                   ? 
_entity_src_gen.pdbx_end_seq_num                   ? 
_entity_src_gen.gene_src_common_name               ? 
_entity_src_gen.gene_src_genus                     'T4-like viruses' 
_entity_src_gen.pdbx_gene_src_gene                 ? 
_entity_src_gen.gene_src_species                   'Enterobacteria phage T4 sensu lato' 
_entity_src_gen.gene_src_strain                    ? 
_entity_src_gen.gene_src_tissue                    ? 
_entity_src_gen.gene_src_tissue_fraction           ? 
_entity_src_gen.gene_src_details                   ? 
_entity_src_gen.pdbx_gene_src_fragment             ? 
_entity_src_gen.pdbx_gene_src_scientific_name      'Enterobacteria phage T4' 
_entity_src_gen.pdbx_gene_src_ncbi_taxonomy_id     10665 
_entity_src_gen.pdbx_gene_src_variant              ? 
_entity_src_gen.pdbx_gene_src_cell_line            ? 
_entity_src_gen.pdbx_gene_src_atcc                 ? 
_entity_src_gen.pdbx_gene_src_organ                ? 
_entity_src_gen.pdbx_gene_src_organelle            ? 
_entity_src_gen.pdbx_gene_src_cell                 ? 
_entity_src_gen.pdbx_gene_src_cellular_location    ? 
_entity_src_gen.host_org_common_name               ? 
_entity_src_gen.pdbx_host_org_scientific_name      'Escherichia coli' 
_entity_src_gen.pdbx_host_org_ncbi_taxonomy_id     562 
_entity_src_gen.host_org_genus                     Escherichia 
_entity_src_gen.pdbx_host_org_gene                 ? 
_entity_src_gen.pdbx_host_org_organ                ? 
_entity_src_gen.host_org_species                   ? 
_entity_src_gen.pdbx_host_org_tissue               ? 
_entity_src_gen.pdbx_host_org_tissue_fraction      ? 
_entity_src_gen.pdbx_host_org_strain               ? 
_entity_src_gen.pdbx_host_org_variant              ? 
_entity_src_gen.pdbx_host_org_cell_line            ? 
_entity_src_gen.pdbx_host_org_atcc                 ? 
_entity_src_gen.pdbx_host_org_culture_collection   ? 
_entity_src_gen.pdbx_host_org_cell                 ? 
_entity_src_gen.pdbx_host_org_organelle            ? 
_entity_src_gen.pdbx_host_org_cellular_location    ? 
_entity_src_gen.pdbx_host_org_vector_type          ? 
_entity_src_gen.pdbx_host_org_vector               ? 
_entity_src_gen.host_org_details                   ? 
_entity_src_gen.expression_system_id               ? 
_entity_src_gen.plasmid_name                       ? 
_entity_src_gen.plasmid_details                    ? 
_entity_src_gen.pdbx_description                   ? 
# 
_struct_ref.id                         1 
_struct_ref.db_name                    UNP 
_struct_ref.db_code                    TEV1_BPT4 
_struct_ref.entity_id                  1 
_struct_ref.pdbx_seq_one_letter_code   
;MKSGIYQIKNTLNNKVYVGSAKDFEKRWKRHFKDLEKGCHSSIKLQRSFNKHGNVFECSILEEIPYEKDLIIERENFWIK
ELNSKINGYNIADATFG
;
_struct_ref.pdbx_align_begin           1 
_struct_ref.pdbx_db_accession          P13299 
_struct_ref.pdbx_db_isoform            ? 
# 
_struct_ref_seq.align_id                      1 
_struct_ref_seq.ref_id                        1 
_struct_ref_seq.pdbx_PDB_id_code              1MK0 
_struct_ref_seq.pdbx_strand_id                A 
_struct_ref_seq.seq_align_beg                 1 
_struct_ref_seq.pdbx_seq_align_beg_ins_code   ? 
_struct_ref_seq.seq_align_end                 97 
_struct_ref_seq.pdbx_seq_align_end_ins_code   ? 
_struct_ref_seq.pdbx_db_accession             P13299 
_struct_ref_seq.db_align_beg                  1 
_struct_ref_seq.pdbx_db_align_beg_ins_code    ? 
_struct_ref_seq.db_align_end                  97 
_struct_ref_seq.pdbx_db_align_end_ins_code    ? 
_struct_ref_seq.pdbx_auth_seq_align_beg       1 
_struct_ref_seq.pdbx_auth_seq_align_end       97 
# 
_struct_ref_seq_dif.align_id                     1 
_struct_ref_seq_dif.pdbx_pdb_id_code             1MK0 
_struct_ref_seq_dif.mon_id                       ALA 
_struct_ref_seq_dif.pdbx_pdb_strand_id           A 
_struct_ref_seq_dif.seq_num                      75 
_struct_ref_seq_dif.pdbx_pdb_ins_code            ? 
_struct_ref_seq_dif.pdbx_seq_db_name             UNP 
_struct_ref_seq_dif.pdbx_seq_db_accession_code   P13299 
_struct_ref_seq_dif.db_mon_id                    GLU 
_struct_ref_seq_dif.pdbx_seq_db_seq_num          75 
_struct_ref_seq_dif.details                      'engineered mutation' 
_struct_ref_seq_dif.pdbx_auth_seq_num            75 
_struct_ref_seq_dif.pdbx_ordinal                 1 
# 
loop_
_chem_comp.id 
_chem_comp.type 
_chem_comp.mon_nstd_flag 
_chem_comp.name 
_chem_comp.pdbx_synonyms 
_chem_comp.formula 
_chem_comp.formula_weight 
ALA 'L-peptide linking' y ALANINE              ? 'C3 H7 N O2'     89.093  
ARG 'L-peptide linking' y ARGININE             ? 'C6 H15 N4 O2 1' 175.209 
ASN 'L-peptide linking' y ASPARAGINE           ? 'C4 H8 N2 O3'    132.118 
ASP 'L-peptide linking' y 'ASPARTIC ACID'      ? 'C4 H7 N O4'     133.103 
BME non-polymer         . BETA-MERCAPTOETHANOL ? 'C2 H6 O S'      78.133  
CIT non-polymer         . 'CITRIC ACID'        ? 'C6 H8 O7'       192.124 
CYS 'L-peptide linking' y CYSTEINE             ? 'C3 H7 N O2 S'   121.158 
GLN 'L-peptide linking' y GLUTAMINE            ? 'C5 H10 N2 O3'   146.144 
GLU 'L-peptide linking' y 'GLUTAMIC ACID'      ? 'C5 H9 N O4'     147.129 
GLY 'peptide linking'   y GLYCINE              ? 'C2 H5 N O2'     75.067  
HIS 'L-peptide linking' y HISTIDINE            ? 'C6 H10 N3 O2 1' 156.162 
HOH non-polymer         . WATER                ? 'H2 O'           18.015  
ILE 'L-peptide linking' y ISOLEUCINE           ? 'C6 H13 N O2'    131.173 
LEU 'L-peptide linking' y LEUCINE              ? 'C6 H13 N O2'    131.173 
LYS 'L-peptide linking' y LYSINE               ? 'C6 H15 N2 O2 1' 147.195 
MET 'L-peptide linking' y METHIONINE           ? 'C5 H11 N O2 S'  149.211 
PHE 'L-peptide linking' y PHENYLALANINE        ? 'C9 H11 N O2'    165.189 
PRO 'L-peptide linking' y PROLINE              ? 'C5 H9 N O2'     115.130 
SER 'L-peptide linking' y SERINE               ? 'C3 H7 N O3'     105.093 
THR 'L-peptide linking' y THREONINE            ? 'C4 H9 N O3'     119.119 
TRP 'L-peptide linking' y TRYPTOPHAN           ? 'C11 H12 N2 O2'  204.225 
TYR 'L-peptide linking' y TYROSINE             ? 'C9 H11 N O3'    181.189 
VAL 'L-peptide linking' y VALINE               ? 'C5 H11 N O2'    117.146 
# 
_exptl.entry_id          1MK0 
_exptl.method            'X-RAY DIFFRACTION' 
_exptl.crystals_number   1 
# 
_exptl_crystal.id                    1 
_exptl_crystal.density_meas          ? 
_exptl_crystal.density_percent_sol   48.48 
_exptl_crystal.density_Matthews      2.39 
_exptl_crystal.description           ? 
# 
_exptl_crystal_grow.crystal_id      1 
_exptl_crystal_grow.method          'VAPOR DIFFUSION, HANGING DROP' 
_exptl_crystal_grow.temp            283 
_exptl_crystal_grow.temp_details    ? 
_exptl_crystal_grow.pH              6.5 
_exptl_crystal_grow.pdbx_details    '1.6 M sodium citrate, pH 6.5, VAPOR DIFFUSION, HANGING DROP, temperature 283K' 
_exptl_crystal_grow.pdbx_pH_range   . 
# 
_diffrn.id                     1 
_diffrn.ambient_temp           100 
_diffrn.ambient_temp_details   ? 
_diffrn.crystal_id             1 
# 
_diffrn_detector.diffrn_id              1 
_diffrn_detector.detector               CCD 
_diffrn_detector.type                   'BRANDEIS - B1.2' 
_diffrn_detector.pdbx_collection_date   2002-07-11 
_diffrn_detector.details                ? 
# 
_diffrn_radiation.diffrn_id                        1 
_diffrn_radiation.wavelength_id                    1 
_diffrn_radiation.monochromator                    ? 
_diffrn_radiation.pdbx_monochromatic_or_laue_m_l   M 
_diffrn_radiation.pdbx_diffrn_protocol             'SINGLE WAVELENGTH' 
_diffrn_radiation.pdbx_scattering_type             x-ray 
# 
_diffrn_radiation_wavelength.id           1 
_diffrn_radiation_wavelength.wavelength   1.00 
_diffrn_radiation_wavelength.wt           1.0 
# 
_diffrn_source.diffrn_id                   1 
_diffrn_source.source                      SYNCHROTRON 
_diffrn_source.type                        'NSLS BEAMLINE X12C' 
_diffrn_source.pdbx_synchrotron_site       NSLS 
_diffrn_source.pdbx_synchrotron_beamline   X12C 
_diffrn_source.pdbx_wavelength             ? 
_diffrn_source.pdbx_wavelength_list        1.00 
# 
_reflns.entry_id                     1MK0 
_reflns.observed_criterion_sigma_I   -3 
_reflns.observed_criterion_sigma_F   0. 
_reflns.d_resolution_low             50. 
_reflns.d_resolution_high            1.6 
_reflns.number_obs                   15342 
_reflns.number_all                   15342 
_reflns.percent_possible_obs         99.7 
_reflns.pdbx_Rmerge_I_obs            0.0340000 
_reflns.pdbx_Rsym_value              ? 
_reflns.pdbx_netI_over_sigmaI        84. 
_reflns.B_iso_Wilson_estimate        16.7 
_reflns.pdbx_redundancy              9.0 
_reflns.R_free_details               ? 
_reflns.limit_h_max                  ? 
_reflns.limit_h_min                  ? 
_reflns.limit_k_max                  ? 
_reflns.limit_k_min                  ? 
_reflns.limit_l_max                  ? 
_reflns.limit_l_min                  ? 
_reflns.observed_criterion_F_max     ? 
_reflns.observed_criterion_F_min     ? 
_reflns.pdbx_diffrn_id               1 
_reflns.pdbx_ordinal                 1 
# 
_reflns_shell.d_res_high             1.60 
_reflns_shell.d_res_low              1.65 
_reflns_shell.percent_possible_all   98.3 
_reflns_shell.Rmerge_I_obs           0.0920000 
_reflns_shell.pdbx_Rsym_value        ? 
_reflns_shell.meanI_over_sigI_obs    12. 
_reflns_shell.pdbx_redundancy        6.5 
_reflns_shell.percent_possible_obs   ? 
_reflns_shell.number_unique_all      ? 
_reflns_shell.pdbx_diffrn_id         ? 
_reflns_shell.pdbx_ordinal           1 
# 
_refine.entry_id                                 1MK0 
_refine.ls_number_reflns_obs                     15030 
_refine.ls_number_reflns_all                     15342 
_refine.pdbx_ls_sigma_I                          ? 
_refine.pdbx_ls_sigma_F                          0 
_refine.pdbx_data_cutoff_high_absF               1085373.69 
_refine.pdbx_data_cutoff_low_absF                0 
_refine.ls_d_res_low                             36.55 
_refine.ls_d_res_high                            1.60 
_refine.ls_percent_reflns_obs                    99.6 
_refine.ls_R_factor_obs                          ? 
_refine.ls_R_factor_all                          ? 
_refine.ls_R_factor_R_work                       0.1970000 
_refine.ls_R_factor_R_free                       0.2160000 
_refine.ls_R_factor_R_free_error                 0.006 
_refine.ls_R_factor_R_free_error_details         ? 
_refine.ls_percent_reflns_R_free                 10.1 
_refine.ls_number_reflns_R_free                  1522 
_refine.ls_number_parameters                     ? 
_refine.ls_number_restraints                     ? 
_refine.occupancy_min                            ? 
_refine.occupancy_max                            ? 
_refine.correlation_coeff_Fo_to_Fc               ? 
_refine.correlation_coeff_Fo_to_Fc_free          ? 
_refine.B_iso_mean                               16.6 
_refine.aniso_B[1][1]                            -3.29 
_refine.aniso_B[2][2]                            5.08 
_refine.aniso_B[3][3]                            -1.80 
_refine.aniso_B[1][2]                            0.00 
_refine.aniso_B[1][3]                            0.00 
_refine.aniso_B[2][3]                            0.00 
_refine.solvent_model_details                    'FLAT MODEL' 
_refine.solvent_model_param_ksol                 0.393289 
_refine.solvent_model_param_bsol                 41.2046 
_refine.pdbx_solvent_vdw_probe_radii             ? 
_refine.pdbx_solvent_ion_probe_radii             ? 
_refine.pdbx_solvent_shrinkage_radii             ? 
_refine.pdbx_ls_cross_valid_method               THROUGHOUT 
_refine.details                                  ? 
_refine.pdbx_starting_model                      'pdb entry 1LN0' 
_refine.pdbx_method_to_determine_struct          'MOLECULAR REPLACEMENT' 
_refine.pdbx_isotropic_thermal_model             RESTRAINED 
_refine.pdbx_stereochemistry_target_values       'Engh & Huber' 
_refine.pdbx_stereochem_target_val_spec_case     ? 
_refine.pdbx_R_Free_selection_details            RANDOM 
_refine.pdbx_overall_ESU_R_Free                  ? 
_refine.overall_SU_B                             ? 
_refine.ls_redundancy_reflns_obs                 ? 
_refine.B_iso_min                                ? 
_refine.B_iso_max                                ? 
_refine.overall_SU_R_Cruickshank_DPI             ? 
_refine.overall_SU_R_free                        ? 
_refine.overall_SU_ML                            ? 
_refine.pdbx_overall_ESU_R                       ? 
_refine.pdbx_data_cutoff_high_rms_absF           ? 
_refine.pdbx_refine_id                           'X-RAY DIFFRACTION' 
_refine.pdbx_diffrn_id                           1 
_refine.pdbx_TLS_residual_ADP_flag               ? 
_refine.pdbx_overall_phase_error                 ? 
_refine.pdbx_overall_SU_R_free_Cruickshank_DPI   ? 
_refine.pdbx_overall_SU_R_Blow_DPI               ? 
_refine.pdbx_overall_SU_R_free_Blow_DPI          ? 
# 
_refine_analyze.entry_id                        1MK0 
_refine_analyze.Luzzati_coordinate_error_obs    ? 
_refine_analyze.Luzzati_sigma_a_obs             ? 
_refine_analyze.Luzzati_d_res_low_obs           ? 
_refine_analyze.Luzzati_coordinate_error_free   0.21 
_refine_analyze.Luzzati_sigma_a_free            0.11 
_refine_analyze.Luzzati_d_res_low_free          ? 
_refine_analyze.number_disordered_residues      ? 
_refine_analyze.occupancy_sum_hydrogen          ? 
_refine_analyze.occupancy_sum_non_hydrogen      ? 
_refine_analyze.pdbx_Luzzati_d_res_high_obs     ? 
_refine_analyze.pdbx_refine_id                  'X-RAY DIFFRACTION' 
# 
_refine_hist.pdbx_refine_id                   'X-RAY DIFFRACTION' 
_refine_hist.cycle_id                         LAST 
_refine_hist.pdbx_number_atoms_protein        804 
_refine_hist.pdbx_number_atoms_nucleic_acid   0 
_refine_hist.pdbx_number_atoms_ligand         16 
_refine_hist.number_atoms_solvent             189 
_refine_hist.number_atoms_total               1009 
_refine_hist.d_res_high                       1.60 
_refine_hist.d_res_low                        36.55 
# 
loop_
_refine_ls_restr.type 
_refine_ls_restr.dev_ideal 
_refine_ls_restr.dev_ideal_target 
_refine_ls_restr.weight 
_refine_ls_restr.number 
_refine_ls_restr.pdbx_refine_id 
_refine_ls_restr.pdbx_restraint_function 
c_bond_d           0.004 ?    ? ? 'X-RAY DIFFRACTION' ? 
c_angle_deg        1.3   ?    ? ? 'X-RAY DIFFRACTION' ? 
c_dihedral_angle_d 21.7  ?    ? ? 'X-RAY DIFFRACTION' ? 
c_improper_angle_d 0.67  ?    ? ? 'X-RAY DIFFRACTION' ? 
c_mcbond_it        1.06  1.50 ? ? 'X-RAY DIFFRACTION' ? 
c_mcangle_it       1.58  2.00 ? ? 'X-RAY DIFFRACTION' ? 
c_scbond_it        2.57  2.00 ? ? 'X-RAY DIFFRACTION' ? 
c_scangle_it       3.21  2.50 ? ? 'X-RAY DIFFRACTION' ? 
# 
_refine_ls_shell.pdbx_total_number_of_bins_used   6 
_refine_ls_shell.d_res_high                       1.60 
_refine_ls_shell.d_res_low                        1.70 
_refine_ls_shell.number_reflns_R_work             2191 
_refine_ls_shell.R_factor_R_work                  0.2290000 
_refine_ls_shell.percent_reflns_obs               98.8 
_refine_ls_shell.R_factor_R_free                  0.2620000 
_refine_ls_shell.R_factor_R_free_error            0.017 
_refine_ls_shell.percent_reflns_R_free            9.8 
_refine_ls_shell.number_reflns_R_free             237 
_refine_ls_shell.number_reflns_obs                ? 
_refine_ls_shell.redundancy_reflns_obs            ? 
_refine_ls_shell.number_reflns_all                ? 
_refine_ls_shell.pdbx_refine_id                   'X-RAY DIFFRACTION' 
_refine_ls_shell.R_factor_all                     ? 
# 
loop_
_pdbx_xplor_file.serial_no 
_pdbx_xplor_file.param_file 
_pdbx_xplor_file.topol_file 
_pdbx_xplor_file.pdbx_refine_id 
1 PROTEIN_REP.PARAM PROTEIN.TOP   'X-RAY DIFFRACTION' 
2 WATER_REP.PARAM   WATER.TOP     'X-RAY DIFFRACTION' 
3 ION.PARAM         ION.TOP       'X-RAY DIFFRACTION' 
4 CIT_PAR.PARAM     CIT_TOP.PARAM 'X-RAY DIFFRACTION' 
5 BME_PAR.PARAM     BME_TOP.PARAM 'X-RAY DIFFRACTION' 
# 
_struct.entry_id                  1MK0 
_struct.title                     'catalytic domain of intron endonuclease I-TevI, E75A mutant' 
_struct.pdbx_model_details        ? 
_struct.pdbx_CASP_flag            ? 
_struct.pdbx_model_type_details   ? 
# 
_struct_keywords.entry_id        1MK0 
_struct_keywords.pdbx_keywords   HYDROLASE 
_struct_keywords.text            'alpha/beta fold; CATALYTIC DOMAIN; DNA-BINDING SURFACE, HYDROLASE' 
# 
loop_
_struct_asym.id 
_struct_asym.pdbx_blank_PDB_chainid_flag 
_struct_asym.pdbx_modified 
_struct_asym.entity_id 
_struct_asym.details 
A N N 1 ? 
B N N 2 ? 
C N N 3 ? 
D N N 4 ? 
# 
_struct_biol.id                    1 
_struct_biol.pdbx_parent_biol_id   ? 
_struct_biol.details               ? 
# 
loop_
_struct_conf.conf_type_id 
_struct_conf.id 
_struct_conf.pdbx_PDB_helix_id 
_struct_conf.beg_label_comp_id 
_struct_conf.beg_label_asym_id 
_struct_conf.beg_label_seq_id 
_struct_conf.pdbx_beg_PDB_ins_code 
_struct_conf.end_label_comp_id 
_struct_conf.end_label_asym_id 
_struct_conf.end_label_seq_id 
_struct_conf.pdbx_end_PDB_ins_code 
_struct_conf.beg_auth_comp_id 
_struct_conf.beg_auth_asym_id 
_struct_conf.beg_auth_seq_id 
_struct_conf.end_auth_comp_id 
_struct_conf.end_auth_asym_id 
_struct_conf.end_auth_seq_id 
_struct_conf.pdbx_PDB_helix_class 
_struct_conf.details 
_struct_conf.pdbx_PDB_helix_length 
HELX_P HELX_P1 1 ASP A 23 ? GLY A 38 ? ASP A 23 GLY A 38 1 ? 16 
HELX_P HELX_P2 2 SER A 42 ? GLY A 53 ? SER A 42 GLY A 53 1 ? 12 
HELX_P HELX_P3 3 GLU A 67 ? LEU A 82 ? GLU A 67 LEU A 82 1 ? 16 
# 
_struct_conf_type.id          HELX_P 
_struct_conf_type.criteria    ? 
_struct_conf_type.reference   ? 
# 
_struct_conn.id                            covale1 
_struct_conn.conn_type_id                  covale 
_struct_conn.pdbx_leaving_atom_flag        none 
_struct_conn.pdbx_PDB_id                   ? 
_struct_conn.ptnr1_label_asym_id           A 
_struct_conn.ptnr1_label_comp_id           CYS 
_struct_conn.ptnr1_label_seq_id            39 
_struct_conn.ptnr1_label_atom_id           SG 
_struct_conn.pdbx_ptnr1_label_alt_id       ? 
_struct_conn.pdbx_ptnr1_PDB_ins_code       ? 
_struct_conn.pdbx_ptnr1_standard_comp_id   ? 
_struct_conn.ptnr1_symmetry                1_555 
_struct_conn.ptnr2_label_asym_id           C 
_struct_conn.ptnr2_label_comp_id           BME 
_struct_conn.ptnr2_label_seq_id            . 
_struct_conn.ptnr2_label_atom_id           S2 
_struct_conn.pdbx_ptnr2_label_alt_id       ? 
_struct_conn.pdbx_ptnr2_PDB_ins_code       ? 
_struct_conn.ptnr1_auth_asym_id            A 
_struct_conn.ptnr1_auth_comp_id            CYS 
_struct_conn.ptnr1_auth_seq_id             39 
_struct_conn.ptnr2_auth_asym_id            A 
_struct_conn.ptnr2_auth_comp_id            BME 
_struct_conn.ptnr2_auth_seq_id             401 
_struct_conn.ptnr2_symmetry                1_555 
_struct_conn.pdbx_ptnr3_label_atom_id      ? 
_struct_conn.pdbx_ptnr3_label_seq_id       ? 
_struct_conn.pdbx_ptnr3_label_comp_id      ? 
_struct_conn.pdbx_ptnr3_label_asym_id      ? 
_struct_conn.pdbx_ptnr3_label_alt_id       ? 
_struct_conn.pdbx_ptnr3_PDB_ins_code       ? 
_struct_conn.details                       'DISULFIDE BRIDGE' 
_struct_conn.pdbx_dist_value               2.024 
_struct_conn.pdbx_value_order              ? 
_struct_conn.pdbx_role                     ? 
# 
_struct_conn_type.id          covale 
_struct_conn_type.criteria    ? 
_struct_conn_type.reference   ? 
# 
_struct_sheet.id               A 
_struct_sheet.type             ? 
_struct_sheet.number_strands   3 
_struct_sheet.details          ? 
# 
loop_
_struct_sheet_order.sheet_id 
_struct_sheet_order.range_id_1 
_struct_sheet_order.range_id_2 
_struct_sheet_order.offset 
_struct_sheet_order.sense 
A 1 2 ? anti-parallel 
A 2 3 ? anti-parallel 
# 
loop_
_struct_sheet_range.sheet_id 
_struct_sheet_range.id 
_struct_sheet_range.beg_label_comp_id 
_struct_sheet_range.beg_label_asym_id 
_struct_sheet_range.beg_label_seq_id 
_struct_sheet_range.pdbx_beg_PDB_ins_code 
_struct_sheet_range.end_label_comp_id 
_struct_sheet_range.end_label_asym_id 
_struct_sheet_range.end_label_seq_id 
_struct_sheet_range.pdbx_end_PDB_ins_code 
_struct_sheet_range.beg_auth_comp_id 
_struct_sheet_range.beg_auth_asym_id 
_struct_sheet_range.beg_auth_seq_id 
_struct_sheet_range.end_auth_comp_id 
_struct_sheet_range.end_auth_asym_id 
_struct_sheet_range.end_auth_seq_id 
A 1 VAL A 16 ? ALA A 21 ? VAL A 16 ALA A 21 
A 2 GLY A 4  ? ASN A 10 ? GLY A 4  ASN A 10 
A 3 PHE A 56 ? GLU A 63 ? PHE A 56 GLU A 63 
# 
loop_
_pdbx_struct_sheet_hbond.sheet_id 
_pdbx_struct_sheet_hbond.range_id_1 
_pdbx_struct_sheet_hbond.range_id_2 
_pdbx_struct_sheet_hbond.range_1_label_atom_id 
_pdbx_struct_sheet_hbond.range_1_label_comp_id 
_pdbx_struct_sheet_hbond.range_1_label_asym_id 
_pdbx_struct_sheet_hbond.range_1_label_seq_id 
_pdbx_struct_sheet_hbond.range_1_PDB_ins_code 
_pdbx_struct_sheet_hbond.range_1_auth_atom_id 
_pdbx_struct_sheet_hbond.range_1_auth_comp_id 
_pdbx_struct_sheet_hbond.range_1_auth_asym_id 
_pdbx_struct_sheet_hbond.range_1_auth_seq_id 
_pdbx_struct_sheet_hbond.range_2_label_atom_id 
_pdbx_struct_sheet_hbond.range_2_label_comp_id 
_pdbx_struct_sheet_hbond.range_2_label_asym_id 
_pdbx_struct_sheet_hbond.range_2_label_seq_id 
_pdbx_struct_sheet_hbond.range_2_PDB_ins_code 
_pdbx_struct_sheet_hbond.range_2_auth_atom_id 
_pdbx_struct_sheet_hbond.range_2_auth_comp_id 
_pdbx_struct_sheet_hbond.range_2_auth_asym_id 
_pdbx_struct_sheet_hbond.range_2_auth_seq_id 
A 1 2 O GLY A 19 ? O GLY A 19 N TYR A 6  ? N TYR A 6  
A 2 3 N LYS A 9  ? N LYS A 9  O GLU A 57 ? O GLU A 57 
# 
loop_
_struct_site.id 
_struct_site.pdbx_evidence_code 
_struct_site.pdbx_auth_asym_id 
_struct_site.pdbx_auth_comp_id 
_struct_site.pdbx_auth_seq_id 
_struct_site.pdbx_auth_ins_code 
_struct_site.pdbx_num_residues 
_struct_site.details 
AC1 Software A CIT 300 ? 16 'BINDING SITE FOR RESIDUE CIT A 300' 
AC2 Software A BME 401 ? 6  'BINDING SITE FOR RESIDUE BME A 401' 
# 
loop_
_struct_site_gen.id 
_struct_site_gen.site_id 
_struct_site_gen.pdbx_num_res 
_struct_site_gen.label_comp_id 
_struct_site_gen.label_asym_id 
_struct_site_gen.label_seq_id 
_struct_site_gen.pdbx_auth_ins_code 
_struct_site_gen.auth_comp_id 
_struct_site_gen.auth_asym_id 
_struct_site_gen.auth_seq_id 
_struct_site_gen.label_atom_id 
_struct_site_gen.label_alt_id 
_struct_site_gen.symmetry 
_struct_site_gen.details 
1  AC1 16 TYR A 6  ? TYR A 6   . ? 1_555 ? 
2  AC1 16 TYR A 17 ? TYR A 17  . ? 1_555 ? 
3  AC1 16 GLY A 19 ? GLY A 19  . ? 1_555 ? 
4  AC1 16 SER A 20 ? SER A 20  . ? 1_555 ? 
5  AC1 16 ARG A 27 ? ARG A 27  . ? 1_555 ? 
6  AC1 16 HIS A 31 ? HIS A 31  . ? 1_555 ? 
7  AC1 16 ALA A 94 ? ALA A 94  . ? 1_555 ? 
8  AC1 16 THR A 95 ? THR A 95  . ? 1_555 ? 
9  AC1 16 HOH D .  ? HOH A 403 . ? 1_555 ? 
10 AC1 16 HOH D .  ? HOH A 404 . ? 1_555 ? 
11 AC1 16 HOH D .  ? HOH A 419 . ? 1_555 ? 
12 AC1 16 HOH D .  ? HOH A 422 . ? 1_555 ? 
13 AC1 16 HOH D .  ? HOH A 484 . ? 1_555 ? 
14 AC1 16 HOH D .  ? HOH A 495 . ? 1_555 ? 
15 AC1 16 HOH D .  ? HOH A 511 . ? 1_555 ? 
16 AC1 16 HOH D .  ? HOH A 529 . ? 1_555 ? 
17 AC2 6  ASP A 34 ? ASP A 34  . ? 1_555 ? 
18 AC2 6  LYS A 37 ? LYS A 37  . ? 1_555 ? 
19 AC2 6  CYS A 39 ? CYS A 39  . ? 1_555 ? 
20 AC2 6  LEU A 61 ? LEU A 61  . ? 1_455 ? 
21 AC2 6  TRP A 78 ? TRP A 78  . ? 1_455 ? 
22 AC2 6  HOH D .  ? HOH A 420 . ? 1_455 ? 
# 
_atom_sites.entry_id                    1MK0 
_atom_sites.fract_transf_matrix[1][1]   -0.01197787 
_atom_sites.fract_transf_matrix[1][2]   0.01137471 
_atom_sites.fract_transf_matrix[1][3]   -0.03115260 
_atom_sites.fract_transf_matrix[2][1]   0.02384821 
_atom_sites.fract_transf_matrix[2][2]   0.00342911 
_atom_sites.fract_transf_matrix[2][3]   -0.00791734 
_atom_sites.fract_transf_matrix[3][1]   0.00019248 
_atom_sites.fract_transf_matrix[3][2]   -0.00961659 
_atom_sites.fract_transf_matrix[3][3]   -0.00358530 
_atom_sites.fract_transf_vector[1]      1.137679 
_atom_sites.fract_transf_vector[2]      0.244777 
_atom_sites.fract_transf_vector[3]      0.643691 
# 
loop_
_atom_type.symbol 
C 
N 
O 
S 
# 
loop_
_atom_site.group_PDB 
_atom_site.id 
_atom_site.type_symbol 
_atom_site.label_atom_id 
_atom_site.label_alt_id 
_atom_site.label_comp_id 
_atom_site.label_asym_id 
_atom_site.label_entity_id 
_atom_site.label_seq_id 
_atom_site.pdbx_PDB_ins_code 
_atom_site.Cartn_x 
_atom_site.Cartn_y 
_atom_site.Cartn_z 
_atom_site.occupancy 
_atom_site.B_iso_or_equiv 
_atom_site.pdbx_formal_charge 
_atom_site.auth_seq_id 
_atom_site.auth_comp_id 
_atom_site.auth_asym_id 
_atom_site.auth_atom_id 
_atom_site.pdbx_PDB_model_num 
ATOM   1    N N   . MET A 1 1  ? 9.259   16.410  1.078   1.00 16.97 ? 1   MET A N   1 
ATOM   2    C CA  . MET A 1 1  ? 8.430   15.169  1.063   1.00 15.02 ? 1   MET A CA  1 
ATOM   3    C C   . MET A 1 1  ? 7.364   15.229  -0.023  1.00 15.33 ? 1   MET A C   1 
ATOM   4    O O   . MET A 1 1  ? 6.921   16.307  -0.416  1.00 15.83 ? 1   MET A O   1 
ATOM   5    C CB  . MET A 1 1  ? 7.731   14.976  2.414   1.00 16.29 ? 1   MET A CB  1 
ATOM   6    C CG  . MET A 1 1  ? 8.654   14.770  3.601   1.00 18.00 ? 1   MET A CG  1 
ATOM   7    S SD  . MET A 1 1  ? 7.706   14.467  5.113   1.00 17.12 ? 1   MET A SD  1 
ATOM   8    C CE  . MET A 1 1  ? 9.025   14.303  6.308   1.00 17.36 ? 1   MET A CE  1 
ATOM   9    N N   . LYS A 1 2  ? 6.954   14.059  -0.503  1.00 14.59 ? 2   LYS A N   1 
ATOM   10   C CA  . LYS A 1 2  ? 5.912   13.968  -1.518  1.00 12.82 ? 2   LYS A CA  1 
ATOM   11   C C   . LYS A 1 2  ? 4.848   13.028  -0.963  1.00 12.25 ? 2   LYS A C   1 
ATOM   12   O O   . LYS A 1 2  ? 5.147   11.900  -0.570  1.00 12.24 ? 2   LYS A O   1 
ATOM   13   C CB  . LYS A 1 2  ? 6.485   13.456  -2.843  1.00 17.48 ? 2   LYS A CB  1 
ATOM   14   C CG  . LYS A 1 2  ? 7.244   12.152  -2.765  1.00 23.12 ? 2   LYS A CG  1 
ATOM   15   C CD  . LYS A 1 2  ? 8.014   11.902  -4.061  1.00 26.32 ? 2   LYS A CD  1 
ATOM   16   C CE  . LYS A 1 2  ? 7.104   11.991  -5.282  1.00 28.43 ? 2   LYS A CE  1 
ATOM   17   N NZ  . LYS A 1 2  ? 7.851   11.827  -6.563  1.00 29.38 ? 2   LYS A NZ  1 
ATOM   18   N N   . SER A 1 3  ? 3.611   13.509  -0.919  1.00 11.62 ? 3   SER A N   1 
ATOM   19   C CA  . SER A 1 3  ? 2.504   12.746  -0.355  1.00 10.77 ? 3   SER A CA  1 
ATOM   20   C C   . SER A 1 3  ? 1.418   12.356  -1.343  1.00 9.98  ? 3   SER A C   1 
ATOM   21   O O   . SER A 1 3  ? 1.354   12.866  -2.458  1.00 10.44 ? 3   SER A O   1 
ATOM   22   C CB  . SER A 1 3  ? 1.866   13.545  0.782   1.00 13.00 ? 3   SER A CB  1 
ATOM   23   O OG  . SER A 1 3  ? 1.365   14.784  0.305   1.00 18.42 ? 3   SER A OG  1 
ATOM   24   N N   . GLY A 1 4  ? 0.551   11.449  -0.907  1.00 10.23 ? 4   GLY A N   1 
ATOM   25   C CA  . GLY A 1 4  ? -0.538  11.020  -1.759  1.00 8.91  ? 4   GLY A CA  1 
ATOM   26   C C   . GLY A 1 4  ? -0.875  9.554   -1.611  1.00 9.58  ? 4   GLY A C   1 
ATOM   27   O O   . GLY A 1 4  ? -0.592  8.932   -0.584  1.00 9.54  ? 4   GLY A O   1 
ATOM   28   N N   . ILE A 1 5  ? -1.479  9.010   -2.659  1.00 8.75  ? 5   ILE A N   1 
ATOM   29   C CA  . ILE A 1 5  ? -1.888  7.614   -2.689  1.00 8.31  ? 5   ILE A CA  1 
ATOM   30   C C   . ILE A 1 5  ? -0.908  6.835   -3.551  1.00 7.22  ? 5   ILE A C   1 
ATOM   31   O O   . ILE A 1 5  ? -0.463  7.316   -4.596  1.00 8.30  ? 5   ILE A O   1 
ATOM   32   C CB  . ILE A 1 5  ? -3.301  7.471   -3.294  1.00 7.14  ? 5   ILE A CB  1 
ATOM   33   C CG1 . ILE A 1 5  ? -4.265  8.452   -2.617  1.00 10.49 ? 5   ILE A CG1 1 
ATOM   34   C CG2 . ILE A 1 5  ? -3.788  6.035   -3.147  1.00 7.01  ? 5   ILE A CG2 1 
ATOM   35   C CD1 . ILE A 1 5  ? -4.382  8.276   -1.116  1.00 9.20  ? 5   ILE A CD1 1 
ATOM   36   N N   . TYR A 1 6  ? -0.575  5.626   -3.118  1.00 7.83  ? 6   TYR A N   1 
ATOM   37   C CA  . TYR A 1 6  ? 0.367   4.800   -3.856  1.00 7.97  ? 6   TYR A CA  1 
ATOM   38   C C   . TYR A 1 6  ? -0.102  3.357   -3.937  1.00 8.34  ? 6   TYR A C   1 
ATOM   39   O O   . TYR A 1 6  ? -1.060  2.961   -3.277  1.00 7.98  ? 6   TYR A O   1 
ATOM   40   C CB  . TYR A 1 6  ? 1.731   4.841   -3.161  1.00 8.86  ? 6   TYR A CB  1 
ATOM   41   C CG  . TYR A 1 6  ? 1.697   4.254   -1.766  1.00 8.55  ? 6   TYR A CG  1 
ATOM   42   C CD1 . TYR A 1 6  ? 1.761   2.872   -1.567  1.00 7.99  ? 6   TYR A CD1 1 
ATOM   43   C CD2 . TYR A 1 6  ? 1.536   5.072   -0.652  1.00 8.48  ? 6   TYR A CD2 1 
ATOM   44   C CE1 . TYR A 1 6  ? 1.661   2.324   -0.295  1.00 8.76  ? 6   TYR A CE1 1 
ATOM   45   C CE2 . TYR A 1 6  ? 1.433   4.535   0.625   1.00 8.97  ? 6   TYR A CE2 1 
ATOM   46   C CZ  . TYR A 1 6  ? 1.494   3.161   0.795   1.00 7.51  ? 6   TYR A CZ  1 
ATOM   47   O OH  . TYR A 1 6  ? 1.370   2.631   2.050   1.00 9.59  ? 6   TYR A OH  1 
ATOM   48   N N   . GLN A 1 7  ? 0.585   2.573   -4.760  1.00 8.52  ? 7   GLN A N   1 
ATOM   49   C CA  . GLN A 1 7  ? 0.285   1.158   -4.878  1.00 9.91  ? 7   GLN A CA  1 
ATOM   50   C C   . GLN A 1 7  ? 1.601   0.396   -4.778  1.00 9.71  ? 7   GLN A C   1 
ATOM   51   O O   . GLN A 1 7  ? 2.653   0.894   -5.191  1.00 10.00 ? 7   GLN A O   1 
ATOM   52   C CB  . GLN A 1 7  ? -0.393  0.831   -6.218  1.00 10.54 ? 7   GLN A CB  1 
ATOM   53   C CG  . GLN A 1 7  ? 0.485   1.055   -7.447  1.00 10.24 ? 7   GLN A CG  1 
ATOM   54   C CD  . GLN A 1 7  ? -0.161  0.574   -8.740  1.00 13.41 ? 7   GLN A CD  1 
ATOM   55   O OE1 . GLN A 1 7  ? 0.378   0.780   -9.829  1.00 20.06 ? 7   GLN A OE1 1 
ATOM   56   N NE2 . GLN A 1 7  ? -1.313  -0.072  -8.626  1.00 9.94  ? 7   GLN A NE2 1 
ATOM   57   N N   . ILE A 1 8  ? 1.542   -0.789  -4.181  1.00 10.07 ? 8   ILE A N   1 
ATOM   58   C CA  . ILE A 1 8  ? 2.698   -1.669  -4.066  1.00 9.46  ? 8   ILE A CA  1 
ATOM   59   C C   . ILE A 1 8  ? 2.214   -2.887  -4.834  1.00 8.75  ? 8   ILE A C   1 
ATOM   60   O O   . ILE A 1 8  ? 1.282   -3.564  -4.405  1.00 10.77 ? 8   ILE A O   1 
ATOM   61   C CB  . ILE A 1 8  ? 3.003   -2.050  -2.601  1.00 8.97  ? 8   ILE A CB  1 
ATOM   62   C CG1 . ILE A 1 8  ? 3.399   -0.795  -1.816  1.00 10.54 ? 8   ILE A CG1 1 
ATOM   63   C CG2 . ILE A 1 8  ? 4.132   -3.085  -2.555  1.00 10.59 ? 8   ILE A CG2 1 
ATOM   64   C CD1 . ILE A 1 8  ? 3.714   -1.046  -0.354  1.00 14.50 ? 8   ILE A CD1 1 
ATOM   65   N N   . LYS A 1 9  ? 2.825   -3.149  -5.984  1.00 9.31  ? 9   LYS A N   1 
ATOM   66   C CA  . LYS A 1 9  ? 2.396   -4.255  -6.833  1.00 11.00 ? 9   LYS A CA  1 
ATOM   67   C C   . LYS A 1 9  ? 3.353   -5.438  -6.906  1.00 10.52 ? 9   LYS A C   1 
ATOM   68   O O   . LYS A 1 9  ? 4.555   -5.278  -7.112  1.00 11.66 ? 9   LYS A O   1 
ATOM   69   C CB  . LYS A 1 9  ? 2.125   -3.723  -8.247  1.00 13.46 ? 9   LYS A CB  1 
ATOM   70   C CG  . LYS A 1 9  ? 1.660   -4.778  -9.243  1.00 16.86 ? 9   LYS A CG  1 
ATOM   71   C CD  . LYS A 1 9  ? 1.166   -4.146  -10.544 1.00 22.02 ? 9   LYS A CD  1 
ATOM   72   C CE  . LYS A 1 9  ? 2.255   -3.351  -11.245 1.00 24.36 ? 9   LYS A CE  1 
ATOM   73   N NZ  . LYS A 1 9  ? 1.796   -2.792  -12.550 1.00 27.70 ? 9   LYS A NZ  1 
ATOM   74   N N   . ASN A 1 10 ? 2.799   -6.632  -6.730  1.00 9.93  ? 10  ASN A N   1 
ATOM   75   C CA  . ASN A 1 10 ? 3.581   -7.857  -6.800  1.00 10.31 ? 10  ASN A CA  1 
ATOM   76   C C   . ASN A 1 10 ? 3.831   -8.101  -8.290  1.00 12.78 ? 10  ASN A C   1 
ATOM   77   O O   . ASN A 1 10 ? 2.884   -8.252  -9.061  1.00 12.31 ? 10  ASN A O   1 
ATOM   78   C CB  . ASN A 1 10 ? 2.780   -9.009  -6.197  1.00 11.80 ? 10  ASN A CB  1 
ATOM   79   C CG  . ASN A 1 10 ? 3.574   -10.296 -6.116  1.00 13.54 ? 10  ASN A CG  1 
ATOM   80   O OD1 . ASN A 1 10 ? 4.275   -10.664 -7.056  1.00 16.47 ? 10  ASN A OD1 1 
ATOM   81   N ND2 . ASN A 1 10 ? 3.459   -10.991 -4.994  1.00 14.57 ? 10  ASN A ND2 1 
ATOM   82   N N   . THR A 1 11 ? 5.097   -8.129  -8.695  1.00 13.57 ? 11  THR A N   1 
ATOM   83   C CA  . THR A 1 11 ? 5.430   -8.325  -10.105 1.00 14.91 ? 11  THR A CA  1 
ATOM   84   C C   . THR A 1 11 ? 5.194   -9.745  -10.613 1.00 16.27 ? 11  THR A C   1 
ATOM   85   O O   . THR A 1 11 ? 5.287   -10.000 -11.817 1.00 17.91 ? 11  THR A O   1 
ATOM   86   C CB  . THR A 1 11 ? 6.897   -7.934  -10.395 1.00 14.54 ? 11  THR A CB  1 
ATOM   87   O OG1 . THR A 1 11 ? 7.782   -8.772  -9.642  1.00 16.10 ? 11  THR A OG1 1 
ATOM   88   C CG2 . THR A 1 11 ? 7.140   -6.482  -10.016 1.00 15.26 ? 11  THR A CG2 1 
ATOM   89   N N   . LEU A 1 12 ? 4.876   -10.662 -9.706  1.00 16.90 ? 12  LEU A N   1 
ATOM   90   C CA  . LEU A 1 12 ? 4.634   -12.050 -10.084 1.00 17.27 ? 12  LEU A CA  1 
ATOM   91   C C   . LEU A 1 12 ? 3.175   -12.330 -10.436 1.00 18.48 ? 12  LEU A C   1 
ATOM   92   O O   . LEU A 1 12 ? 2.890   -13.201 -11.262 1.00 19.40 ? 12  LEU A O   1 
ATOM   93   C CB  . LEU A 1 12 ? 5.065   -12.990 -8.951  1.00 18.78 ? 12  LEU A CB  1 
ATOM   94   C CG  . LEU A 1 12 ? 6.510   -12.894 -8.453  1.00 19.83 ? 12  LEU A CG  1 
ATOM   95   C CD1 . LEU A 1 12 ? 6.739   -13.934 -7.366  1.00 21.10 ? 12  LEU A CD1 1 
ATOM   96   C CD2 . LEU A 1 12 ? 7.478   -13.111 -9.609  1.00 22.55 ? 12  LEU A CD2 1 
ATOM   97   N N   . ASN A 1 13 ? 2.251   -11.594 -9.823  1.00 15.96 ? 13  ASN A N   1 
ATOM   98   C CA  . ASN A 1 13 ? 0.825   -11.809 -10.068 1.00 15.71 ? 13  ASN A CA  1 
ATOM   99   C C   . ASN A 1 13 ? 0.002   -10.534 -10.269 1.00 15.40 ? 13  ASN A C   1 
ATOM   100  O O   . ASN A 1 13 ? -1.214  -10.599 -10.428 1.00 16.13 ? 13  ASN A O   1 
ATOM   101  C CB  . ASN A 1 13 ? 0.223   -12.606 -8.915  1.00 17.63 ? 13  ASN A CB  1 
ATOM   102  C CG  . ASN A 1 13 ? 0.511   -11.976 -7.570  1.00 18.53 ? 13  ASN A CG  1 
ATOM   103  O OD1 . ASN A 1 13 ? 0.474   -10.755 -7.431  1.00 18.00 ? 13  ASN A OD1 1 
ATOM   104  N ND2 . ASN A 1 13 ? 0.794   -12.805 -6.575  1.00 21.71 ? 13  ASN A ND2 1 
ATOM   105  N N   . ASN A 1 14 ? 0.665   -9.385  -10.248 1.00 15.11 ? 14  ASN A N   1 
ATOM   106  C CA  . ASN A 1 14 ? 0.003   -8.098  -10.440 1.00 16.26 ? 14  ASN A CA  1 
ATOM   107  C C   . ASN A 1 14 ? -0.975  -7.667  -9.346  1.00 15.84 ? 14  ASN A C   1 
ATOM   108  O O   . ASN A 1 14 ? -1.719  -6.701  -9.529  1.00 15.88 ? 14  ASN A O   1 
ATOM   109  C CB  . ASN A 1 14 ? -0.710  -8.071  -11.794 1.00 18.66 ? 14  ASN A CB  1 
ATOM   110  C CG  . ASN A 1 14 ? 0.251   -8.201  -12.953 1.00 22.25 ? 14  ASN A CG  1 
ATOM   111  O OD1 . ASN A 1 14 ? 1.205   -7.432  -13.069 1.00 23.47 ? 14  ASN A OD1 1 
ATOM   112  N ND2 . ASN A 1 14 ? 0.008   -9.176  -13.820 1.00 24.75 ? 14  ASN A ND2 1 
ATOM   113  N N   . LYS A 1 15 ? -0.987  -8.374  -8.218  1.00 14.58 ? 15  LYS A N   1 
ATOM   114  C CA  . LYS A 1 15 ? -1.867  -7.995  -7.113  1.00 13.50 ? 15  LYS A CA  1 
ATOM   115  C C   . LYS A 1 15 ? -1.262  -6.751  -6.468  1.00 11.32 ? 15  LYS A C   1 
ATOM   116  O O   . LYS A 1 15 ? -0.043  -6.600  -6.432  1.00 10.85 ? 15  LYS A O   1 
ATOM   117  C CB  . LYS A 1 15 ? -1.963  -9.121  -6.082  1.00 13.23 ? 15  LYS A CB  1 
ATOM   118  C CG  . LYS A 1 15 ? -2.748  -10.333 -6.556  1.00 17.12 ? 15  LYS A CG  1 
ATOM   119  C CD  . LYS A 1 15 ? -2.789  -11.406 -5.480  1.00 19.79 ? 15  LYS A CD  1 
ATOM   120  C CE  . LYS A 1 15 ? -3.560  -12.633 -5.946  1.00 24.26 ? 15  LYS A CE  1 
ATOM   121  N NZ  . LYS A 1 15 ? -4.982  -12.315 -6.251  1.00 27.65 ? 15  LYS A NZ  1 
ATOM   122  N N   . VAL A 1 16 ? -2.104  -5.859  -5.958  1.00 10.60 ? 16  VAL A N   1 
ATOM   123  C CA  . VAL A 1 16 ? -1.589  -4.638  -5.349  1.00 9.77  ? 16  VAL A CA  1 
ATOM   124  C C   . VAL A 1 16 ? -2.092  -4.325  -3.948  1.00 8.76  ? 16  VAL A C   1 
ATOM   125  O O   . VAL A 1 16 ? -3.108  -4.846  -3.488  1.00 9.54  ? 16  VAL A O   1 
ATOM   126  C CB  . VAL A 1 16 ? -1.900  -3.389  -6.214  1.00 11.64 ? 16  VAL A CB  1 
ATOM   127  C CG1 . VAL A 1 16 ? -1.459  -3.613  -7.651  1.00 14.62 ? 16  VAL A CG1 1 
ATOM   128  C CG2 . VAL A 1 16 ? -3.385  -3.064  -6.142  1.00 11.25 ? 16  VAL A CG2 1 
ATOM   129  N N   . TYR A 1 17 ? -1.346  -3.450  -3.287  1.00 8.72  ? 17  TYR A N   1 
ATOM   130  C CA  . TYR A 1 17 ? -1.661  -2.954  -1.959  1.00 7.00  ? 17  TYR A CA  1 
ATOM   131  C C   . TYR A 1 17 ? -1.763  -1.448  -2.180  1.00 8.90  ? 17  TYR A C   1 
ATOM   132  O O   . TYR A 1 17 ? -0.835  -0.839  -2.713  1.00 9.77  ? 17  TYR A O   1 
ATOM   133  C CB  . TYR A 1 17 ? -0.512  -3.242  -0.991  1.00 8.61  ? 17  TYR A CB  1 
ATOM   134  C CG  . TYR A 1 17 ? -0.707  -2.661  0.393   1.00 7.95  ? 17  TYR A CG  1 
ATOM   135  C CD1 . TYR A 1 17 ? -1.394  -3.371  1.375   1.00 9.14  ? 17  TYR A CD1 1 
ATOM   136  C CD2 . TYR A 1 17 ? -0.201  -1.400  0.721   1.00 7.85  ? 17  TYR A CD2 1 
ATOM   137  C CE1 . TYR A 1 17 ? -1.572  -2.845  2.656   1.00 10.55 ? 17  TYR A CE1 1 
ATOM   138  C CE2 . TYR A 1 17 ? -0.377  -0.861  2.004   1.00 10.46 ? 17  TYR A CE2 1 
ATOM   139  C CZ  . TYR A 1 17 ? -1.061  -1.593  2.963   1.00 9.19  ? 17  TYR A CZ  1 
ATOM   140  O OH  . TYR A 1 17 ? -1.227  -1.093  4.239   1.00 11.58 ? 17  TYR A OH  1 
ATOM   141  N N   . VAL A 1 18 ? -2.888  -0.856  -1.800  1.00 7.97  ? 18  VAL A N   1 
ATOM   142  C CA  . VAL A 1 18 ? -3.082  0.582   -1.951  1.00 7.87  ? 18  VAL A CA  1 
ATOM   143  C C   . VAL A 1 18 ? -2.915  1.255   -0.595  1.00 8.34  ? 18  VAL A C   1 
ATOM   144  O O   . VAL A 1 18 ? -3.454  0.795   0.403   1.00 8.70  ? 18  VAL A O   1 
ATOM   145  C CB  . VAL A 1 18 ? -4.492  0.904   -2.497  1.00 6.79  ? 18  VAL A CB  1 
ATOM   146  C CG1 . VAL A 1 18 ? -4.729  2.415   -2.466  1.00 8.10  ? 18  VAL A CG1 1 
ATOM   147  C CG2 . VAL A 1 18 ? -4.636  0.374   -3.921  1.00 8.86  ? 18  VAL A CG2 1 
ATOM   148  N N   . GLY A 1 19 ? -2.157  2.346   -0.557  1.00 7.07  ? 19  GLY A N   1 
ATOM   149  C CA  . GLY A 1 19 ? -1.960  3.040   0.703   1.00 8.18  ? 19  GLY A CA  1 
ATOM   150  C C   . GLY A 1 19 ? -1.797  4.535   0.517   1.00 7.84  ? 19  GLY A C   1 
ATOM   151  O O   . GLY A 1 19 ? -1.866  5.037   -0.599  1.00 10.13 ? 19  GLY A O   1 
ATOM   152  N N   . SER A 1 20 ? -1.590  5.248   1.620   1.00 7.76  ? 20  SER A N   1 
ATOM   153  C CA  . SER A 1 20 ? -1.405  6.695   1.573   1.00 9.13  ? 20  SER A CA  1 
ATOM   154  C C   . SER A 1 20 ? -0.155  7.045   2.369   1.00 8.25  ? 20  SER A C   1 
ATOM   155  O O   . SER A 1 20 ? 0.197   6.348   3.318   1.00 9.32  ? 20  SER A O   1 
ATOM   156  C CB  . SER A 1 20 ? -2.624  7.409   2.159   1.00 9.94  ? 20  SER A CB  1 
ATOM   157  O OG  . SER A 1 20 ? -2.844  7.034   3.509   1.00 10.83 ? 20  SER A OG  1 
ATOM   158  N N   . ALA A 1 21 ? 0.524   8.120   1.991   1.00 10.31 ? 21  ALA A N   1 
ATOM   159  C CA  . ALA A 1 21 ? 1.739   8.488   2.704   1.00 10.94 ? 21  ALA A CA  1 
ATOM   160  C C   . ALA A 1 21 ? 2.004   9.977   2.775   1.00 11.57 ? 21  ALA A C   1 
ATOM   161  O O   . ALA A 1 21 ? 1.624   10.737  1.879   1.00 11.59 ? 21  ALA A O   1 
ATOM   162  C CB  . ALA A 1 21 ? 2.933   7.794   2.064   1.00 11.86 ? 21  ALA A CB  1 
ATOM   163  N N   . LYS A 1 22 ? 2.661   10.380  3.860   1.00 11.20 ? 22  LYS A N   1 
ATOM   164  C CA  . LYS A 1 22 ? 3.059   11.767  4.060   1.00 12.20 ? 22  LYS A CA  1 
ATOM   165  C C   . LYS A 1 22 ? 4.278   11.936  3.150   1.00 12.04 ? 22  LYS A C   1 
ATOM   166  O O   . LYS A 1 22 ? 4.508   13.007  2.587   1.00 12.23 ? 22  LYS A O   1 
ATOM   167  C CB  . LYS A 1 22 ? 3.430   12.011  5.526   1.00 12.06 ? 22  LYS A CB  1 
ATOM   168  C CG  . LYS A 1 22 ? 3.985   13.405  5.813   1.00 11.81 ? 22  LYS A CG  1 
ATOM   169  C CD  . LYS A 1 22 ? 3.000   14.508  5.443   1.00 12.82 ? 22  LYS A CD  1 
ATOM   170  C CE  . LYS A 1 22 ? 3.597   15.888  5.692   1.00 17.14 ? 22  LYS A CE  1 
ATOM   171  N NZ  . LYS A 1 22 ? 2.693   16.985  5.243   1.00 17.92 ? 22  LYS A NZ  1 
ATOM   172  N N   . ASP A 1 23 ? 5.058   10.862  3.021   1.00 12.27 ? 23  ASP A N   1 
ATOM   173  C CA  . ASP A 1 23 ? 6.214   10.820  2.127   1.00 12.41 ? 23  ASP A CA  1 
ATOM   174  C C   . ASP A 1 23 ? 6.311   9.412   1.549   1.00 13.14 ? 23  ASP A C   1 
ATOM   175  O O   . ASP A 1 23 ? 6.523   8.444   2.279   1.00 12.52 ? 23  ASP A O   1 
ATOM   176  C CB  . ASP A 1 23 ? 7.529   11.144  2.828   1.00 15.35 ? 23  ASP A CB  1 
ATOM   177  C CG  . ASP A 1 23 ? 8.705   11.098  1.866   1.00 16.20 ? 23  ASP A CG  1 
ATOM   178  O OD1 . ASP A 1 23 ? 8.763   11.958  0.958   1.00 17.48 ? 23  ASP A OD1 1 
ATOM   179  O OD2 . ASP A 1 23 ? 9.555   10.194  1.988   1.00 16.12 ? 23  ASP A OD2 1 
ATOM   180  N N   . PHE A 1 24 ? 6.165   9.303   0.234   1.00 12.89 ? 24  PHE A N   1 
ATOM   181  C CA  . PHE A 1 24 ? 6.208   8.010   -0.438  1.00 12.74 ? 24  PHE A CA  1 
ATOM   182  C C   . PHE A 1 24 ? 7.444   7.157   -0.163  1.00 14.00 ? 24  PHE A C   1 
ATOM   183  O O   . PHE A 1 24 ? 7.332   6.034   0.324   1.00 12.98 ? 24  PHE A O   1 
ATOM   184  C CB  . PHE A 1 24 ? 6.069   8.198   -1.950  1.00 11.94 ? 24  PHE A CB  1 
ATOM   185  C CG  . PHE A 1 24 ? 4.728   8.716   -2.378  1.00 11.26 ? 24  PHE A CG  1 
ATOM   186  C CD1 . PHE A 1 24 ? 3.572   7.982   -2.126  1.00 11.28 ? 24  PHE A CD1 1 
ATOM   187  C CD2 . PHE A 1 24 ? 4.621   9.927   -3.052  1.00 10.18 ? 24  PHE A CD2 1 
ATOM   188  C CE1 . PHE A 1 24 ? 2.323   8.449   -2.542  1.00 10.35 ? 24  PHE A CE1 1 
ATOM   189  C CE2 . PHE A 1 24 ? 3.382   10.404  -3.473  1.00 8.10  ? 24  PHE A CE2 1 
ATOM   190  C CZ  . PHE A 1 24 ? 2.229   9.666   -3.219  1.00 9.29  ? 24  PHE A CZ  1 
ATOM   191  N N   . GLU A 1 25 ? 8.618   7.691   -0.479  1.00 15.93 ? 25  GLU A N   1 
ATOM   192  C CA  . GLU A 1 25 ? 9.865   6.953   -0.304  1.00 16.77 ? 25  GLU A CA  1 
ATOM   193  C C   . GLU A 1 25 ? 10.043  6.359   1.089   1.00 14.97 ? 25  GLU A C   1 
ATOM   194  O O   . GLU A 1 25 ? 10.403  5.190   1.232   1.00 14.77 ? 25  GLU A O   1 
ATOM   195  C CB  . GLU A 1 25 ? 11.056  7.856   -0.630  1.00 20.84 ? 25  GLU A CB  1 
ATOM   196  C CG  . GLU A 1 25 ? 12.226  7.126   -1.270  1.00 28.22 ? 25  GLU A CG  1 
ATOM   197  C CD  . GLU A 1 25 ? 11.871  6.539   -2.628  1.00 30.06 ? 25  GLU A CD  1 
ATOM   198  O OE1 . GLU A 1 25 ? 11.485  7.311   -3.531  1.00 33.32 ? 25  GLU A OE1 1 
ATOM   199  O OE2 . GLU A 1 25 ? 11.977  5.305   -2.794  1.00 32.74 ? 25  GLU A OE2 1 
ATOM   200  N N   . LYS A 1 26 ? 9.789   7.162   2.115   1.00 13.79 ? 26  LYS A N   1 
ATOM   201  C CA  . LYS A 1 26 ? 9.942   6.689   3.483   1.00 12.78 ? 26  LYS A CA  1 
ATOM   202  C C   . LYS A 1 26 ? 8.872   5.684   3.871   1.00 11.39 ? 26  LYS A C   1 
ATOM   203  O O   . LYS A 1 26 ? 9.149   4.727   4.595   1.00 12.10 ? 26  LYS A O   1 
ATOM   204  C CB  . LYS A 1 26 ? 9.954   7.874   4.445   1.00 14.82 ? 26  LYS A CB  1 
ATOM   205  C CG  . LYS A 1 26 ? 11.216  8.703   4.296   1.00 17.97 ? 26  LYS A CG  1 
ATOM   206  C CD  . LYS A 1 26 ? 11.230  9.915   5.192   1.00 19.70 ? 26  LYS A CD  1 
ATOM   207  C CE  . LYS A 1 26 ? 12.548  10.653  5.026   1.00 23.32 ? 26  LYS A CE  1 
ATOM   208  N NZ  . LYS A 1 26 ? 12.600  11.902  5.819   1.00 24.45 ? 26  LYS A NZ  1 
ATOM   209  N N   . ARG A 1 27 ? 7.650   5.881   3.385   1.00 11.03 ? 27  ARG A N   1 
ATOM   210  C CA  . ARG A 1 27 ? 6.583   4.945   3.717   1.00 9.92  ? 27  ARG A CA  1 
ATOM   211  C C   . ARG A 1 27 ? 6.896   3.574   3.130   1.00 9.97  ? 27  ARG A C   1 
ATOM   212  O O   . ARG A 1 27 ? 6.690   2.549   3.781   1.00 10.88 ? 27  ARG A O   1 
ATOM   213  C CB  . ARG A 1 27 ? 5.233   5.425   3.172   1.00 8.99  ? 27  ARG A CB  1 
ATOM   214  C CG  . ARG A 1 27 ? 4.069   4.529   3.592   1.00 9.28  ? 27  ARG A CG  1 
ATOM   215  C CD  . ARG A 1 27 ? 3.825   4.642   5.088   1.00 9.81  ? 27  ARG A CD  1 
ATOM   216  N NE  . ARG A 1 27 ? 2.889   3.649   5.617   1.00 11.70 ? 27  ARG A NE  1 
ATOM   217  C CZ  . ARG A 1 27 ? 3.225   2.419   5.994   1.00 10.73 ? 27  ARG A CZ  1 
ATOM   218  N NH1 . ARG A 1 27 ? 4.483   2.003   5.897   1.00 11.48 ? 27  ARG A NH1 1 
ATOM   219  N NH2 . ARG A 1 27 ? 2.306   1.617   6.515   1.00 12.98 ? 27  ARG A NH2 1 
ATOM   220  N N   . TRP A 1 28 ? 7.393   3.562   1.895   1.00 11.29 ? 28  TRP A N   1 
ATOM   221  C CA  . TRP A 1 28 ? 7.725   2.313   1.226   1.00 11.74 ? 28  TRP A CA  1 
ATOM   222  C C   . TRP A 1 28 ? 8.861   1.600   1.946   1.00 11.64 ? 28  TRP A C   1 
ATOM   223  O O   . TRP A 1 28 ? 8.850   0.378   2.074   1.00 10.50 ? 28  TRP A O   1 
ATOM   224  C CB  . TRP A 1 28 ? 8.102   2.567   -0.237  1.00 12.03 ? 28  TRP A CB  1 
ATOM   225  C CG  . TRP A 1 28 ? 6.982   3.148   -1.056  1.00 11.80 ? 28  TRP A CG  1 
ATOM   226  C CD1 . TRP A 1 28 ? 5.643   3.035   -0.811  1.00 12.85 ? 28  TRP A CD1 1 
ATOM   227  C CD2 . TRP A 1 28 ? 7.105   3.902   -2.269  1.00 12.03 ? 28  TRP A CD2 1 
ATOM   228  N NE1 . TRP A 1 28 ? 4.924   3.675   -1.794  1.00 12.77 ? 28  TRP A NE1 1 
ATOM   229  C CE2 . TRP A 1 28 ? 5.796   4.217   -2.701  1.00 13.05 ? 28  TRP A CE2 1 
ATOM   230  C CE3 . TRP A 1 28 ? 8.193   4.344   -3.033  1.00 13.33 ? 28  TRP A CE3 1 
ATOM   231  C CZ2 . TRP A 1 28 ? 5.546   4.953   -3.864  1.00 13.93 ? 28  TRP A CZ2 1 
ATOM   232  C CZ3 . TRP A 1 28 ? 7.944   5.076   -4.191  1.00 14.84 ? 28  TRP A CZ3 1 
ATOM   233  C CH2 . TRP A 1 28 ? 6.630   5.373   -4.594  1.00 15.37 ? 28  TRP A CH2 1 
ATOM   234  N N   . LYS A 1 29 ? 9.844   2.365   2.409   1.00 11.57 ? 29  LYS A N   1 
ATOM   235  C CA  . LYS A 1 29 ? 10.966  1.782   3.127   1.00 12.73 ? 29  LYS A CA  1 
ATOM   236  C C   . LYS A 1 29 ? 10.445  1.136   4.396   1.00 11.55 ? 29  LYS A C   1 
ATOM   237  O O   . LYS A 1 29 ? 10.878  0.046   4.773   1.00 12.58 ? 29  LYS A O   1 
ATOM   238  C CB  . LYS A 1 29 ? 12.000  2.854   3.485   1.00 14.55 ? 29  LYS A CB  1 
ATOM   239  C CG  . LYS A 1 29 ? 12.793  3.372   2.299   1.00 21.74 ? 29  LYS A CG  1 
ATOM   240  C CD  . LYS A 1 29 ? 13.926  4.277   2.755   1.00 25.12 ? 29  LYS A CD  1 
ATOM   241  C CE  . LYS A 1 29 ? 14.793  4.715   1.585   1.00 27.71 ? 29  LYS A CE  1 
ATOM   242  N NZ  . LYS A 1 29 ? 15.974  5.507   2.038   1.00 30.40 ? 29  LYS A NZ  1 
ATOM   243  N N   . ARG A 1 30 ? 9.499   1.805   5.049   1.00 11.44 ? 30  ARG A N   1 
ATOM   244  C CA  . ARG A 1 30 ? 8.929   1.282   6.286   1.00 10.49 ? 30  ARG A CA  1 
ATOM   245  C C   . ARG A 1 30 ? 8.171   -0.020  6.059   1.00 11.06 ? 30  ARG A C   1 
ATOM   246  O O   . ARG A 1 30 ? 8.216   -0.924  6.890   1.00 10.81 ? 30  ARG A O   1 
ATOM   247  C CB  . ARG A 1 30 ? 8.004   2.315   6.934   1.00 10.71 ? 30  ARG A CB  1 
ATOM   248  C CG  . ARG A 1 30 ? 7.315   1.805   8.195   1.00 12.87 ? 30  ARG A CG  1 
ATOM   249  C CD  . ARG A 1 30 ? 7.036   2.937   9.167   1.00 13.35 ? 30  ARG A CD  1 
ATOM   250  N NE  . ARG A 1 30 ? 6.110   3.929   8.635   1.00 14.53 ? 30  ARG A NE  1 
ATOM   251  C CZ  . ARG A 1 30 ? 4.793   3.903   8.813   1.00 17.00 ? 30  ARG A CZ  1 
ATOM   252  N NH1 . ARG A 1 30 ? 4.234   2.925   9.515   1.00 17.10 ? 30  ARG A NH1 1 
ATOM   253  N NH2 . ARG A 1 30 ? 4.035   4.864   8.302   1.00 18.16 ? 30  ARG A NH2 1 
ATOM   254  N N   . HIS A 1 31 ? 7.473   -0.113  4.931   1.00 10.43 ? 31  HIS A N   1 
ATOM   255  C CA  . HIS A 1 31 ? 6.725   -1.324  4.610   1.00 9.12  ? 31  HIS A CA  1 
ATOM   256  C C   . HIS A 1 31 ? 7.633   -2.539  4.556   1.00 10.09 ? 31  HIS A C   1 
ATOM   257  O O   . HIS A 1 31 ? 7.321   -3.583  5.119   1.00 9.57  ? 31  HIS A O   1 
ATOM   258  C CB  . HIS A 1 31 ? 6.034   -1.191  3.255   1.00 10.88 ? 31  HIS A CB  1 
ATOM   259  C CG  . HIS A 1 31 ? 4.700   -0.523  3.317   1.00 9.99  ? 31  HIS A CG  1 
ATOM   260  N ND1 . HIS A 1 31 ? 3.640   -1.049  4.022   1.00 10.44 ? 31  HIS A ND1 1 
ATOM   261  C CD2 . HIS A 1 31 ? 4.244   0.614   2.740   1.00 8.95  ? 31  HIS A CD2 1 
ATOM   262  C CE1 . HIS A 1 31 ? 2.585   -0.266  3.874   1.00 10.49 ? 31  HIS A CE1 1 
ATOM   263  N NE2 . HIS A 1 31 ? 2.925   0.749   3.100   1.00 9.07  ? 31  HIS A NE2 1 
ATOM   264  N N   . PHE A 1 32 ? 8.756   -2.407  3.863   1.00 10.40 ? 32  PHE A N   1 
ATOM   265  C CA  . PHE A 1 32 ? 9.664   -3.529  3.736   1.00 10.95 ? 32  PHE A CA  1 
ATOM   266  C C   . PHE A 1 32 ? 10.431  -3.836  5.012   1.00 10.58 ? 32  PHE A C   1 
ATOM   267  O O   . PHE A 1 32 ? 10.764  -4.990  5.265   1.00 11.65 ? 32  PHE A O   1 
ATOM   268  C CB  . PHE A 1 32 ? 10.581  -3.307  2.533   1.00 11.98 ? 32  PHE A CB  1 
ATOM   269  C CG  . PHE A 1 32 ? 9.832   -3.251  1.229   1.00 13.65 ? 32  PHE A CG  1 
ATOM   270  C CD1 . PHE A 1 32 ? 9.088   -4.344  0.798   1.00 14.69 ? 32  PHE A CD1 1 
ATOM   271  C CD2 . PHE A 1 32 ? 9.821   -2.092  0.464   1.00 16.63 ? 32  PHE A CD2 1 
ATOM   272  C CE1 . PHE A 1 32 ? 8.338   -4.283  -0.378  1.00 14.68 ? 32  PHE A CE1 1 
ATOM   273  C CE2 . PHE A 1 32 ? 9.074   -2.017  -0.714  1.00 18.26 ? 32  PHE A CE2 1 
ATOM   274  C CZ  . PHE A 1 32 ? 8.330   -3.114  -1.134  1.00 17.38 ? 32  PHE A CZ  1 
ATOM   275  N N   . LYS A 1 33 ? 10.699  -2.821  5.828   1.00 10.25 ? 33  LYS A N   1 
ATOM   276  C CA  . LYS A 1 33 ? 11.374  -3.067  7.099   1.00 10.68 ? 33  LYS A CA  1 
ATOM   277  C C   . LYS A 1 33 ? 10.411  -3.875  7.962   1.00 11.01 ? 33  LYS A C   1 
ATOM   278  O O   . LYS A 1 33 ? 10.809  -4.802  8.666   1.00 11.94 ? 33  LYS A O   1 
ATOM   279  C CB  . LYS A 1 33 ? 11.710  -1.755  7.807   1.00 12.71 ? 33  LYS A CB  1 
ATOM   280  C CG  . LYS A 1 33 ? 12.909  -1.022  7.234   1.00 17.85 ? 33  LYS A CG  1 
ATOM   281  C CD  . LYS A 1 33 ? 13.300  0.142   8.126   1.00 21.81 ? 33  LYS A CD  1 
ATOM   282  C CE  . LYS A 1 33 ? 14.540  0.852   7.603   1.00 25.89 ? 33  LYS A CE  1 
ATOM   283  N NZ  . LYS A 1 33 ? 14.944  1.976   8.493   1.00 28.56 ? 33  LYS A NZ  1 
ATOM   284  N N   . ASP A 1 34 ? 9.134   -3.514  7.896   1.00 10.36 ? 34  ASP A N   1 
ATOM   285  C CA  . ASP A 1 34 ? 8.107   -4.206  8.662   1.00 9.51  ? 34  ASP A CA  1 
ATOM   286  C C   . ASP A 1 34 ? 7.921   -5.643  8.202   1.00 11.05 ? 34  ASP A C   1 
ATOM   287  O O   . ASP A 1 34 ? 7.791   -6.554  9.024   1.00 12.34 ? 34  ASP A O   1 
ATOM   288  C CB  . ASP A 1 34 ? 6.772   -3.461  8.556   1.00 10.82 ? 34  ASP A CB  1 
ATOM   289  C CG  . ASP A 1 34 ? 6.726   -2.218  9.424   1.00 11.76 ? 34  ASP A CG  1 
ATOM   290  O OD1 . ASP A 1 34 ? 7.744   -1.904  10.081  1.00 11.06 ? 34  ASP A OD1 1 
ATOM   291  O OD2 . ASP A 1 34 ? 5.665   -1.557  9.456   1.00 11.74 ? 34  ASP A OD2 1 
ATOM   292  N N   . LEU A 1 35 ? 7.900   -5.847  6.889   1.00 9.63  ? 35  LEU A N   1 
ATOM   293  C CA  . LEU A 1 35 ? 7.725   -7.185  6.336   1.00 9.31  ? 35  LEU A CA  1 
ATOM   294  C C   . LEU A 1 35 ? 8.881   -8.090  6.749   1.00 12.01 ? 35  LEU A C   1 
ATOM   295  O O   . LEU A 1 35 ? 8.684   -9.271  7.037   1.00 12.35 ? 35  LEU A O   1 
ATOM   296  C CB  . LEU A 1 35 ? 7.610   -7.109  4.809   1.00 8.03  ? 35  LEU A CB  1 
ATOM   297  C CG  . LEU A 1 35 ? 6.279   -6.510  4.330   1.00 7.38  ? 35  LEU A CG  1 
ATOM   298  C CD1 . LEU A 1 35 ? 6.371   -6.120  2.866   1.00 6.32  ? 35  LEU A CD1 1 
ATOM   299  C CD2 . LEU A 1 35 ? 5.159   -7.519  4.550   1.00 8.06  ? 35  LEU A CD2 1 
ATOM   300  N N   . GLU A 1 36 ? 10.084  -7.533  6.798   1.00 13.98 ? 36  GLU A N   1 
ATOM   301  C CA  . GLU A 1 36 ? 11.247  -8.312  7.196   1.00 15.56 ? 36  GLU A CA  1 
ATOM   302  C C   . GLU A 1 36 ? 11.176  -8.686  8.675   1.00 16.75 ? 36  GLU A C   1 
ATOM   303  O O   . GLU A 1 36 ? 11.628  -9.762  9.069   1.00 17.78 ? 36  GLU A O   1 
ATOM   304  C CB  . GLU A 1 36 ? 12.527  -7.534  6.899   1.00 18.34 ? 36  GLU A CB  1 
ATOM   305  C CG  . GLU A 1 36 ? 12.819  -7.422  5.410   1.00 22.94 ? 36  GLU A CG  1 
ATOM   306  C CD  . GLU A 1 36 ? 14.118  -6.698  5.119   1.00 27.26 ? 36  GLU A CD  1 
ATOM   307  O OE1 . GLU A 1 36 ? 15.151  -7.071  5.716   1.00 29.89 ? 36  GLU A OE1 1 
ATOM   308  O OE2 . GLU A 1 36 ? 14.107  -5.764  4.290   1.00 29.57 ? 36  GLU A OE2 1 
ATOM   309  N N   . LYS A 1 37 ? 10.607  -7.802  9.489   1.00 15.74 ? 37  LYS A N   1 
ATOM   310  C CA  . LYS A 1 37 ? 10.466  -8.066  10.920  1.00 16.02 ? 37  LYS A CA  1 
ATOM   311  C C   . LYS A 1 37 ? 9.282   -8.997  11.169  1.00 15.53 ? 37  LYS A C   1 
ATOM   312  O O   . LYS A 1 37 ? 9.078   -9.476  12.288  1.00 15.15 ? 37  LYS A O   1 
ATOM   313  C CB  . LYS A 1 37 ? 10.283  -6.760  11.698  1.00 17.36 ? 37  LYS A CB  1 
ATOM   314  C CG  . LYS A 1 37 ? 11.559  -5.937  11.834  1.00 19.78 ? 37  LYS A CG  1 
ATOM   315  C CD  . LYS A 1 37 ? 11.374  -4.746  12.767  1.00 20.87 ? 37  LYS A CD  1 
ATOM   316  C CE  . LYS A 1 37 ? 10.431  -3.705  12.183  1.00 24.19 ? 37  LYS A CE  1 
ATOM   317  N NZ  . LYS A 1 37 ? 10.341  -2.505  13.063  1.00 26.28 ? 37  LYS A NZ  1 
ATOM   318  N N   . GLY A 1 38 ? 8.502   -9.236  10.117  1.00 13.59 ? 38  GLY A N   1 
ATOM   319  C CA  . GLY A 1 38 ? 7.358   -10.129 10.207  1.00 12.42 ? 38  GLY A CA  1 
ATOM   320  C C   . GLY A 1 38 ? 6.140   -9.629  10.955  1.00 11.71 ? 38  GLY A C   1 
ATOM   321  O O   . GLY A 1 38 ? 5.279   -10.423 11.340  1.00 14.26 ? 38  GLY A O   1 
ATOM   322  N N   . CYS A 1 39 ? 6.042   -8.319  11.143  1.00 11.30 ? 39  CYS A N   1 
ATOM   323  C CA  . CYS A 1 39 ? 4.916   -7.745  11.872  1.00 11.11 ? 39  CYS A CA  1 
ATOM   324  C C   . CYS A 1 39 ? 4.086   -6.743  11.079  1.00 11.16 ? 39  CYS A C   1 
ATOM   325  O O   . CYS A 1 39 ? 3.467   -5.843  11.650  1.00 11.68 ? 39  CYS A O   1 
ATOM   326  C CB  . CYS A 1 39 ? 5.427   -7.101  13.163  1.00 12.90 ? 39  CYS A CB  1 
ATOM   327  S SG  . CYS A 1 39 ? 7.032   -6.263  12.971  1.00 16.19 ? 39  CYS A SG  1 
ATOM   328  N N   . HIS A 1 40 ? 4.053   -6.912  9.761   1.00 10.56 ? 40  HIS A N   1 
ATOM   329  C CA  . HIS A 1 40 ? 3.288   -6.009  8.916   1.00 10.19 ? 40  HIS A CA  1 
ATOM   330  C C   . HIS A 1 40 ? 1.795   -6.089  9.234   1.00 9.80  ? 40  HIS A C   1 
ATOM   331  O O   . HIS A 1 40 ? 1.292   -7.143  9.624   1.00 11.79 ? 40  HIS A O   1 
ATOM   332  C CB  . HIS A 1 40 ? 3.535   -6.334  7.445   1.00 10.13 ? 40  HIS A CB  1 
ATOM   333  C CG  . HIS A 1 40 ? 3.081   -5.257  6.513   1.00 9.26  ? 40  HIS A CG  1 
ATOM   334  N ND1 . HIS A 1 40 ? 1.765   -5.105  6.133   1.00 9.85  ? 40  HIS A ND1 1 
ATOM   335  C CD2 . HIS A 1 40 ? 3.763   -4.244  5.927   1.00 9.67  ? 40  HIS A CD2 1 
ATOM   336  C CE1 . HIS A 1 40 ? 1.656   -4.045  5.353   1.00 8.28  ? 40  HIS A CE1 1 
ATOM   337  N NE2 . HIS A 1 40 ? 2.854   -3.503  5.213   1.00 8.87  ? 40  HIS A NE2 1 
ATOM   338  N N   . SER A 1 41 ? 1.105   -4.965  9.063   1.00 10.15 ? 41  SER A N   1 
ATOM   339  C CA  . SER A 1 41 ? -0.326  -4.862  9.342   1.00 11.17 ? 41  SER A CA  1 
ATOM   340  C C   . SER A 1 41 ? -1.215  -5.735  8.462   1.00 11.67 ? 41  SER A C   1 
ATOM   341  O O   . SER A 1 41 ? -2.326  -6.089  8.856   1.00 12.15 ? 41  SER A O   1 
ATOM   342  C CB  . SER A 1 41 ? -0.777  -3.400  9.227   1.00 10.97 ? 41  SER A CB  1 
ATOM   343  O OG  . SER A 1 41 ? -0.505  -2.869  7.938   1.00 14.80 ? 41  SER A OG  1 
ATOM   344  N N   . SER A 1 42 ? -0.742  -6.076  7.269   1.00 9.57  ? 42  SER A N   1 
ATOM   345  C CA  . SER A 1 42 ? -1.530  -6.910  6.375   1.00 9.23  ? 42  SER A CA  1 
ATOM   346  C C   . SER A 1 42 ? -1.002  -8.330  6.319   1.00 9.44  ? 42  SER A C   1 
ATOM   347  O O   . SER A 1 42 ? 0.088   -8.569  5.801   1.00 9.24  ? 42  SER A O   1 
ATOM   348  C CB  . SER A 1 42 ? -1.535  -6.335  4.961   1.00 8.27  ? 42  SER A CB  1 
ATOM   349  O OG  . SER A 1 42 ? -2.040  -7.298  4.050   1.00 9.57  ? 42  SER A OG  1 
ATOM   350  N N   . ILE A 1 43 ? -1.779  -9.273  6.838   1.00 9.57  ? 43  ILE A N   1 
ATOM   351  C CA  . ILE A 1 43 ? -1.368  -10.669 6.826   1.00 10.49 ? 43  ILE A CA  1 
ATOM   352  C C   . ILE A 1 43 ? -1.195  -11.161 5.389   1.00 9.62  ? 43  ILE A C   1 
ATOM   353  O O   . ILE A 1 43 ? -0.374  -12.036 5.116   1.00 8.75  ? 43  ILE A O   1 
ATOM   354  C CB  . ILE A 1 43 ? -2.405  -11.564 7.552   1.00 10.16 ? 43  ILE A CB  1 
ATOM   355  C CG1 . ILE A 1 43 ? -1.914  -13.014 7.584   1.00 13.77 ? 43  ILE A CG1 1 
ATOM   356  C CG2 . ILE A 1 43 ? -3.752  -11.479 6.847   1.00 11.82 ? 43  ILE A CG2 1 
ATOM   357  C CD1 . ILE A 1 43 ? -2.811  -13.950 8.387   1.00 15.18 ? 43  ILE A CD1 1 
ATOM   358  N N   . LYS A 1 44 ? -1.959  -10.584 4.465   1.00 9.28  ? 44  LYS A N   1 
ATOM   359  C CA  . LYS A 1 44 ? -1.880  -10.993 3.071   1.00 8.52  ? 44  LYS A CA  1 
ATOM   360  C C   . LYS A 1 44 ? -0.563  -10.564 2.445   1.00 9.60  ? 44  LYS A C   1 
ATOM   361  O O   . LYS A 1 44 ? 0.073   -11.344 1.732   1.00 11.22 ? 44  LYS A O   1 
ATOM   362  C CB  . LYS A 1 44 ? -3.067  -10.424 2.289   1.00 9.57  ? 44  LYS A CB  1 
ATOM   363  C CG  . LYS A 1 44 ? -4.405  -10.865 2.867   1.00 10.98 ? 44  LYS A CG  1 
ATOM   364  C CD  . LYS A 1 44 ? -5.567  -10.573 1.931   1.00 11.15 ? 44  LYS A CD  1 
ATOM   365  C CE  . LYS A 1 44 ? -5.762  -9.092  1.709   1.00 10.19 ? 44  LYS A CE  1 
ATOM   366  N NZ  . LYS A 1 44 ? -6.978  -8.833  0.882   1.00 8.56  ? 44  LYS A NZ  1 
ATOM   367  N N   . LEU A 1 45 ? -0.145  -9.331  2.713   1.00 9.07  ? 45  LEU A N   1 
ATOM   368  C CA  . LEU A 1 45 ? 1.117   -8.856  2.164   1.00 7.65  ? 45  LEU A CA  1 
ATOM   369  C C   . LEU A 1 45 ? 2.251   -9.607  2.854   1.00 8.55  ? 45  LEU A C   1 
ATOM   370  O O   . LEU A 1 45 ? 3.233   -9.994  2.215   1.00 9.40  ? 45  LEU A O   1 
ATOM   371  C CB  . LEU A 1 45 ? 1.268   -7.349  2.381   1.00 7.13  ? 45  LEU A CB  1 
ATOM   372  C CG  . LEU A 1 45 ? 2.469   -6.718  1.665   1.00 8.92  ? 45  LEU A CG  1 
ATOM   373  C CD1 . LEU A 1 45 ? 2.339   -6.901  0.154   1.00 10.72 ? 45  LEU A CD1 1 
ATOM   374  C CD2 . LEU A 1 45 ? 2.545   -5.249  2.019   1.00 6.61  ? 45  LEU A CD2 1 
ATOM   375  N N   . GLN A 1 46 ? 2.101   -9.828  4.157   1.00 8.85  ? 46  GLN A N   1 
ATOM   376  C CA  . GLN A 1 46 ? 3.112   -10.548 4.925   1.00 9.67  ? 46  GLN A CA  1 
ATOM   377  C C   . GLN A 1 46 ? 3.302   -11.961 4.383   1.00 10.71 ? 46  GLN A C   1 
ATOM   378  O O   . GLN A 1 46 ? 4.430   -12.434 4.252   1.00 9.42  ? 46  GLN A O   1 
ATOM   379  C CB  . GLN A 1 46 ? 2.724   -10.617 6.405   1.00 9.07  ? 46  GLN A CB  1 
ATOM   380  C CG  . GLN A 1 46 ? 3.826   -11.199 7.286   1.00 11.18 ? 46  GLN A CG  1 
ATOM   381  C CD  . GLN A 1 46 ? 5.030   -10.276 7.407   1.00 10.39 ? 46  GLN A CD  1 
ATOM   382  O OE1 . GLN A 1 46 ? 4.957   -9.224  8.044   1.00 10.61 ? 46  GLN A OE1 1 
ATOM   383  N NE2 . GLN A 1 46 ? 6.142   -10.661 6.787   1.00 10.22 ? 46  GLN A NE2 1 
ATOM   384  N N   . ARG A 1 47 ? 2.200   -12.637 4.073   1.00 10.87 ? 47  ARG A N   1 
ATOM   385  C CA  . ARG A 1 47 ? 2.268   -13.993 3.542   1.00 11.61 ? 47  ARG A CA  1 
ATOM   386  C C   . ARG A 1 47 ? 2.989   -14.032 2.205   1.00 11.98 ? 47  ARG A C   1 
ATOM   387  O O   . ARG A 1 47 ? 3.831   -14.902 1.964   1.00 12.05 ? 47  ARG A O   1 
ATOM   388  C CB  . ARG A 1 47 ? 0.862   -14.573 3.377   1.00 14.10 ? 47  ARG A CB  1 
ATOM   389  C CG  . ARG A 1 47 ? 0.233   -15.024 4.677   1.00 15.62 ? 47  ARG A CG  1 
ATOM   390  C CD  . ARG A 1 47 ? -1.189  -15.484 4.441   1.00 16.74 ? 47  ARG A CD  1 
ATOM   391  N NE  . ARG A 1 47 ? -1.760  -16.128 5.616   1.00 19.21 ? 47  ARG A NE  1 
ATOM   392  C CZ  . ARG A 1 47 ? -3.029  -16.506 5.707   1.00 19.45 ? 47  ARG A CZ  1 
ATOM   393  N NH1 . ARG A 1 47 ? -3.854  -16.299 4.690   1.00 18.65 ? 47  ARG A NH1 1 
ATOM   394  N NH2 . ARG A 1 47 ? -3.471  -17.099 6.809   1.00 19.44 ? 47  ARG A NH2 1 
ATOM   395  N N   . SER A 1 48 ? 2.657   -13.087 1.334   1.00 10.92 ? 48  SER A N   1 
ATOM   396  C CA  . SER A 1 48 ? 3.278   -13.032 0.021   1.00 9.86  ? 48  SER A CA  1 
ATOM   397  C C   . SER A 1 48 ? 4.769   -12.761 0.166   1.00 10.01 ? 48  SER A C   1 
ATOM   398  O O   . SER A 1 48 ? 5.594   -13.394 -0.496  1.00 11.20 ? 48  SER A O   1 
ATOM   399  C CB  . SER A 1 48 ? 2.635   -11.929 -0.821  1.00 11.14 ? 48  SER A CB  1 
ATOM   400  O OG  . SER A 1 48 ? 3.206   -11.893 -2.118  1.00 11.42 ? 48  SER A OG  1 
ATOM   401  N N   . PHE A 1 49 ? 5.107   -11.820 1.041   1.00 9.74  ? 49  PHE A N   1 
ATOM   402  C CA  . PHE A 1 49 ? 6.500   -11.465 1.277   1.00 9.45  ? 49  PHE A CA  1 
ATOM   403  C C   . PHE A 1 49 ? 7.265   -12.633 1.888   1.00 10.48 ? 49  PHE A C   1 
ATOM   404  O O   . PHE A 1 49 ? 8.440   -12.834 1.588   1.00 10.31 ? 49  PHE A O   1 
ATOM   405  C CB  . PHE A 1 49 ? 6.584   -10.243 2.195   1.00 11.96 ? 49  PHE A CB  1 
ATOM   406  C CG  . PHE A 1 49 ? 7.985   -9.771  2.447   1.00 12.36 ? 49  PHE A CG  1 
ATOM   407  C CD1 . PHE A 1 49 ? 8.727   -10.277 3.512   1.00 12.34 ? 49  PHE A CD1 1 
ATOM   408  C CD2 . PHE A 1 49 ? 8.571   -8.828  1.610   1.00 13.35 ? 49  PHE A CD2 1 
ATOM   409  C CE1 . PHE A 1 49 ? 10.034  -9.850  3.739   1.00 14.79 ? 49  PHE A CE1 1 
ATOM   410  C CE2 . PHE A 1 49 ? 9.880   -8.395  1.830   1.00 14.25 ? 49  PHE A CE2 1 
ATOM   411  C CZ  . PHE A 1 49 ? 10.609  -8.908  2.897   1.00 14.42 ? 49  PHE A CZ  1 
ATOM   412  N N   . ASN A 1 50 ? 6.606   -13.408 2.743   1.00 10.76 ? 50  ASN A N   1 
ATOM   413  C CA  . ASN A 1 50 ? 7.281   -14.549 3.355   1.00 10.56 ? 50  ASN A CA  1 
ATOM   414  C C   . ASN A 1 50 ? 7.624   -15.592 2.298   1.00 11.59 ? 50  ASN A C   1 
ATOM   415  O O   . ASN A 1 50 ? 8.607   -16.321 2.428   1.00 14.17 ? 50  ASN A O   1 
ATOM   416  C CB  . ASN A 1 50 ? 6.404   -15.186 4.435   1.00 12.10 ? 50  ASN A CB  1 
ATOM   417  C CG  . ASN A 1 50 ? 6.301   -14.330 5.677   1.00 11.99 ? 50  ASN A CG  1 
ATOM   418  O OD1 . ASN A 1 50 ? 7.068   -13.384 5.859   1.00 13.54 ? 50  ASN A OD1 1 
ATOM   419  N ND2 . ASN A 1 50 ? 5.361   -14.670 6.551   1.00 16.44 ? 50  ASN A ND2 1 
ATOM   420  N N   . LYS A 1 51 ? 6.813   -15.653 1.246   1.00 12.65 ? 51  LYS A N   1 
ATOM   421  C CA  . LYS A 1 51 ? 7.022   -16.614 0.167   1.00 13.58 ? 51  LYS A CA  1 
ATOM   422  C C   . LYS A 1 51 ? 7.938   -16.133 -0.953  1.00 13.44 ? 51  LYS A C   1 
ATOM   423  O O   . LYS A 1 51 ? 8.583   -16.943 -1.619  1.00 13.24 ? 51  LYS A O   1 
ATOM   424  C CB  . LYS A 1 51 ? 5.681   -17.005 -0.459  1.00 16.11 ? 51  LYS A CB  1 
ATOM   425  C CG  . LYS A 1 51 ? 4.772   -17.831 0.423   1.00 20.54 ? 51  LYS A CG  1 
ATOM   426  C CD  . LYS A 1 51 ? 3.510   -18.211 -0.338  1.00 24.37 ? 51  LYS A CD  1 
ATOM   427  C CE  . LYS A 1 51 ? 2.640   -19.164 0.464   1.00 27.27 ? 51  LYS A CE  1 
ATOM   428  N NZ  . LYS A 1 51 ? 1.395   -19.530 -0.273  1.00 30.17 ? 51  LYS A NZ  1 
ATOM   429  N N   . HIS A 1 52 ? 8.006   -14.823 -1.160  1.00 11.61 ? 52  HIS A N   1 
ATOM   430  C CA  . HIS A 1 52 ? 8.804   -14.291 -2.261  1.00 11.28 ? 52  HIS A CA  1 
ATOM   431  C C   . HIS A 1 52 ? 9.819   -13.218 -1.915  1.00 11.90 ? 52  HIS A C   1 
ATOM   432  O O   . HIS A 1 52 ? 10.708  -12.931 -2.714  1.00 10.96 ? 52  HIS A O   1 
ATOM   433  C CB  . HIS A 1 52 ? 7.872   -13.707 -3.326  1.00 12.14 ? 52  HIS A CB  1 
ATOM   434  C CG  . HIS A 1 52 ? 6.733   -14.603 -3.695  1.00 13.65 ? 52  HIS A CG  1 
ATOM   435  N ND1 . HIS A 1 52 ? 6.917   -15.834 -4.285  1.00 14.98 ? 52  HIS A ND1 1 
ATOM   436  C CD2 . HIS A 1 52 ? 5.395   -14.443 -3.563  1.00 15.55 ? 52  HIS A CD2 1 
ATOM   437  C CE1 . HIS A 1 52 ? 5.739   -16.395 -4.504  1.00 16.18 ? 52  HIS A CE1 1 
ATOM   438  N NE2 . HIS A 1 52 ? 4.800   -15.571 -4.075  1.00 15.05 ? 52  HIS A NE2 1 
ATOM   439  N N   . GLY A 1 53 ? 9.693   -12.612 -0.743  1.00 11.29 ? 53  GLY A N   1 
ATOM   440  C CA  . GLY A 1 53 ? 10.604  -11.540 -0.409  1.00 11.04 ? 53  GLY A CA  1 
ATOM   441  C C   . GLY A 1 53 ? 10.148  -10.337 -1.217  1.00 11.08 ? 53  GLY A C   1 
ATOM   442  O O   . GLY A 1 53 ? 9.001   -10.295 -1.670  1.00 11.65 ? 53  GLY A O   1 
ATOM   443  N N   . ASN A 1 54 ? 11.034  -9.374  -1.438  1.00 10.42 ? 54  ASN A N   1 
ATOM   444  C CA  . ASN A 1 54 ? 10.638  -8.176  -2.173  1.00 10.78 ? 54  ASN A CA  1 
ATOM   445  C C   . ASN A 1 54 ? 10.611  -8.283  -3.692  1.00 10.04 ? 54  ASN A C   1 
ATOM   446  O O   . ASN A 1 54 ? 11.569  -7.909  -4.372  1.00 11.21 ? 54  ASN A O   1 
ATOM   447  C CB  . ASN A 1 54 ? 11.518  -6.995  -1.765  1.00 10.89 ? 54  ASN A CB  1 
ATOM   448  C CG  . ASN A 1 54 ? 11.001  -5.668  -2.302  1.00 11.67 ? 54  ASN A CG  1 
ATOM   449  O OD1 . ASN A 1 54 ? 11.560  -4.609  -2.009  1.00 17.47 ? 54  ASN A OD1 1 
ATOM   450  N ND2 . ASN A 1 54 ? 9.934   -5.721  -3.089  1.00 9.04  ? 54  ASN A ND2 1 
ATOM   451  N N   . VAL A 1 55 ? 9.498   -8.787  -4.216  1.00 11.10 ? 55  VAL A N   1 
ATOM   452  C CA  . VAL A 1 55 ? 9.297   -8.914  -5.654  1.00 11.20 ? 55  VAL A CA  1 
ATOM   453  C C   . VAL A 1 55 ? 8.281   -7.845  -6.052  1.00 11.54 ? 55  VAL A C   1 
ATOM   454  O O   . VAL A 1 55 ? 7.587   -7.976  -7.057  1.00 12.41 ? 55  VAL A O   1 
ATOM   455  C CB  . VAL A 1 55 ? 8.732   -10.308 -6.028  1.00 11.59 ? 55  VAL A CB  1 
ATOM   456  C CG1 . VAL A 1 55 ? 9.787   -11.372 -5.784  1.00 11.37 ? 55  VAL A CG1 1 
ATOM   457  C CG2 . VAL A 1 55 ? 7.481   -10.609 -5.209  1.00 12.43 ? 55  VAL A CG2 1 
ATOM   458  N N   . PHE A 1 56 ? 8.209   -6.782  -5.255  1.00 10.72 ? 56  PHE A N   1 
ATOM   459  C CA  . PHE A 1 56 ? 7.250   -5.710  -5.499  1.00 10.85 ? 56  PHE A CA  1 
ATOM   460  C C   . PHE A 1 56 ? 7.794   -4.462  -6.177  1.00 10.98 ? 56  PHE A C   1 
ATOM   461  O O   . PHE A 1 56 ? 8.996   -4.190  -6.156  1.00 12.00 ? 56  PHE A O   1 
ATOM   462  C CB  . PHE A 1 56 ? 6.589   -5.294  -4.179  1.00 10.57 ? 56  PHE A CB  1 
ATOM   463  C CG  . PHE A 1 56 ? 5.947   -6.430  -3.441  1.00 10.56 ? 56  PHE A CG  1 
ATOM   464  C CD1 . PHE A 1 56 ? 6.706   -7.268  -2.632  1.00 10.43 ? 56  PHE A CD1 1 
ATOM   465  C CD2 . PHE A 1 56 ? 4.588   -6.688  -3.584  1.00 11.38 ? 56  PHE A CD2 1 
ATOM   466  C CE1 . PHE A 1 56 ? 6.122   -8.352  -1.978  1.00 10.98 ? 56  PHE A CE1 1 
ATOM   467  C CE2 . PHE A 1 56 ? 3.997   -7.770  -2.933  1.00 11.59 ? 56  PHE A CE2 1 
ATOM   468  C CZ  . PHE A 1 56 ? 4.766   -8.603  -2.131  1.00 10.90 ? 56  PHE A CZ  1 
ATOM   469  N N   . GLU A 1 57 ? 6.871   -3.710  -6.772  1.00 11.67 ? 57  GLU A N   1 
ATOM   470  C CA  . GLU A 1 57 ? 7.158   -2.450  -7.445  1.00 13.25 ? 57  GLU A CA  1 
ATOM   471  C C   . GLU A 1 57 ? 6.241   -1.396  -6.840  1.00 12.75 ? 57  GLU A C   1 
ATOM   472  O O   . GLU A 1 57 ? 5.024   -1.575  -6.805  1.00 13.47 ? 57  GLU A O   1 
ATOM   473  C CB  . GLU A 1 57 ? 6.867   -2.543  -8.942  1.00 16.09 ? 57  GLU A CB  1 
ATOM   474  C CG  . GLU A 1 57 ? 8.002   -3.073  -9.787  1.00 23.68 ? 57  GLU A CG  1 
ATOM   475  C CD  . GLU A 1 57 ? 7.708   -2.950  -11.272 1.00 26.49 ? 57  GLU A CD  1 
ATOM   476  O OE1 . GLU A 1 57 ? 7.414   -1.823  -11.729 1.00 30.29 ? 57  GLU A OE1 1 
ATOM   477  O OE2 . GLU A 1 57 ? 7.771   -3.975  -11.983 1.00 30.12 ? 57  GLU A OE2 1 
ATOM   478  N N   . CYS A 1 58 ? 6.828   -0.304  -6.364  1.00 13.22 ? 58  CYS A N   1 
ATOM   479  C CA  . CYS A 1 58 ? 6.055   0.777   -5.767  1.00 12.86 ? 58  CYS A CA  1 
ATOM   480  C C   . CYS A 1 58 ? 5.892   1.919   -6.760  1.00 12.82 ? 58  CYS A C   1 
ATOM   481  O O   . CYS A 1 58 ? 6.855   2.331   -7.405  1.00 14.45 ? 58  CYS A O   1 
ATOM   482  C CB  . CYS A 1 58 ? 6.759   1.302   -4.512  1.00 12.23 ? 58  CYS A CB  1 
ATOM   483  S SG  . CYS A 1 58 ? 6.984   0.088   -3.190  1.00 15.12 ? 58  CYS A SG  1 
ATOM   484  N N   . SER A 1 59 ? 4.671   2.427   -6.890  1.00 12.29 ? 59  SER A N   1 
ATOM   485  C CA  . SER A 1 59 ? 4.414   3.542   -7.793  1.00 12.14 ? 59  SER A CA  1 
ATOM   486  C C   . SER A 1 59 ? 3.367   4.472   -7.196  1.00 12.35 ? 59  SER A C   1 
ATOM   487  O O   . SER A 1 59 ? 2.563   4.066   -6.359  1.00 10.63 ? 59  SER A O   1 
ATOM   488  C CB  . SER A 1 59 ? 3.954   3.038   -9.167  1.00 13.83 ? 59  SER A CB  1 
ATOM   489  O OG  . SER A 1 59 ? 2.781   2.255   -9.077  1.00 16.80 ? 59  SER A OG  1 
ATOM   490  N N   . ILE A 1 60 ? 3.395   5.728   -7.620  1.00 12.21 ? 60  ILE A N   1 
ATOM   491  C CA  . ILE A 1 60 ? 2.450   6.721   -7.129  1.00 11.48 ? 60  ILE A CA  1 
ATOM   492  C C   . ILE A 1 60 ? 1.174   6.671   -7.954  1.00 11.74 ? 60  ILE A C   1 
ATOM   493  O O   . ILE A 1 60 ? 1.225   6.610   -9.182  1.00 11.81 ? 60  ILE A O   1 
ATOM   494  C CB  . ILE A 1 60 ? 3.039   8.144   -7.239  1.00 12.36 ? 60  ILE A CB  1 
ATOM   495  C CG1 . ILE A 1 60 ? 4.268   8.266   -6.338  1.00 15.13 ? 60  ILE A CG1 1 
ATOM   496  C CG2 . ILE A 1 60 ? 1.986   9.179   -6.873  1.00 12.33 ? 60  ILE A CG2 1 
ATOM   497  C CD1 . ILE A 1 60 ? 5.040   9.557   -6.525  1.00 14.71 ? 60  ILE A CD1 1 
ATOM   498  N N   . LEU A 1 61 ? 0.031   6.679   -7.278  1.00 10.26 ? 61  LEU A N   1 
ATOM   499  C CA  . LEU A 1 61 ? -1.246  6.679   -7.977  1.00 11.13 ? 61  LEU A CA  1 
ATOM   500  C C   . LEU A 1 61 ? -1.702  8.126   -8.110  1.00 11.56 ? 61  LEU A C   1 
ATOM   501  O O   . LEU A 1 61 ? -2.138  8.554   -9.177  1.00 11.74 ? 61  LEU A O   1 
ATOM   502  C CB  . LEU A 1 61 ? -2.294  5.873   -7.201  1.00 9.53  ? 61  LEU A CB  1 
ATOM   503  C CG  . LEU A 1 61 ? -2.083  4.358   -7.099  1.00 10.34 ? 61  LEU A CG  1 
ATOM   504  C CD1 . LEU A 1 61 ? -3.201  3.752   -6.276  1.00 9.63  ? 61  LEU A CD1 1 
ATOM   505  C CD2 . LEU A 1 61 ? -2.050  3.738   -8.484  1.00 11.18 ? 61  LEU A CD2 1 
ATOM   506  N N   . GLU A 1 62 ? -1.579  8.875   -7.019  1.00 11.59 ? 62  GLU A N   1 
ATOM   507  C CA  . GLU A 1 62 ? -1.981  10.278  -6.982  1.00 13.90 ? 62  GLU A CA  1 
ATOM   508  C C   . GLU A 1 62 ? -1.169  11.072  -5.976  1.00 13.03 ? 62  GLU A C   1 
ATOM   509  O O   . GLU A 1 62 ? -1.154  10.726  -4.796  1.00 15.16 ? 62  GLU A O   1 
ATOM   510  C CB  . GLU A 1 62 ? -3.441  10.398  -6.550  1.00 16.37 ? 62  GLU A CB  1 
ATOM   511  C CG  . GLU A 1 62 ? -4.461  10.496  -7.635  1.00 22.96 ? 62  GLU A CG  1 
ATOM   512  C CD  . GLU A 1 62 ? -5.857  10.462  -7.061  1.00 19.49 ? 62  GLU A CD  1 
ATOM   513  O OE1 . GLU A 1 62 ? -6.130  11.221  -6.103  1.00 22.61 ? 62  GLU A OE1 1 
ATOM   514  O OE2 . GLU A 1 62 ? -6.677  9.675   -7.559  1.00 22.88 ? 62  GLU A OE2 1 
ATOM   515  N N   . GLU A 1 63 ? -0.510  12.137  -6.424  1.00 12.49 ? 63  GLU A N   1 
ATOM   516  C CA  . GLU A 1 63 ? 0.227   12.982  -5.493  1.00 11.52 ? 63  GLU A CA  1 
ATOM   517  C C   . GLU A 1 63 ? -0.777  14.042  -5.059  1.00 11.20 ? 63  GLU A C   1 
ATOM   518  O O   . GLU A 1 63 ? -1.237  14.838  -5.878  1.00 12.02 ? 63  GLU A O   1 
ATOM   519  C CB  . GLU A 1 63 ? 1.435   13.659  -6.153  1.00 12.81 ? 63  GLU A CB  1 
ATOM   520  C CG  . GLU A 1 63 ? 2.184   14.573  -5.180  1.00 14.20 ? 63  GLU A CG  1 
ATOM   521  C CD  . GLU A 1 63 ? 3.406   15.252  -5.777  1.00 14.91 ? 63  GLU A CD  1 
ATOM   522  O OE1 . GLU A 1 63 ? 4.006   16.098  -5.078  1.00 15.38 ? 63  GLU A OE1 1 
ATOM   523  O OE2 . GLU A 1 63 ? 3.770   14.948  -6.931  1.00 16.78 ? 63  GLU A OE2 1 
ATOM   524  N N   . ILE A 1 64 ? -1.134  14.027  -3.780  1.00 9.56  ? 64  ILE A N   1 
ATOM   525  C CA  . ILE A 1 64 ? -2.089  14.978  -3.225  1.00 9.90  ? 64  ILE A CA  1 
ATOM   526  C C   . ILE A 1 64 ? -1.690  15.272  -1.786  1.00 9.18  ? 64  ILE A C   1 
ATOM   527  O O   . ILE A 1 64 ? -0.936  14.511  -1.182  1.00 7.88  ? 64  ILE A O   1 
ATOM   528  C CB  . ILE A 1 64 ? -3.540  14.416  -3.237  1.00 10.64 ? 64  ILE A CB  1 
ATOM   529  C CG1 . ILE A 1 64 ? -3.609  13.102  -2.453  1.00 12.31 ? 64  ILE A CG1 1 
ATOM   530  C CG2 . ILE A 1 64 ? -4.012  14.228  -4.669  1.00 13.07 ? 64  ILE A CG2 1 
ATOM   531  C CD1 . ILE A 1 64 ? -4.991  12.479  -2.428  1.00 10.15 ? 64  ILE A CD1 1 
ATOM   532  N N   . PRO A 1 65 ? -2.183  16.385  -1.221  1.00 9.00  ? 65  PRO A N   1 
ATOM   533  C CA  . PRO A 1 65 ? -1.857  16.754  0.162   1.00 9.79  ? 65  PRO A CA  1 
ATOM   534  C C   . PRO A 1 65 ? -2.283  15.674  1.149   1.00 9.37  ? 65  PRO A C   1 
ATOM   535  O O   . PRO A 1 65 ? -3.334  15.049  0.988   1.00 9.90  ? 65  PRO A O   1 
ATOM   536  C CB  . PRO A 1 65 ? -2.637  18.050  0.366   1.00 10.72 ? 65  PRO A CB  1 
ATOM   537  C CG  . PRO A 1 65 ? -2.640  18.651  -1.006  1.00 11.31 ? 65  PRO A CG  1 
ATOM   538  C CD  . PRO A 1 65 ? -2.954  17.454  -1.877  1.00 9.94  ? 65  PRO A CD  1 
ATOM   539  N N   . TYR A 1 66 ? -1.460  15.458  2.171   1.00 9.58  ? 66  TYR A N   1 
ATOM   540  C CA  . TYR A 1 66 ? -1.760  14.452  3.179   1.00 10.65 ? 66  TYR A CA  1 
ATOM   541  C C   . TYR A 1 66 ? -2.699  15.047  4.229   1.00 11.70 ? 66  TYR A C   1 
ATOM   542  O O   . TYR A 1 66 ? -2.286  15.406  5.337   1.00 12.72 ? 66  TYR A O   1 
ATOM   543  C CB  . TYR A 1 66 ? -0.461  13.950  3.816   1.00 10.01 ? 66  TYR A CB  1 
ATOM   544  C CG  . TYR A 1 66 ? -0.619  12.709  4.666   1.00 10.13 ? 66  TYR A CG  1 
ATOM   545  C CD1 . TYR A 1 66 ? -0.606  12.790  6.057   1.00 11.16 ? 66  TYR A CD1 1 
ATOM   546  C CD2 . TYR A 1 66 ? -0.769  11.452  4.083   1.00 12.12 ? 66  TYR A CD2 1 
ATOM   547  C CE1 . TYR A 1 66 ? -0.733  11.654  6.848   1.00 13.18 ? 66  TYR A CE1 1 
ATOM   548  C CE2 . TYR A 1 66 ? -0.899  10.304  4.865   1.00 11.66 ? 66  TYR A CE2 1 
ATOM   549  C CZ  . TYR A 1 66 ? -0.880  10.415  6.248   1.00 11.52 ? 66  TYR A CZ  1 
ATOM   550  O OH  . TYR A 1 66 ? -1.000  9.294   7.040   1.00 11.82 ? 66  TYR A OH  1 
ATOM   551  N N   . GLU A 1 67 ? -3.964  15.169  3.843   1.00 10.63 ? 67  GLU A N   1 
ATOM   552  C CA  . GLU A 1 67 ? -5.014  15.707  4.698   1.00 12.10 ? 67  GLU A CA  1 
ATOM   553  C C   . GLU A 1 67 ? -6.082  14.623  4.816   1.00 13.43 ? 67  GLU A C   1 
ATOM   554  O O   . GLU A 1 67 ? -6.549  14.088  3.811   1.00 12.48 ? 67  GLU A O   1 
ATOM   555  C CB  . GLU A 1 67 ? -5.604  16.974  4.075   1.00 11.70 ? 67  GLU A CB  1 
ATOM   556  C CG  . GLU A 1 67 ? -4.618  18.131  3.937   1.00 12.43 ? 67  GLU A CG  1 
ATOM   557  C CD  . GLU A 1 67 ? -4.118  18.651  5.277   1.00 11.16 ? 67  GLU A CD  1 
ATOM   558  O OE1 . GLU A 1 67 ? -4.910  18.667  6.242   1.00 14.26 ? 67  GLU A OE1 1 
ATOM   559  O OE2 . GLU A 1 67 ? -2.940  19.059  5.361   1.00 13.98 ? 67  GLU A OE2 1 
ATOM   560  N N   . LYS A 1 68 ? -6.470  14.308  6.047   1.00 15.08 ? 68  LYS A N   1 
ATOM   561  C CA  . LYS A 1 68 ? -7.439  13.247  6.300   1.00 15.35 ? 68  LYS A CA  1 
ATOM   562  C C   . LYS A 1 68 ? -8.629  13.132  5.359   1.00 17.22 ? 68  LYS A C   1 
ATOM   563  O O   . LYS A 1 68 ? -8.830  12.087  4.739   1.00 17.92 ? 68  LYS A O   1 
ATOM   564  C CB  . LYS A 1 68 ? -7.950  13.317  7.740   1.00 15.65 ? 68  LYS A CB  1 
ATOM   565  C CG  . LYS A 1 68 ? -8.831  12.127  8.097   1.00 17.91 ? 68  LYS A CG  1 
ATOM   566  C CD  . LYS A 1 68 ? -8.992  11.948  9.594   1.00 20.47 ? 68  LYS A CD  1 
ATOM   567  C CE  . LYS A 1 68 ? -9.763  10.670  9.899   1.00 21.62 ? 68  LYS A CE  1 
ATOM   568  N NZ  . LYS A 1 68 ? -9.824  10.373  11.359  1.00 24.13 ? 68  LYS A NZ  1 
ATOM   569  N N   . ASP A 1 69 ? -9.429  14.186  5.255   1.00 17.17 ? 69  ASP A N   1 
ATOM   570  C CA  . ASP A 1 69 ? -10.594 14.131  4.386   1.00 20.24 ? 69  ASP A CA  1 
ATOM   571  C C   . ASP A 1 69 ? -10.257 13.663  2.974   1.00 19.06 ? 69  ASP A C   1 
ATOM   572  O O   . ASP A 1 69 ? -10.833 12.686  2.486   1.00 20.41 ? 69  ASP A O   1 
ATOM   573  C CB  . ASP A 1 69 ? -11.293 15.490  4.343   1.00 24.95 ? 69  ASP A CB  1 
ATOM   574  C CG  . ASP A 1 69 ? -12.140 15.743  5.573   1.00 30.91 ? 69  ASP A CG  1 
ATOM   575  O OD1 . ASP A 1 69 ? -13.023 14.904  5.865   1.00 34.02 ? 69  ASP A OD1 1 
ATOM   576  O OD2 . ASP A 1 69 ? -11.929 16.770  6.249   1.00 34.18 ? 69  ASP A OD2 1 
ATOM   577  N N   . LEU A 1 70 ? -9.312  14.344  2.330   1.00 14.18 ? 70  LEU A N   1 
ATOM   578  C CA  . LEU A 1 70 ? -8.911  14.003  0.967   1.00 11.92 ? 70  LEU A CA  1 
ATOM   579  C C   . LEU A 1 70 ? -8.329  12.602  0.848   1.00 9.88  ? 70  LEU A C   1 
ATOM   580  O O   . LEU A 1 70 ? -8.718  11.834  -0.028  1.00 9.63  ? 70  LEU A O   1 
ATOM   581  C CB  . LEU A 1 70 ? -7.861  14.989  0.447   1.00 13.52 ? 70  LEU A CB  1 
ATOM   582  C CG  . LEU A 1 70 ? -8.186  16.475  0.319   1.00 15.89 ? 70  LEU A CG  1 
ATOM   583  C CD1 . LEU A 1 70 ? -6.973  17.183  -0.272  1.00 17.37 ? 70  LEU A CD1 1 
ATOM   584  C CD2 . LEU A 1 70 ? -9.407  16.682  -0.565  1.00 16.03 ? 70  LEU A CD2 1 
ATOM   585  N N   . ILE A 1 71 ? -7.392  12.283  1.731   1.00 10.37 ? 71  ILE A N   1 
ATOM   586  C CA  . ILE A 1 71 ? -6.712  10.994  1.701   1.00 10.35 ? 71  ILE A CA  1 
ATOM   587  C C   . ILE A 1 71 ? -7.617  9.779   1.836   1.00 10.79 ? 71  ILE A C   1 
ATOM   588  O O   . ILE A 1 71 ? -7.522  8.843   1.042   1.00 12.01 ? 71  ILE A O   1 
ATOM   589  C CB  . ILE A 1 71 ? -5.612  10.937  2.785   1.00 10.16 ? 71  ILE A CB  1 
ATOM   590  C CG1 . ILE A 1 71 ? -4.479  11.900  2.413   1.00 10.88 ? 71  ILE A CG1 1 
ATOM   591  C CG2 . ILE A 1 71 ? -5.082  9.518   2.933   1.00 10.92 ? 71  ILE A CG2 1 
ATOM   592  C CD1 . ILE A 1 71 ? -3.673  11.481  1.182   1.00 10.91 ? 71  ILE A CD1 1 
ATOM   593  N N   . ILE A 1 72 ? -8.493  9.782   2.833   1.00 10.76 ? 72  ILE A N   1 
ATOM   594  C CA  . ILE A 1 72 ? -9.380  8.643   3.024   1.00 11.11 ? 72  ILE A CA  1 
ATOM   595  C C   . ILE A 1 72 ? -10.279 8.412   1.811   1.00 10.09 ? 72  ILE A C   1 
ATOM   596  O O   . ILE A 1 72 ? -10.411 7.284   1.332   1.00 9.83  ? 72  ILE A O   1 
ATOM   597  C CB  . ILE A 1 72 ? -10.237 8.815   4.300   1.00 12.48 ? 72  ILE A CB  1 
ATOM   598  C CG1 . ILE A 1 72 ? -9.327  8.767   5.534   1.00 14.19 ? 72  ILE A CG1 1 
ATOM   599  C CG2 . ILE A 1 72 ? -11.291 7.724   4.378   1.00 12.87 ? 72  ILE A CG2 1 
ATOM   600  C CD1 . ILE A 1 72 ? -10.049 8.955   6.849   1.00 18.22 ? 72  ILE A CD1 1 
ATOM   601  N N   . GLU A 1 73 ? -10.878 9.479   1.293   1.00 11.38 ? 73  GLU A N   1 
ATOM   602  C CA  . GLU A 1 73 ? -11.754 9.340   0.136   1.00 11.99 ? 73  GLU A CA  1 
ATOM   603  C C   . GLU A 1 73 ? -11.018 8.812   -1.089  1.00 11.05 ? 73  GLU A C   1 
ATOM   604  O O   . GLU A 1 73 ? -11.499 7.901   -1.764  1.00 11.90 ? 73  GLU A O   1 
ATOM   605  C CB  . GLU A 1 73 ? -12.408 10.676  -0.210  1.00 12.62 ? 73  GLU A CB  1 
ATOM   606  C CG  . GLU A 1 73 ? -13.398 10.563  -1.361  1.00 16.95 ? 73  GLU A CG  1 
ATOM   607  C CD  . GLU A 1 73 ? -14.110 11.865  -1.660  1.00 18.74 ? 73  GLU A CD  1 
ATOM   608  O OE1 . GLU A 1 73 ? -14.575 12.524  -0.708  1.00 19.20 ? 73  GLU A OE1 1 
ATOM   609  O OE2 . GLU A 1 73 ? -14.214 12.221  -2.852  1.00 19.26 ? 73  GLU A OE2 1 
ATOM   610  N N   . ARG A 1 74 ? -9.853  9.380   -1.374  1.00 11.01 ? 74  ARG A N   1 
ATOM   611  C CA  . ARG A 1 74 ? -9.074  8.958   -2.531  1.00 11.01 ? 74  ARG A CA  1 
ATOM   612  C C   . ARG A 1 74 ? -8.448  7.583   -2.351  1.00 10.55 ? 74  ARG A C   1 
ATOM   613  O O   . ARG A 1 74 ? -8.327  6.823   -3.312  1.00 11.02 ? 74  ARG A O   1 
ATOM   614  C CB  . ARG A 1 74 ? -7.998  9.998   -2.854  1.00 11.87 ? 74  ARG A CB  1 
ATOM   615  C CG  . ARG A 1 74 ? -8.579  11.347  -3.253  1.00 13.21 ? 74  ARG A CG  1 
ATOM   616  C CD  . ARG A 1 74 ? -9.608  11.192  -4.368  1.00 13.29 ? 74  ARG A CD  1 
ATOM   617  N NE  . ARG A 1 74 ? -9.006  10.743  -5.620  1.00 11.18 ? 74  ARG A NE  1 
ATOM   618  C CZ  . ARG A 1 74 ? -9.699  10.257  -6.645  1.00 14.15 ? 74  ARG A CZ  1 
ATOM   619  N NH1 . ARG A 1 74 ? -11.016 10.149  -6.568  1.00 12.69 ? 74  ARG A NH1 1 
ATOM   620  N NH2 . ARG A 1 74 ? -9.076  9.896   -7.759  1.00 13.52 ? 74  ARG A NH2 1 
ATOM   621  N N   . ALA A 1 75 ? -8.039  7.260   -1.127  1.00 10.30 ? 75  ALA A N   1 
ATOM   622  C CA  . ALA A 1 75 ? -7.459  5.948   -0.869  1.00 10.23 ? 75  ALA A CA  1 
ATOM   623  C C   . ALA A 1 75 ? -8.541  4.894   -1.108  1.00 10.62 ? 75  ALA A C   1 
ATOM   624  O O   . ALA A 1 75 ? -8.295  3.870   -1.749  1.00 10.23 ? 75  ALA A O   1 
ATOM   625  C CB  . ALA A 1 75 ? -6.950  5.864   0.562   1.00 10.50 ? 75  ALA A CB  1 
ATOM   626  N N   . ASN A 1 76 ? -9.744  5.146   -0.596  1.00 9.20  ? 76  ASN A N   1 
ATOM   627  C CA  . ASN A 1 76 ? -10.834 4.193   -0.785  1.00 10.09 ? 76  ASN A CA  1 
ATOM   628  C C   . ASN A 1 76 ? -11.244 4.095   -2.241  1.00 10.07 ? 76  ASN A C   1 
ATOM   629  O O   . ASN A 1 76 ? -11.656 3.032   -2.703  1.00 10.08 ? 76  ASN A O   1 
ATOM   630  C CB  . ASN A 1 76 ? -12.039 4.555   0.079   1.00 9.50  ? 76  ASN A CB  1 
ATOM   631  C CG  . ASN A 1 76 ? -11.870 4.110   1.514   1.00 11.52 ? 76  ASN A CG  1 
ATOM   632  O OD1 . ASN A 1 76 ? -11.279 3.062   1.779   1.00 12.99 ? 76  ASN A OD1 1 
ATOM   633  N ND2 . ASN A 1 76 ? -12.402 4.886   2.445   1.00 12.41 ? 76  ASN A ND2 1 
ATOM   634  N N   . PHE A 1 77 ? -11.133 5.199   -2.972  1.00 9.27  ? 77  PHE A N   1 
ATOM   635  C CA  . PHE A 1 77 ? -11.468 5.173   -4.387  1.00 10.77 ? 77  PHE A CA  1 
ATOM   636  C C   . PHE A 1 77 ? -10.567 4.163   -5.088  1.00 11.53 ? 77  PHE A C   1 
ATOM   637  O O   . PHE A 1 77 ? -11.041 3.304   -5.827  1.00 12.20 ? 77  PHE A O   1 
ATOM   638  C CB  . PHE A 1 77 ? -11.248 6.541   -5.036  1.00 12.36 ? 77  PHE A CB  1 
ATOM   639  C CG  . PHE A 1 77 ? -11.331 6.504   -6.536  1.00 12.48 ? 77  PHE A CG  1 
ATOM   640  C CD1 . PHE A 1 77 ? -12.563 6.418   -7.175  1.00 14.63 ? 77  PHE A CD1 1 
ATOM   641  C CD2 . PHE A 1 77 ? -10.174 6.483   -7.308  1.00 12.95 ? 77  PHE A CD2 1 
ATOM   642  C CE1 . PHE A 1 77 ? -12.641 6.307   -8.559  1.00 14.47 ? 77  PHE A CE1 1 
ATOM   643  C CE2 . PHE A 1 77 ? -10.238 6.373   -8.689  1.00 13.53 ? 77  PHE A CE2 1 
ATOM   644  C CZ  . PHE A 1 77 ? -11.477 6.283   -9.319  1.00 15.04 ? 77  PHE A CZ  1 
ATOM   645  N N   . TRP A 1 78 ? -9.262  4.276   -4.854  1.00 10.93 ? 78  TRP A N   1 
ATOM   646  C CA  . TRP A 1 78 ? -8.308  3.375   -5.487  1.00 9.91  ? 78  TRP A CA  1 
ATOM   647  C C   . TRP A 1 78 ? -8.397  1.933   -5.014  1.00 10.77 ? 78  TRP A C   1 
ATOM   648  O O   . TRP A 1 78 ? -8.165  1.016   -5.799  1.00 9.22  ? 78  TRP A O   1 
ATOM   649  C CB  . TRP A 1 78 ? -6.885  3.914   -5.320  1.00 9.09  ? 78  TRP A CB  1 
ATOM   650  C CG  . TRP A 1 78 ? -6.642  5.083   -6.226  1.00 10.60 ? 78  TRP A CG  1 
ATOM   651  C CD1 . TRP A 1 78 ? -6.431  6.384   -5.863  1.00 10.08 ? 78  TRP A CD1 1 
ATOM   652  C CD2 . TRP A 1 78 ? -6.655  5.062   -7.656  1.00 11.14 ? 78  TRP A CD2 1 
ATOM   653  N NE1 . TRP A 1 78 ? -6.315  7.175   -6.983  1.00 10.45 ? 78  TRP A NE1 1 
ATOM   654  C CE2 . TRP A 1 78 ? -6.450  6.387   -8.098  1.00 11.91 ? 78  TRP A CE2 1 
ATOM   655  C CE3 . TRP A 1 78 ? -6.824  4.048   -8.609  1.00 12.60 ? 78  TRP A CE3 1 
ATOM   656  C CZ2 . TRP A 1 78 ? -6.411  6.727   -9.453  1.00 11.17 ? 78  TRP A CZ2 1 
ATOM   657  C CZ3 . TRP A 1 78 ? -6.786  4.385   -9.956  1.00 13.71 ? 78  TRP A CZ3 1 
ATOM   658  C CH2 . TRP A 1 78 ? -6.581  5.715   -10.365 1.00 12.89 ? 78  TRP A CH2 1 
ATOM   659  N N   . ILE A 1 79 ? -8.730  1.726   -3.743  1.00 9.72  ? 79  ILE A N   1 
ATOM   660  C CA  . ILE A 1 79 ? -8.867  0.368   -3.222  1.00 9.65  ? 79  ILE A CA  1 
ATOM   661  C C   . ILE A 1 79 ? -9.992  -0.333  -3.979  1.00 11.98 ? 79  ILE A C   1 
ATOM   662  O O   . ILE A 1 79 ? -9.872  -1.495  -4.357  1.00 11.91 ? 79  ILE A O   1 
ATOM   663  C CB  . ILE A 1 79 ? -9.201  0.371   -1.714  1.00 7.92  ? 79  ILE A CB  1 
ATOM   664  C CG1 . ILE A 1 79 ? -7.962  0.763   -0.910  1.00 8.34  ? 79  ILE A CG1 1 
ATOM   665  C CG2 . ILE A 1 79 ? -9.697  -1.006  -1.278  1.00 9.20  ? 79  ILE A CG2 1 
ATOM   666  C CD1 . ILE A 1 79 ? -8.235  0.953   0.569   1.00 9.08  ? 79  ILE A CD1 1 
ATOM   667  N N   . LYS A 1 80 ? -11.084 0.388   -4.208  1.00 12.32 ? 80  LYS A N   1 
ATOM   668  C CA  . LYS A 1 80 ? -12.220 -0.174  -4.921  1.00 13.38 ? 80  LYS A CA  1 
ATOM   669  C C   . LYS A 1 80 ? -11.926 -0.268  -6.416  1.00 13.72 ? 80  LYS A C   1 
ATOM   670  O O   . LYS A 1 80 ? -12.222 -1.277  -7.057  1.00 13.16 ? 80  LYS A O   1 
ATOM   671  C CB  . LYS A 1 80 ? -13.459 0.691   -4.683  1.00 16.12 ? 80  LYS A CB  1 
ATOM   672  C CG  . LYS A 1 80 ? -14.742 0.120   -5.267  1.00 19.80 ? 80  LYS A CG  1 
ATOM   673  C CD  . LYS A 1 80 ? -15.945 0.937   -4.832  1.00 22.59 ? 80  LYS A CD  1 
ATOM   674  C CE  . LYS A 1 80 ? -17.240 0.321   -5.330  1.00 24.08 ? 80  LYS A CE  1 
ATOM   675  N NZ  . LYS A 1 80 ? -18.424 1.077   -4.833  1.00 26.77 ? 80  LYS A NZ  1 
ATOM   676  N N   . GLU A 1 81 ? -11.334 0.785   -6.967  1.00 13.10 ? 81  GLU A N   1 
ATOM   677  C CA  . GLU A 1 81 ? -11.012 0.827   -8.388  1.00 14.40 ? 81  GLU A CA  1 
ATOM   678  C C   . GLU A 1 81 ? -10.101 -0.325  -8.795  1.00 13.62 ? 81  GLU A C   1 
ATOM   679  O O   . GLU A 1 81 ? -10.293 -0.943  -9.846  1.00 14.94 ? 81  GLU A O   1 
ATOM   680  C CB  . GLU A 1 81 ? -10.338 2.159   -8.727  1.00 15.50 ? 81  GLU A CB  1 
ATOM   681  C CG  . GLU A 1 81 ? -10.076 2.377   -10.208 1.00 16.73 ? 81  GLU A CG  1 
ATOM   682  C CD  . GLU A 1 81 ? -11.347 2.613   -11.009 1.00 18.63 ? 81  GLU A CD  1 
ATOM   683  O OE1 . GLU A 1 81 ? -11.248 2.734   -12.248 1.00 20.16 ? 81  GLU A OE1 1 
ATOM   684  O OE2 . GLU A 1 81 ? -12.441 2.681   -10.407 1.00 20.01 ? 81  GLU A OE2 1 
ATOM   685  N N   . LEU A 1 82 ? -9.114  -0.616  -7.952  1.00 13.66 ? 82  LEU A N   1 
ATOM   686  C CA  . LEU A 1 82 ? -8.160  -1.679  -8.227  1.00 12.53 ? 82  LEU A CA  1 
ATOM   687  C C   . LEU A 1 82 ? -8.538  -3.000  -7.563  1.00 11.97 ? 82  LEU A C   1 
ATOM   688  O O   . LEU A 1 82 ? -7.781  -3.970  -7.626  1.00 13.98 ? 82  LEU A O   1 
ATOM   689  C CB  . LEU A 1 82 ? -6.757  -1.246  -7.786  1.00 10.58 ? 82  LEU A CB  1 
ATOM   690  C CG  . LEU A 1 82 ? -6.275  0.081   -8.387  1.00 10.42 ? 82  LEU A CG  1 
ATOM   691  C CD1 . LEU A 1 82 ? -4.849  0.360   -7.933  1.00 11.62 ? 82  LEU A CD1 1 
ATOM   692  C CD2 . LEU A 1 82 ? -6.342  0.019   -9.906  1.00 12.88 ? 82  LEU A CD2 1 
ATOM   693  N N   . ASN A 1 83 ? -9.710  -3.027  -6.933  1.00 12.20 ? 83  ASN A N   1 
ATOM   694  C CA  . ASN A 1 83 ? -10.215 -4.235  -6.275  1.00 12.90 ? 83  ASN A CA  1 
ATOM   695  C C   . ASN A 1 83 ? -9.118  -4.855  -5.411  1.00 12.75 ? 83  ASN A C   1 
ATOM   696  O O   . ASN A 1 83 ? -8.918  -6.071  -5.417  1.00 10.55 ? 83  ASN A O   1 
ATOM   697  C CB  . ASN A 1 83 ? -10.674 -5.225  -7.354  1.00 15.87 ? 83  ASN A CB  1 
ATOM   698  C CG  . ASN A 1 83 ? -11.464 -6.383  -6.790  1.00 20.06 ? 83  ASN A CG  1 
ATOM   699  O OD1 . ASN A 1 83 ? -12.363 -6.194  -5.972  1.00 20.26 ? 83  ASN A OD1 1 
ATOM   700  N ND2 . ASN A 1 83 ? -11.147 -7.593  -7.242  1.00 23.81 ? 83  ASN A ND2 1 
ATOM   701  N N   . SER A 1 84 ? -8.431  -4.010  -4.646  1.00 10.94 ? 84  SER A N   1 
ATOM   702  C CA  . SER A 1 84 ? -7.313  -4.456  -3.820  1.00 10.69 ? 84  SER A CA  1 
ATOM   703  C C   . SER A 1 84 ? -7.631  -5.187  -2.518  1.00 10.22 ? 84  SER A C   1 
ATOM   704  O O   . SER A 1 84 ? -6.720  -5.541  -1.773  1.00 11.78 ? 84  SER A O   1 
ATOM   705  C CB  . SER A 1 84 ? -6.376  -3.274  -3.536  1.00 10.20 ? 84  SER A CB  1 
ATOM   706  O OG  . SER A 1 84 ? -6.979  -2.326  -2.673  1.00 9.68  ? 84  SER A OG  1 
ATOM   707  N N   . LYS A 1 85 ? -8.909  -5.410  -2.233  1.00 10.87 ? 85  LYS A N   1 
ATOM   708  C CA  . LYS A 1 85 ? -9.276  -6.151  -1.030  1.00 10.96 ? 85  LYS A CA  1 
ATOM   709  C C   . LYS A 1 85 ? -9.525  -7.593  -1.469  1.00 12.55 ? 85  LYS A C   1 
ATOM   710  O O   . LYS A 1 85 ? -8.858  -8.523  -1.015  1.00 11.75 ? 85  LYS A O   1 
ATOM   711  C CB  . LYS A 1 85 ? -10.527 -5.546  -0.389  1.00 12.11 ? 85  LYS A CB  1 
ATOM   712  C CG  . LYS A 1 85 ? -10.281 -4.156  0.187   1.00 13.89 ? 85  LYS A CG  1 
ATOM   713  C CD  . LYS A 1 85 ? -11.561 -3.353  0.360   1.00 21.61 ? 85  LYS A CD  1 
ATOM   714  C CE  . LYS A 1 85 ? -12.479 -3.944  1.398   1.00 22.56 ? 85  LYS A CE  1 
ATOM   715  N NZ  . LYS A 1 85 ? -13.646 -3.051  1.633   1.00 24.75 ? 85  LYS A NZ  1 
ATOM   716  N N   . ILE A 1 86 ? -10.470 -7.772  -2.382  1.00 12.92 ? 86  ILE A N   1 
ATOM   717  C CA  . ILE A 1 86 ? -10.791 -9.098  -2.892  1.00 12.87 ? 86  ILE A CA  1 
ATOM   718  C C   . ILE A 1 86 ? -9.624  -9.695  -3.680  1.00 14.31 ? 86  ILE A C   1 
ATOM   719  O O   . ILE A 1 86 ? -9.297  -10.873 -3.519  1.00 15.28 ? 86  ILE A O   1 
ATOM   720  C CB  . ILE A 1 86 ? -12.035 -9.039  -3.804  1.00 12.21 ? 86  ILE A CB  1 
ATOM   721  C CG1 . ILE A 1 86 ? -13.258 -8.656  -2.974  1.00 14.81 ? 86  ILE A CG1 1 
ATOM   722  C CG2 . ILE A 1 86 ? -12.242 -10.373 -4.513  1.00 13.34 ? 86  ILE A CG2 1 
ATOM   723  C CD1 . ILE A 1 86 ? -14.506 -8.407  -3.803  1.00 15.38 ? 86  ILE A CD1 1 
ATOM   724  N N   . ASN A 1 87 ? -8.992  -8.878  -4.518  1.00 13.77 ? 87  ASN A N   1 
ATOM   725  C CA  . ASN A 1 87 ? -7.885  -9.335  -5.353  1.00 14.87 ? 87  ASN A CA  1 
ATOM   726  C C   . ASN A 1 87 ? -6.568  -8.624  -5.061  1.00 14.29 ? 87  ASN A C   1 
ATOM   727  O O   . ASN A 1 87 ? -5.717  -8.493  -5.939  1.00 16.88 ? 87  ASN A O   1 
ATOM   728  C CB  . ASN A 1 87 ? -8.253  -9.152  -6.832  1.00 17.33 ? 87  ASN A CB  1 
ATOM   729  C CG  . ASN A 1 87 ? -7.188  -9.685  -7.773  1.00 20.90 ? 87  ASN A CG  1 
ATOM   730  O OD1 . ASN A 1 87 ? -6.781  -10.842 -7.671  1.00 22.81 ? 87  ASN A OD1 1 
ATOM   731  N ND2 . ASN A 1 87 ? -6.735  -8.843  -8.697  1.00 23.44 ? 87  ASN A ND2 1 
ATOM   732  N N   . GLY A 1 88 ? -6.395  -8.175  -3.826  1.00 10.57 ? 88  GLY A N   1 
ATOM   733  C CA  . GLY A 1 88 ? -5.172  -7.480  -3.476  1.00 10.28 ? 88  GLY A CA  1 
ATOM   734  C C   . GLY A 1 88 ? -4.711  -7.755  -2.061  1.00 9.35  ? 88  GLY A C   1 
ATOM   735  O O   . GLY A 1 88 ? -5.134  -8.729  -1.437  1.00 10.89 ? 88  GLY A O   1 
ATOM   736  N N   . TYR A 1 89 ? -3.861  -6.875  -1.541  1.00 8.24  ? 89  TYR A N   1 
ATOM   737  C CA  . TYR A 1 89 ? -3.318  -7.057  -0.205  1.00 8.54  ? 89  TYR A CA  1 
ATOM   738  C C   . TYR A 1 89 ? -3.945  -6.213  0.899   1.00 9.19  ? 89  TYR A C   1 
ATOM   739  O O   . TYR A 1 89 ? -3.552  -6.333  2.055   1.00 8.58  ? 89  TYR A O   1 
ATOM   740  C CB  . TYR A 1 89 ? -1.806  -6.826  -0.235  1.00 9.03  ? 89  TYR A CB  1 
ATOM   741  C CG  . TYR A 1 89 ? -1.087  -7.771  -1.167  1.00 9.08  ? 89  TYR A CG  1 
ATOM   742  C CD1 . TYR A 1 89 ? -0.521  -7.315  -2.356  1.00 9.91  ? 89  TYR A CD1 1 
ATOM   743  C CD2 . TYR A 1 89 ? -1.004  -9.134  -0.878  1.00 9.14  ? 89  TYR A CD2 1 
ATOM   744  C CE1 . TYR A 1 89 ? 0.109   -8.189  -3.233  1.00 10.94 ? 89  TYR A CE1 1 
ATOM   745  C CE2 . TYR A 1 89 ? -0.374  -10.017 -1.751  1.00 10.61 ? 89  TYR A CE2 1 
ATOM   746  C CZ  . TYR A 1 89 ? 0.177   -9.536  -2.925  1.00 12.37 ? 89  TYR A CZ  1 
ATOM   747  O OH  . TYR A 1 89 ? 0.795   -10.403 -3.797  1.00 12.38 ? 89  TYR A OH  1 
ATOM   748  N N   . ASN A 1 90 ? -4.908  -5.359  0.561   1.00 8.35  ? 90  ASN A N   1 
ATOM   749  C CA  . ASN A 1 90 ? -5.553  -4.547  1.588   1.00 7.98  ? 90  ASN A CA  1 
ATOM   750  C C   . ASN A 1 90 ? -6.530  -5.411  2.372   1.00 9.07  ? 90  ASN A C   1 
ATOM   751  O O   . ASN A 1 90 ? -7.271  -6.199  1.786   1.00 10.14 ? 90  ASN A O   1 
ATOM   752  C CB  . ASN A 1 90 ? -6.298  -3.368  0.963   1.00 9.40  ? 90  ASN A CB  1 
ATOM   753  C CG  . ASN A 1 90 ? -5.357  -2.323  0.411   1.00 7.98  ? 90  ASN A CG  1 
ATOM   754  O OD1 . ASN A 1 90 ? -4.964  -2.377  -0.755  1.00 9.47  ? 90  ASN A OD1 1 
ATOM   755  N ND2 . ASN A 1 90 ? -4.975  -1.372  1.254   1.00 10.29 ? 90  ASN A ND2 1 
ATOM   756  N N   . ILE A 1 91 ? -6.532  -5.266  3.694   1.00 9.34  ? 91  ILE A N   1 
ATOM   757  C CA  . ILE A 1 91 ? -7.419  -6.067  4.535   1.00 9.73  ? 91  ILE A CA  1 
ATOM   758  C C   . ILE A 1 91 ? -8.683  -5.337  4.967   1.00 11.03 ? 91  ILE A C   1 
ATOM   759  O O   . ILE A 1 91 ? -9.541  -5.919  5.628   1.00 12.30 ? 91  ILE A O   1 
ATOM   760  C CB  . ILE A 1 91 ? -6.707  -6.574  5.820   1.00 10.71 ? 91  ILE A CB  1 
ATOM   761  C CG1 . ILE A 1 91 ? -6.272  -5.388  6.681   1.00 12.96 ? 91  ILE A CG1 1 
ATOM   762  C CG2 . ILE A 1 91 ? -5.516  -7.446  5.449   1.00 13.21 ? 91  ILE A CG2 1 
ATOM   763  C CD1 . ILE A 1 91 ? -5.809  -5.785  8.074   1.00 15.38 ? 91  ILE A CD1 1 
ATOM   764  N N   . ALA A 1 92 ? -8.798  -4.066  4.604   1.00 10.78 ? 92  ALA A N   1 
ATOM   765  C CA  . ALA A 1 92 ? -9.969  -3.277  4.962   1.00 11.88 ? 92  ALA A CA  1 
ATOM   766  C C   . ALA A 1 92 ? -9.915  -1.945  4.236   1.00 12.06 ? 92  ALA A C   1 
ATOM   767  O O   . ALA A 1 92 ? -8.969  -1.676  3.500   1.00 10.56 ? 92  ALA A O   1 
ATOM   768  C CB  . ALA A 1 92 ? -10.006 -3.050  6.467   1.00 15.46 ? 92  ALA A CB  1 
ATOM   769  N N   . ASP A 1 93 ? -10.937 -1.117  4.424   1.00 13.38 ? 93  ASP A N   1 
ATOM   770  C CA  . ASP A 1 93 ? -10.932 0.187   3.784   1.00 14.65 ? 93  ASP A CA  1 
ATOM   771  C C   . ASP A 1 93 ? -9.833  1.031   4.409   1.00 13.79 ? 93  ASP A C   1 
ATOM   772  O O   . ASP A 1 93 ? -9.271  0.672   5.445   1.00 14.54 ? 93  ASP A O   1 
ATOM   773  C CB  . ASP A 1 93 ? -12.287 0.880   3.920   1.00 17.17 ? 93  ASP A CB  1 
ATOM   774  C CG  . ASP A 1 93 ? -13.328 0.295   2.988   1.00 21.04 ? 93  ASP A CG  1 
ATOM   775  O OD1 . ASP A 1 93 ? -12.947 -0.161  1.888   1.00 22.64 ? 93  ASP A OD1 1 
ATOM   776  O OD2 . ASP A 1 93 ? -14.522 0.307   3.346   1.00 24.09 ? 93  ASP A OD2 1 
ATOM   777  N N   . ALA A 1 94 ? -9.539  2.157   3.775   1.00 12.90 ? 94  ALA A N   1 
ATOM   778  C CA  . ALA A 1 94 ? -8.471  3.048   4.211   1.00 13.58 ? 94  ALA A CA  1 
ATOM   779  C C   . ALA A 1 94 ? -8.555  3.669   5.596   1.00 15.04 ? 94  ALA A C   1 
ATOM   780  O O   . ALA A 1 94 ? -9.637  3.947   6.116   1.00 15.07 ? 94  ALA A O   1 
ATOM   781  C CB  . ALA A 1 94 ? -8.287  4.154   3.177   1.00 13.69 ? 94  ALA A CB  1 
ATOM   782  N N   . THR A 1 95 ? -7.380  3.882   6.182   1.00 15.97 ? 95  THR A N   1 
ATOM   783  C CA  . THR A 1 95 ? -7.247  4.515   7.486   1.00 18.65 ? 95  THR A CA  1 
ATOM   784  C C   . THR A 1 95 ? -6.306  5.703   7.280   1.00 19.34 ? 95  THR A C   1 
ATOM   785  O O   . THR A 1 95 ? -5.658  5.808   6.234   1.00 21.64 ? 95  THR A O   1 
ATOM   786  C CB  . THR A 1 95 ? -6.649  3.555   8.534   1.00 19.28 ? 95  THR A CB  1 
ATOM   787  O OG1 . THR A 1 95 ? -6.584  4.216   9.804   1.00 24.86 ? 95  THR A OG1 1 
ATOM   788  C CG2 . THR A 1 95 ? -5.256  3.118   8.129   1.00 18.41 ? 95  THR A CG2 1 
ATOM   789  N N   . PHE A 1 96 ? -6.229  6.594   8.261   1.00 18.44 ? 96  PHE A N   1 
ATOM   790  C CA  . PHE A 1 96 ? -5.376  7.771   8.143   1.00 17.94 ? 96  PHE A CA  1 
ATOM   791  C C   . PHE A 1 96 ? -4.509  7.985   9.378   1.00 18.88 ? 96  PHE A C   1 
ATOM   792  O O   . PHE A 1 96 ? -4.870  7.572   10.480  1.00 18.75 ? 96  PHE A O   1 
ATOM   793  C CB  . PHE A 1 96 ? -6.245  9.014   7.919   1.00 17.20 ? 96  PHE A CB  1 
ATOM   794  C CG  . PHE A 1 96 ? -5.459  10.274  7.700   1.00 14.96 ? 96  PHE A CG  1 
ATOM   795  C CD1 . PHE A 1 96 ? -4.860  10.534  6.473   1.00 16.34 ? 96  PHE A CD1 1 
ATOM   796  C CD2 . PHE A 1 96 ? -5.307  11.199  8.729   1.00 16.05 ? 96  PHE A CD2 1 
ATOM   797  C CE1 . PHE A 1 96 ? -4.124  11.698  6.272   1.00 16.87 ? 96  PHE A CE1 1 
ATOM   798  C CE2 . PHE A 1 96 ? -4.575  12.364  8.539   1.00 15.21 ? 96  PHE A CE2 1 
ATOM   799  C CZ  . PHE A 1 96 ? -3.981  12.617  7.308   1.00 16.52 ? 96  PHE A CZ  1 
ATOM   800  N N   . GLY A 1 97 ? -3.363  8.631   9.182   1.00 19.49 ? 97  GLY A N   1 
ATOM   801  C CA  . GLY A 1 97 ? -2.467  8.917   10.290  1.00 21.03 ? 97  GLY A CA  1 
ATOM   802  C C   . GLY A 1 97 ? -1.553  7.781   10.700  1.00 22.48 ? 97  GLY A C   1 
ATOM   803  O O   . GLY A 1 97 ? -1.642  6.687   10.103  1.00 23.18 ? 97  GLY A O   1 
ATOM   804  O OXT . GLY A 1 97 ? -0.742  7.987   11.628  1.00 23.91 ? 97  GLY A OXT 1 
HETATM 805  C C1  . CIT B 2 .  ? -0.838  2.504   7.397   1.00 17.83 ? 300 CIT A C1  1 
HETATM 806  O O1  . CIT B 2 .  ? -0.129  3.492   6.959   1.00 15.94 ? 300 CIT A O1  1 
HETATM 807  O O2  . CIT B 2 .  ? -0.493  1.928   8.490   1.00 21.55 ? 300 CIT A O2  1 
HETATM 808  C C2  . CIT B 2 .  ? -2.064  2.094   6.532   1.00 14.61 ? 300 CIT A C2  1 
HETATM 809  C C3  . CIT B 2 .  ? -2.148  2.517   5.042   1.00 13.22 ? 300 CIT A C3  1 
HETATM 810  O O7  . CIT B 2 .  ? -2.422  3.973   4.965   1.00 13.79 ? 300 CIT A O7  1 
HETATM 811  C C4  . CIT B 2 .  ? -3.220  1.778   4.287   1.00 14.37 ? 300 CIT A C4  1 
HETATM 812  C C5  . CIT B 2 .  ? -4.582  1.801   4.860   1.00 16.17 ? 300 CIT A C5  1 
HETATM 813  O O3  . CIT B 2 .  ? -5.387  2.702   4.763   1.00 18.81 ? 300 CIT A O3  1 
HETATM 814  O O4  . CIT B 2 .  ? -4.953  0.819   5.508   1.00 18.62 ? 300 CIT A O4  1 
HETATM 815  C C6  . CIT B 2 .  ? -0.817  2.434   4.245   1.00 9.92  ? 300 CIT A C6  1 
HETATM 816  O O5  . CIT B 2 .  ? -0.246  1.296   4.341   1.00 9.98  ? 300 CIT A O5  1 
HETATM 817  O O6  . CIT B 2 .  ? -0.523  3.502   3.665   1.00 8.35  ? 300 CIT A O6  1 
HETATM 818  C C1  . BME C 3 .  ? 6.217   -1.946  12.903  1.00 19.75 ? 401 BME A C1  1 
HETATM 819  C C2  . BME C 3 .  ? 6.218   -3.421  13.276  1.00 19.65 ? 401 BME A C2  1 
HETATM 820  O O1  . BME C 3 .  ? 7.277   -1.342  12.729  1.00 18.74 ? 401 BME A O1  1 
HETATM 821  S S2  . BME C 3 .  ? 6.564   -4.588  11.937  1.00 16.86 ? 401 BME A S2  1 
HETATM 822  O O   . HOH D 4 .  ? 3.699   8.134   5.771   1.00 3.12  ? 402 HOH A O   1 
HETATM 823  O O   . HOH D 4 .  ? -0.661  5.441   5.272   1.00 6.00  ? 403 HOH A O   1 
HETATM 824  O O   . HOH D 4 .  ? -5.090  5.438   3.572   1.00 13.01 ? 404 HOH A O   1 
HETATM 825  O O   . HOH D 4 .  ? 4.408   -0.641  7.222   1.00 12.38 ? 405 HOH A O   1 
HETATM 826  O O   . HOH D 4 .  ? -2.594  -2.675  6.104   1.00 14.54 ? 406 HOH A O   1 
HETATM 827  O O   . HOH D 4 .  ? -12.307 4.151   5.325   1.00 14.87 ? 407 HOH A O   1 
HETATM 828  O O   . HOH D 4 .  ? 3.575   -0.396  -9.070  1.00 15.82 ? 408 HOH A O   1 
HETATM 829  O O   . HOH D 4 .  ? -13.287 10.971  -4.980  1.00 18.41 ? 409 HOH A O   1 
HETATM 830  O O   . HOH D 4 .  ? -4.817  -3.155  4.506   1.00 15.37 ? 410 HOH A O   1 
HETATM 831  O O   . HOH D 4 .  ? 1.164   17.063  2.633   1.00 16.88 ? 411 HOH A O   1 
HETATM 832  O O   . HOH D 4 .  ? -11.767 -5.207  -3.414  1.00 12.29 ? 412 HOH A O   1 
HETATM 833  O O   . HOH D 4 .  ? -13.404 -2.537  5.665   1.00 23.55 ? 413 HOH A O   1 
HETATM 834  O O   . HOH D 4 .  ? 12.005  10.872  1.011   1.00 22.35 ? 414 HOH A O   1 
HETATM 835  O O   . HOH D 4 .  ? 9.095   -10.623 -11.294 1.00 21.15 ? 415 HOH A O   1 
HETATM 836  O O   . HOH D 4 .  ? -5.431  15.926  8.169   1.00 20.06 ? 416 HOH A O   1 
HETATM 837  O O   . HOH D 4 .  ? 0.776   -4.812  12.327  1.00 13.07 ? 417 HOH A O   1 
HETATM 838  O O   . HOH D 4 .  ? 3.538   16.284  -2.220  1.00 18.13 ? 418 HOH A O   1 
HETATM 839  O O   . HOH D 4 .  ? -6.271  -1.031  3.949   1.00 16.01 ? 419 HOH A O   1 
HETATM 840  O O   . HOH D 4 .  ? -1.682  9.820   -11.107 1.00 11.66 ? 420 HOH A O   1 
HETATM 841  O O   . HOH D 4 .  ? 0.315   -13.072 -3.436  1.00 19.65 ? 421 HOH A O   1 
HETATM 842  O O   . HOH D 4 .  ? 1.192   4.946   8.851   1.00 17.49 ? 422 HOH A O   1 
HETATM 843  O O   . HOH D 4 .  ? -3.665  -14.835 2.131   1.00 17.83 ? 423 HOH A O   1 
HETATM 844  O O   . HOH D 4 .  ? -8.852  16.800  6.807   1.00 21.59 ? 424 HOH A O   1 
HETATM 845  O O   . HOH D 4 .  ? 5.089   -12.268 14.228  1.00 19.24 ? 425 HOH A O   1 
HETATM 846  O O   . HOH D 4 .  ? 13.237  -0.899  3.579   1.00 16.24 ? 426 HOH A O   1 
HETATM 847  O O   . HOH D 4 .  ? -0.841  19.026  3.614   1.00 22.52 ? 427 HOH A O   1 
HETATM 848  O O   . HOH D 4 .  ? 2.533   -9.723  9.909   1.00 17.94 ? 428 HOH A O   1 
HETATM 849  O O   . HOH D 4 .  ? -14.389 7.065   1.804   1.00 25.06 ? 429 HOH A O   1 
HETATM 850  O O   . HOH D 4 .  ? 10.955  5.027   6.603   1.00 16.54 ? 430 HOH A O   1 
HETATM 851  O O   . HOH D 4 .  ? 9.575   -0.428  -6.083  1.00 20.47 ? 431 HOH A O   1 
HETATM 852  O O   . HOH D 4 .  ? -4.898  -6.191  -6.686  1.00 18.85 ? 432 HOH A O   1 
HETATM 853  O O   . HOH D 4 .  ? -13.033 3.790   -13.833 1.00 19.01 ? 433 HOH A O   1 
HETATM 854  O O   . HOH D 4 .  ? -2.526  -1.300  -10.766 1.00 17.76 ? 434 HOH A O   1 
HETATM 855  O O   . HOH D 4 .  ? 2.871   -2.448  9.273   1.00 20.07 ? 435 HOH A O   1 
HETATM 856  O O   . HOH D 4 .  ? -5.361  -11.331 -2.280  1.00 25.10 ? 436 HOH A O   1 
HETATM 857  O O   . HOH D 4 .  ? -7.704  19.136  6.214   1.00 23.56 ? 437 HOH A O   1 
HETATM 858  O O   . HOH D 4 .  ? 11.782  3.851   -0.696  1.00 22.59 ? 438 HOH A O   1 
HETATM 859  O O   . HOH D 4 .  ? -15.922 14.000  -3.729  1.00 25.56 ? 439 HOH A O   1 
HETATM 860  O O   . HOH D 4 .  ? -14.061 7.086   -2.130  1.00 19.15 ? 440 HOH A O   1 
HETATM 861  O O   . HOH D 4 .  ? 9.762   -17.850 4.223   1.00 19.30 ? 441 HOH A O   1 
HETATM 862  O O   . HOH D 4 .  ? -1.925  15.755  8.154   1.00 22.80 ? 442 HOH A O   1 
HETATM 863  O O   . HOH D 4 .  ? 3.696   -17.308 3.277   1.00 20.67 ? 443 HOH A O   1 
HETATM 864  O O   . HOH D 4 .  ? 5.159   0.582   10.997  1.00 17.85 ? 444 HOH A O   1 
HETATM 865  O O   . HOH D 4 .  ? 1.834   -16.315 -5.083  1.00 38.10 ? 445 HOH A O   1 
HETATM 866  O O   . HOH D 4 .  ? 1.177   6.461   6.396   1.00 21.18 ? 446 HOH A O   1 
HETATM 867  O O   . HOH D 4 .  ? 3.027   -11.734 12.298  1.00 41.04 ? 447 HOH A O   1 
HETATM 868  O O   . HOH D 4 .  ? 0.454   -15.371 -0.721  1.00 25.00 ? 448 HOH A O   1 
HETATM 869  O O   . HOH D 4 .  ? 13.498  -4.476  0.070   1.00 32.19 ? 449 HOH A O   1 
HETATM 870  O O   . HOH D 4 .  ? 5.562   -12.966 9.923   1.00 23.88 ? 450 HOH A O   1 
HETATM 871  O O   . HOH D 4 .  ? -2.148  7.043   6.189   1.00 19.62 ? 451 HOH A O   1 
HETATM 872  O O   . HOH D 4 .  ? 13.829  -11.250 8.306   1.00 36.57 ? 452 HOH A O   1 
HETATM 873  O O   . HOH D 4 .  ? 6.286   6.282   6.865   1.00 22.54 ? 453 HOH A O   1 
HETATM 874  O O   . HOH D 4 .  ? 1.386   -0.939  7.816   1.00 22.29 ? 454 HOH A O   1 
HETATM 875  O O   . HOH D 4 .  ? -12.926 11.449  3.997   1.00 38.82 ? 455 HOH A O   1 
HETATM 876  O O   . HOH D 4 .  ? -1.007  -8.353  11.049  1.00 23.05 ? 456 HOH A O   1 
HETATM 877  O O   . HOH D 4 .  ? -6.169  10.525  -10.042 1.00 24.48 ? 457 HOH A O   1 
HETATM 878  O O   . HOH D 4 .  ? 4.315   -7.809  -13.447 1.00 38.87 ? 458 HOH A O   1 
HETATM 879  O O   . HOH D 4 .  ? 4.230   15.838  2.185   1.00 24.46 ? 459 HOH A O   1 
HETATM 880  O O   . HOH D 4 .  ? -16.366 -0.570  1.461   1.00 35.04 ? 460 HOH A O   1 
HETATM 881  O O   . HOH D 4 .  ? 10.100  -2.572  -4.142  1.00 24.39 ? 461 HOH A O   1 
HETATM 882  O O   . HOH D 4 .  ? -14.176 12.927  1.975   1.00 28.33 ? 462 HOH A O   1 
HETATM 883  O O   . HOH D 4 .  ? -12.352 9.689   -9.314  1.00 38.24 ? 463 HOH A O   1 
HETATM 884  O O   . HOH D 4 .  ? -16.306 -3.689  0.133   1.00 26.96 ? 464 HOH A O   1 
HETATM 885  O O   . HOH D 4 .  ? 9.498   -11.623 7.666   1.00 34.17 ? 465 HOH A O   1 
HETATM 886  O O   . HOH D 4 .  ? 13.653  -4.935  9.342   1.00 26.68 ? 466 HOH A O   1 
HETATM 887  O O   . HOH D 4 .  ? -13.701 18.685  5.273   1.00 32.41 ? 467 HOH A O   1 
HETATM 888  O O   . HOH D 4 .  ? 7.954   -13.481 8.339   1.00 24.07 ? 468 HOH A O   1 
HETATM 889  O O   . HOH D 4 .  ? 15.118  -4.946  7.234   1.00 36.07 ? 469 HOH A O   1 
HETATM 890  O O   . HOH D 4 .  ? 5.488   18.300  -5.423  1.00 32.03 ? 470 HOH A O   1 
HETATM 891  O O   . HOH D 4 .  ? -13.461 3.259   -7.121  1.00 22.48 ? 471 HOH A O   1 
HETATM 892  O O   . HOH D 4 .  ? -3.742  -9.861  -10.038 1.00 33.77 ? 472 HOH A O   1 
HETATM 893  O O   . HOH D 4 .  ? 14.251  -3.264  4.190   1.00 33.48 ? 473 HOH A O   1 
HETATM 894  O O   . HOH D 4 .  ? 4.133   -14.813 9.046   1.00 34.12 ? 474 HOH A O   1 
HETATM 895  O O   . HOH D 4 .  ? -20.688 -0.149  -5.972  1.00 42.33 ? 475 HOH A O   1 
HETATM 896  O O   . HOH D 4 .  ? 2.743   17.061  0.435   1.00 30.64 ? 476 HOH A O   1 
HETATM 897  O O   . HOH D 4 .  ? -1.121  -13.376 0.362   1.00 23.98 ? 477 HOH A O   1 
HETATM 898  O O   . HOH D 4 .  ? 10.292  -0.183  14.290  1.00 33.29 ? 478 HOH A O   1 
HETATM 899  O O   . HOH D 4 .  ? 13.511  -9.890  -0.135  1.00 24.13 ? 479 HOH A O   1 
HETATM 900  O O   . HOH D 4 .  ? -8.629  6.810   9.872   1.00 23.59 ? 480 HOH A O   1 
HETATM 901  O O   . HOH D 4 .  ? -3.808  -13.021 -0.496  1.00 19.81 ? 481 HOH A O   1 
HETATM 902  O O   . HOH D 4 .  ? 5.252   18.016  3.655   1.00 25.87 ? 482 HOH A O   1 
HETATM 903  O O   . HOH D 4 .  ? 8.550   6.228   7.923   1.00 24.71 ? 483 HOH A O   1 
HETATM 904  O O   . HOH D 4 .  ? -3.983  -0.844  7.549   1.00 24.12 ? 484 HOH A O   1 
HETATM 905  O O   . HOH D 4 .  ? 9.039   10.280  -1.459  1.00 22.81 ? 485 HOH A O   1 
HETATM 906  O O   . HOH D 4 .  ? -12.952 1.105   -0.955  1.00 28.10 ? 486 HOH A O   1 
HETATM 907  O O   . HOH D 4 .  ? 5.452   -19.352 3.241   1.00 21.97 ? 487 HOH A O   1 
HETATM 908  O O   . HOH D 4 .  ? -13.343 12.891  -7.435  1.00 26.59 ? 488 HOH A O   1 
HETATM 909  O O   . HOH D 4 .  ? -8.069  21.299  7.887   1.00 30.67 ? 489 HOH A O   1 
HETATM 910  O O   . HOH D 4 .  ? -9.885  9.284   -10.581 1.00 31.71 ? 490 HOH A O   1 
HETATM 911  O O   . HOH D 4 .  ? -14.973 4.689   -3.020  1.00 26.89 ? 491 HOH A O   1 
HETATM 912  O O   . HOH D 4 .  ? 1.087   -18.475 2.902   1.00 36.29 ? 492 HOH A O   1 
HETATM 913  O O   . HOH D 4 .  ? 7.794   7.045   -7.680  1.00 33.99 ? 493 HOH A O   1 
HETATM 914  O O   . HOH D 4 .  ? 0.462   5.297   11.506  1.00 33.35 ? 494 HOH A O   1 
HETATM 915  O O   . HOH D 4 .  ? -7.155  0.499   7.039   1.00 25.72 ? 495 HOH A O   1 
HETATM 916  O O   . HOH D 4 .  ? 0.119   -2.068  12.826  1.00 25.32 ? 496 HOH A O   1 
HETATM 917  O O   . HOH D 4 .  ? -1.699  18.911  7.707   1.00 33.02 ? 497 HOH A O   1 
HETATM 918  O O   . HOH D 4 .  ? -13.628 -3.486  -3.019  1.00 25.80 ? 498 HOH A O   1 
HETATM 919  O O   . HOH D 4 .  ? 6.412   8.433   5.105   1.00 30.94 ? 499 HOH A O   1 
HETATM 920  O O   . HOH D 4 .  ? -11.028 0.429   7.668   1.00 26.62 ? 500 HOH A O   1 
HETATM 921  O O   . HOH D 4 .  ? 12.474  1.197   14.330  1.00 36.33 ? 501 HOH A O   1 
HETATM 922  O O   . HOH D 4 .  ? 12.088  2.801   7.359   1.00 39.75 ? 502 HOH A O   1 
HETATM 923  O O   . HOH D 4 .  ? -10.571 5.103   8.421   1.00 32.75 ? 503 HOH A O   1 
HETATM 924  O O   . HOH D 4 .  ? 10.680  -12.821 9.645   1.00 43.98 ? 504 HOH A O   1 
HETATM 925  O O   . HOH D 4 .  ? 6.162   4.079   -11.761 1.00 44.39 ? 505 HOH A O   1 
HETATM 926  O O   . HOH D 4 .  ? 4.042   -17.297 5.913   1.00 35.37 ? 506 HOH A O   1 
HETATM 927  O O   . HOH D 4 .  ? -5.648  -4.931  -8.924  1.00 27.79 ? 507 HOH A O   1 
HETATM 928  O O   . HOH D 4 .  ? -13.790 -3.300  -6.006  1.00 24.24 ? 508 HOH A O   1 
HETATM 929  O O   . HOH D 4 .  ? 3.210   19.724  4.164   1.00 37.30 ? 509 HOH A O   1 
HETATM 930  O O   . HOH D 4 .  ? 10.594  -3.498  -11.174 1.00 35.94 ? 510 HOH A O   1 
HETATM 931  O O   . HOH D 4 .  ? -2.293  0.229   9.468   1.00 32.71 ? 511 HOH A O   1 
HETATM 932  O O   . HOH D 4 .  ? 0.586   11.722  -8.957  1.00 37.95 ? 512 HOH A O   1 
HETATM 933  O O   . HOH D 4 .  ? 9.184   3.839   -7.436  1.00 40.11 ? 513 HOH A O   1 
HETATM 934  O O   . HOH D 4 .  ? -16.769 -1.431  -0.954  1.00 31.15 ? 514 HOH A O   1 
HETATM 935  O O   . HOH D 4 .  ? 1.643   -0.905  11.014  1.00 37.59 ? 515 HOH A O   1 
HETATM 936  O O   . HOH D 4 .  ? 11.705  13.480  3.718   1.00 40.61 ? 516 HOH A O   1 
HETATM 937  O O   . HOH D 4 .  ? 12.197  11.051  -2.047  1.00 30.27 ? 517 HOH A O   1 
HETATM 938  O O   . HOH D 4 .  ? 3.068   13.935  -9.255  1.00 30.15 ? 518 HOH A O   1 
HETATM 939  O O   . HOH D 4 .  ? -13.624 6.277   7.162   1.00 32.35 ? 519 HOH A O   1 
HETATM 940  O O   . HOH D 4 .  ? -14.962 8.815   -4.508  1.00 28.78 ? 520 HOH A O   1 
HETATM 941  O O   . HOH D 4 .  ? 11.373  0.940   -0.477  1.00 25.54 ? 521 HOH A O   1 
HETATM 942  O O   . HOH D 4 .  ? -15.497 2.911   1.907   1.00 35.39 ? 522 HOH A O   1 
HETATM 943  O O   . HOH D 4 .  ? -15.914 3.618   -13.110 1.00 33.31 ? 523 HOH A O   1 
HETATM 944  O O   . HOH D 4 .  ? -14.879 9.782   2.154   1.00 41.62 ? 524 HOH A O   1 
HETATM 945  O O   . HOH D 4 .  ? -8.231  12.143  13.091  1.00 30.75 ? 525 HOH A O   1 
HETATM 946  O O   . HOH D 4 .  ? 5.096   -3.761  -12.358 1.00 50.40 ? 526 HOH A O   1 
HETATM 947  O O   . HOH D 4 .  ? 10.461  1.668   -8.919  1.00 33.08 ? 527 HOH A O   1 
HETATM 948  O O   . HOH D 4 .  ? 15.026  3.354   5.747   1.00 40.89 ? 528 HOH A O   1 
HETATM 949  O O   . HOH D 4 .  ? 1.450   2.174   10.458  1.00 31.14 ? 529 HOH A O   1 
HETATM 950  O O   . HOH D 4 .  ? 9.604   0.005   10.663  1.00 28.45 ? 530 HOH A O   1 
HETATM 951  O O   . HOH D 4 .  ? -13.024 -3.709  8.224   1.00 35.17 ? 531 HOH A O   1 
HETATM 952  O O   . HOH D 4 .  ? 5.140   18.472  -2.190  1.00 39.54 ? 532 HOH A O   1 
HETATM 953  O O   . HOH D 4 .  ? -15.989 19.327  3.700   1.00 43.64 ? 533 HOH A O   1 
HETATM 954  O O   . HOH D 4 .  ? -0.120  16.895  6.554   1.00 29.97 ? 534 HOH A O   1 
HETATM 955  O O   . HOH D 4 .  ? -0.349  11.227  -12.744 1.00 30.68 ? 535 HOH A O   1 
HETATM 956  O O   . HOH D 4 .  ? 18.137  -6.258  9.399   1.00 45.30 ? 536 HOH A O   1 
HETATM 957  O O   . HOH D 4 .  ? -13.752 2.561   7.073   1.00 34.69 ? 537 HOH A O   1 
HETATM 958  O O   . HOH D 4 .  ? -15.249 16.424  5.845   1.00 42.62 ? 538 HOH A O   1 
HETATM 959  O O   . HOH D 4 .  ? 13.388  -0.311  0.900   1.00 29.63 ? 539 HOH A O   1 
HETATM 960  O O   . HOH D 4 .  ? -17.384 1.074   -1.193  1.00 32.36 ? 540 HOH A O   1 
HETATM 961  O O   . HOH D 4 .  ? -4.118  -6.934  -11.182 1.00 38.62 ? 541 HOH A O   1 
HETATM 962  O O   . HOH D 4 .  ? 8.684   -16.034 8.630   1.00 32.06 ? 542 HOH A O   1 
HETATM 963  O O   . HOH D 4 .  ? -2.890  4.641   11.380  1.00 50.68 ? 543 HOH A O   1 
HETATM 964  O O   . HOH D 4 .  ? -9.623  -7.668  -10.000 1.00 35.10 ? 544 HOH A O   1 
HETATM 965  O O   . HOH D 4 .  ? -3.879  -8.631  8.755   1.00 17.08 ? 545 HOH A O   1 
HETATM 966  O O   . HOH D 4 .  ? 5.439   6.510   -9.614  1.00 17.95 ? 546 HOH A O   1 
HETATM 967  O O   . HOH D 4 .  ? 0.752   -11.732 9.353   1.00 20.78 ? 547 HOH A O   1 
HETATM 968  O O   . HOH D 4 .  ? 13.143  -6.607  1.536   1.00 25.13 ? 548 HOH A O   1 
HETATM 969  O O   . HOH D 4 .  ? 13.144  -4.178  -11.520 1.00 29.17 ? 549 HOH A O   1 
HETATM 970  O O   . HOH D 4 .  ? -15.233 2.500   -1.310  1.00 28.09 ? 550 HOH A O   1 
HETATM 971  O O   . HOH D 4 .  ? -14.158 -1.301  -1.430  1.00 25.52 ? 551 HOH A O   1 
HETATM 972  O O   . HOH D 4 .  ? -0.263  -17.606 0.714   1.00 34.30 ? 552 HOH A O   1 
HETATM 973  O O   . HOH D 4 .  ? -2.176  -1.155  11.715  1.00 31.65 ? 553 HOH A O   1 
HETATM 974  O O   . HOH D 4 .  ? 14.352  -0.556  14.185  1.00 41.27 ? 554 HOH A O   1 
HETATM 975  O O   . HOH D 4 .  ? -10.724 -5.048  9.477   1.00 31.84 ? 555 HOH A O   1 
HETATM 976  O O   . HOH D 4 .  ? 3.255   0.102   12.731  1.00 44.56 ? 556 HOH A O   1 
HETATM 977  O O   . HOH D 4 .  ? 3.179   -16.074 -7.567  1.00 39.01 ? 557 HOH A O   1 
HETATM 978  O O   . HOH D 4 .  ? 0.654   -10.641 12.706  1.00 26.24 ? 558 HOH A O   1 
HETATM 979  O O   . HOH D 4 .  ? 12.233  2.377   12.014  1.00 36.91 ? 559 HOH A O   1 
HETATM 980  O O   . HOH D 4 .  ? 1.527   -14.152 8.863   1.00 36.62 ? 560 HOH A O   1 
HETATM 981  O O   . HOH D 4 .  ? 11.892  -16.281 8.495   1.00 46.70 ? 561 HOH A O   1 
HETATM 982  O O   . HOH D 4 .  ? 4.396   -15.492 -11.975 1.00 37.81 ? 562 HOH A O   1 
HETATM 983  O O   . HOH D 4 .  ? -16.115 11.159  -6.856  1.00 40.86 ? 563 HOH A O   1 
HETATM 984  O O   . HOH D 4 .  ? -13.120 9.701   7.953   1.00 32.61 ? 564 HOH A O   1 
HETATM 985  O O   . HOH D 4 .  ? 12.098  9.872   -5.519  1.00 40.08 ? 565 HOH A O   1 
HETATM 986  O O   . HOH D 4 .  ? 10.532  1.115   -3.396  1.00 40.77 ? 566 HOH A O   1 
HETATM 987  O O   . HOH D 4 .  ? 7.750   1.517   -9.987  1.00 38.64 ? 567 HOH A O   1 
HETATM 988  O O   . HOH D 4 .  ? 14.273  14.205  3.705   1.00 42.38 ? 568 HOH A O   1 
HETATM 989  O O   . HOH D 4 .  ? 5.606   -20.724 6.268   1.00 36.78 ? 569 HOH A O   1 
HETATM 990  O O   . HOH D 4 .  ? -2.847  5.272   8.040   1.00 31.00 ? 570 HOH A O   1 
HETATM 991  O O   . HOH D 4 .  ? -0.898  -3.025  -12.398 1.00 39.48 ? 571 HOH A O   1 
HETATM 992  O O   . HOH D 4 .  ? -4.387  2.164   11.049  1.00 44.34 ? 572 HOH A O   1 
HETATM 993  O O   . HOH D 4 .  ? -5.019  -12.332 -9.181  1.00 35.62 ? 573 HOH A O   1 
HETATM 994  O O   . HOH D 4 .  ? 8.276   -12.871 -13.142 1.00 46.43 ? 574 HOH A O   1 
HETATM 995  O O   . HOH D 4 .  ? 7.397   -14.233 11.201  1.00 37.27 ? 575 HOH A O   1 
HETATM 996  O O   . HOH D 4 .  ? -5.379  -2.081  9.515   1.00 43.92 ? 576 HOH A O   1 
HETATM 997  O O   . HOH D 4 .  ? 14.175  -1.673  -11.832 1.00 39.35 ? 577 HOH A O   1 
HETATM 998  O O   . HOH D 4 .  ? 10.268  15.939  -1.554  1.00 38.92 ? 578 HOH A O   1 
HETATM 999  O O   . HOH D 4 .  ? 16.922  -5.661  3.520   1.00 37.42 ? 579 HOH A O   1 
HETATM 1000 O O   . HOH D 4 .  ? 8.477   -17.764 6.655   1.00 30.34 ? 580 HOH A O   1 
HETATM 1001 O O   . HOH D 4 .  ? 10.919  13.327  -0.240  1.00 36.88 ? 581 HOH A O   1 
HETATM 1002 O O   . HOH D 4 .  ? 7.544   18.920  -3.382  1.00 44.78 ? 582 HOH A O   1 
HETATM 1003 O O   . HOH D 4 .  ? 13.094  0.973   -7.518  1.00 37.26 ? 583 HOH A O   1 
HETATM 1004 O O   . HOH D 4 .  ? 4.445   -1.254  -11.516 1.00 42.87 ? 584 HOH A O   1 
HETATM 1005 O O   . HOH D 4 .  ? 6.928   -1.024  -14.703 1.00 47.59 ? 585 HOH A O   1 
HETATM 1006 O O   . HOH D 4 .  ? 3.866   -17.346 9.879   1.00 37.51 ? 586 HOH A O   1 
HETATM 1007 O O   . HOH D 4 .  ? 4.575   19.077  0.357   1.00 46.77 ? 587 HOH A O   1 
HETATM 1008 O O   . HOH D 4 .  ? 13.518  0.688   -3.675  1.00 42.90 ? 588 HOH A O   1 
HETATM 1009 O O   . HOH D 4 .  ? -1.284  -11.509 11.048  1.00 40.69 ? 589 HOH A O   1 
HETATM 1010 O O   . HOH D 4 .  ? 6.624   -17.093 10.299  1.00 40.82 ? 590 HOH A O   1 
# 
loop_
_pdbx_poly_seq_scheme.asym_id 
_pdbx_poly_seq_scheme.entity_id 
_pdbx_poly_seq_scheme.seq_id 
_pdbx_poly_seq_scheme.mon_id 
_pdbx_poly_seq_scheme.ndb_seq_num 
_pdbx_poly_seq_scheme.pdb_seq_num 
_pdbx_poly_seq_scheme.auth_seq_num 
_pdbx_poly_seq_scheme.pdb_mon_id 
_pdbx_poly_seq_scheme.auth_mon_id 
_pdbx_poly_seq_scheme.pdb_strand_id 
_pdbx_poly_seq_scheme.pdb_ins_code 
_pdbx_poly_seq_scheme.hetero 
A 1 1  MET 1  1  1  MET MET A . n 
A 1 2  LYS 2  2  2  LYS LYS A . n 
A 1 3  SER 3  3  3  SER SER A . n 
A 1 4  GLY 4  4  4  GLY GLY A . n 
A 1 5  ILE 5  5  5  ILE ILE A . n 
A 1 6  TYR 6  6  6  TYR TYR A . n 
A 1 7  GLN 7  7  7  GLN GLN A . n 
A 1 8  ILE 8  8  8  ILE ILE A . n 
A 1 9  LYS 9  9  9  LYS LYS A . n 
A 1 10 ASN 10 10 10 ASN ASN A . n 
A 1 11 THR 11 11 11 THR THR A . n 
A 1 12 LEU 12 12 12 LEU LEU A . n 
A 1 13 ASN 13 13 13 ASN ASN A . n 
A 1 14 ASN 14 14 14 ASN ASN A . n 
A 1 15 LYS 15 15 15 LYS LYS A . n 
A 1 16 VAL 16 16 16 VAL VAL A . n 
A 1 17 TYR 17 17 17 TYR TYR A . n 
A 1 18 VAL 18 18 18 VAL VAL A . n 
A 1 19 GLY 19 19 19 GLY GLY A . n 
A 1 20 SER 20 20 20 SER SER A . n 
A 1 21 ALA 21 21 21 ALA ALA A . n 
A 1 22 LYS 22 22 22 LYS LYS A . n 
A 1 23 ASP 23 23 23 ASP ASP A . n 
A 1 24 PHE 24 24 24 PHE PHE A . n 
A 1 25 GLU 25 25 25 GLU GLU A . n 
A 1 26 LYS 26 26 26 LYS LYS A . n 
A 1 27 ARG 27 27 27 ARG ARG A . n 
A 1 28 TRP 28 28 28 TRP TRP A . n 
A 1 29 LYS 29 29 29 LYS LYS A . n 
A 1 30 ARG 30 30 30 ARG ARG A . n 
A 1 31 HIS 31 31 31 HIS HIS A . n 
A 1 32 PHE 32 32 32 PHE PHE A . n 
A 1 33 LYS 33 33 33 LYS LYS A . n 
A 1 34 ASP 34 34 34 ASP ASP A . n 
A 1 35 LEU 35 35 35 LEU LEU A . n 
A 1 36 GLU 36 36 36 GLU GLU A . n 
A 1 37 LYS 37 37 37 LYS LYS A . n 
A 1 38 GLY 38 38 38 GLY GLY A . n 
A 1 39 CYS 39 39 39 CYS CYS A . n 
A 1 40 HIS 40 40 40 HIS HIS A . n 
A 1 41 SER 41 41 41 SER SER A . n 
A 1 42 SER 42 42 42 SER SER A . n 
A 1 43 ILE 43 43 43 ILE ILE A . n 
A 1 44 LYS 44 44 44 LYS LYS A . n 
A 1 45 LEU 45 45 45 LEU LEU A . n 
A 1 46 GLN 46 46 46 GLN GLN A . n 
A 1 47 ARG 47 47 47 ARG ARG A . n 
A 1 48 SER 48 48 48 SER SER A . n 
A 1 49 PHE 49 49 49 PHE PHE A . n 
A 1 50 ASN 50 50 50 ASN ASN A . n 
A 1 51 LYS 51 51 51 LYS LYS A . n 
A 1 52 HIS 52 52 52 HIS HIS A . n 
A 1 53 GLY 53 53 53 GLY GLY A . n 
A 1 54 ASN 54 54 54 ASN ASN A . n 
A 1 55 VAL 55 55 55 VAL VAL A . n 
A 1 56 PHE 56 56 56 PHE PHE A . n 
A 1 57 GLU 57 57 57 GLU GLU A . n 
A 1 58 CYS 58 58 58 CYS CYS A . n 
A 1 59 SER 59 59 59 SER SER A . n 
A 1 60 ILE 60 60 60 ILE ILE A . n 
A 1 61 LEU 61 61 61 LEU LEU A . n 
A 1 62 GLU 62 62 62 GLU GLU A . n 
A 1 63 GLU 63 63 63 GLU GLU A . n 
A 1 64 ILE 64 64 64 ILE ILE A . n 
A 1 65 PRO 65 65 65 PRO PRO A . n 
A 1 66 TYR 66 66 66 TYR TYR A . n 
A 1 67 GLU 67 67 67 GLU GLU A . n 
A 1 68 LYS 68 68 68 LYS LYS A . n 
A 1 69 ASP 69 69 69 ASP ASP A . n 
A 1 70 LEU 70 70 70 LEU LEU A . n 
A 1 71 ILE 71 71 71 ILE ILE A . n 
A 1 72 ILE 72 72 72 ILE ILE A . n 
A 1 73 GLU 73 73 73 GLU GLU A . n 
A 1 74 ARG 74 74 74 ARG ARG A . n 
A 1 75 ALA 75 75 75 ALA ALA A . n 
A 1 76 ASN 76 76 76 ASN ASN A . n 
A 1 77 PHE 77 77 77 PHE PHE A . n 
A 1 78 TRP 78 78 78 TRP TRP A . n 
A 1 79 ILE 79 79 79 ILE ILE A . n 
A 1 80 LYS 80 80 80 LYS LYS A . n 
A 1 81 GLU 81 81 81 GLU GLU A . n 
A 1 82 LEU 82 82 82 LEU LEU A . n 
A 1 83 ASN 83 83 83 ASN ASN A . n 
A 1 84 SER 84 84 84 SER SER A . n 
A 1 85 LYS 85 85 85 LYS LYS A . n 
A 1 86 ILE 86 86 86 ILE ILE A . n 
A 1 87 ASN 87 87 87 ASN ASN A . n 
A 1 88 GLY 88 88 88 GLY GLY A . n 
A 1 89 TYR 89 89 89 TYR TYR A . n 
A 1 90 ASN 90 90 90 ASN ASN A . n 
A 1 91 ILE 91 91 91 ILE ILE A . n 
A 1 92 ALA 92 92 92 ALA ALA A . n 
A 1 93 ASP 93 93 93 ASP ASP A . n 
A 1 94 ALA 94 94 94 ALA ALA A . n 
A 1 95 THR 95 95 95 THR THR A . n 
A 1 96 PHE 96 96 96 PHE PHE A . n 
A 1 97 GLY 97 97 97 GLY GLY A . n 
# 
loop_
_pdbx_nonpoly_scheme.asym_id 
_pdbx_nonpoly_scheme.entity_id 
_pdbx_nonpoly_scheme.mon_id 
_pdbx_nonpoly_scheme.ndb_seq_num 
_pdbx_nonpoly_scheme.pdb_seq_num 
_pdbx_nonpoly_scheme.auth_seq_num 
_pdbx_nonpoly_scheme.pdb_mon_id 
_pdbx_nonpoly_scheme.auth_mon_id 
_pdbx_nonpoly_scheme.pdb_strand_id 
_pdbx_nonpoly_scheme.pdb_ins_code 
B 2 CIT 1   300 300 CIT CIT A . 
C 3 BME 1   401 401 BME BME A . 
D 4 HOH 1   402 1   HOH WAT A . 
D 4 HOH 2   403 2   HOH WAT A . 
D 4 HOH 3   404 3   HOH WAT A . 
D 4 HOH 4   405 4   HOH WAT A . 
D 4 HOH 5   406 5   HOH WAT A . 
D 4 HOH 6   407 6   HOH WAT A . 
D 4 HOH 7   408 7   HOH WAT A . 
D 4 HOH 8   409 8   HOH WAT A . 
D 4 HOH 9   410 9   HOH WAT A . 
D 4 HOH 10  411 10  HOH WAT A . 
D 4 HOH 11  412 11  HOH WAT A . 
D 4 HOH 12  413 12  HOH WAT A . 
D 4 HOH 13  414 13  HOH WAT A . 
D 4 HOH 14  415 14  HOH WAT A . 
D 4 HOH 15  416 15  HOH WAT A . 
D 4 HOH 16  417 16  HOH WAT A . 
D 4 HOH 17  418 17  HOH WAT A . 
D 4 HOH 18  419 18  HOH WAT A . 
D 4 HOH 19  420 19  HOH WAT A . 
D 4 HOH 20  421 20  HOH WAT A . 
D 4 HOH 21  422 21  HOH WAT A . 
D 4 HOH 22  423 22  HOH WAT A . 
D 4 HOH 23  424 23  HOH WAT A . 
D 4 HOH 24  425 24  HOH WAT A . 
D 4 HOH 25  426 25  HOH WAT A . 
D 4 HOH 26  427 26  HOH WAT A . 
D 4 HOH 27  428 27  HOH WAT A . 
D 4 HOH 28  429 28  HOH WAT A . 
D 4 HOH 29  430 29  HOH WAT A . 
D 4 HOH 30  431 30  HOH WAT A . 
D 4 HOH 31  432 31  HOH WAT A . 
D 4 HOH 32  433 32  HOH WAT A . 
D 4 HOH 33  434 33  HOH WAT A . 
D 4 HOH 34  435 34  HOH WAT A . 
D 4 HOH 35  436 35  HOH WAT A . 
D 4 HOH 36  437 36  HOH WAT A . 
D 4 HOH 37  438 37  HOH WAT A . 
D 4 HOH 38  439 38  HOH WAT A . 
D 4 HOH 39  440 39  HOH WAT A . 
D 4 HOH 40  441 40  HOH WAT A . 
D 4 HOH 41  442 41  HOH WAT A . 
D 4 HOH 42  443 42  HOH WAT A . 
D 4 HOH 43  444 43  HOH WAT A . 
D 4 HOH 44  445 44  HOH WAT A . 
D 4 HOH 45  446 45  HOH WAT A . 
D 4 HOH 46  447 46  HOH WAT A . 
D 4 HOH 47  448 47  HOH WAT A . 
D 4 HOH 48  449 48  HOH WAT A . 
D 4 HOH 49  450 49  HOH WAT A . 
D 4 HOH 50  451 50  HOH WAT A . 
D 4 HOH 51  452 51  HOH WAT A . 
D 4 HOH 52  453 52  HOH WAT A . 
D 4 HOH 53  454 53  HOH WAT A . 
D 4 HOH 54  455 54  HOH WAT A . 
D 4 HOH 55  456 55  HOH WAT A . 
D 4 HOH 56  457 56  HOH WAT A . 
D 4 HOH 57  458 57  HOH WAT A . 
D 4 HOH 58  459 58  HOH WAT A . 
D 4 HOH 59  460 59  HOH WAT A . 
D 4 HOH 60  461 60  HOH WAT A . 
D 4 HOH 61  462 61  HOH WAT A . 
D 4 HOH 62  463 62  HOH WAT A . 
D 4 HOH 63  464 63  HOH WAT A . 
D 4 HOH 64  465 64  HOH WAT A . 
D 4 HOH 65  466 65  HOH WAT A . 
D 4 HOH 66  467 66  HOH WAT A . 
D 4 HOH 67  468 67  HOH WAT A . 
D 4 HOH 68  469 68  HOH WAT A . 
D 4 HOH 69  470 69  HOH WAT A . 
D 4 HOH 70  471 70  HOH WAT A . 
D 4 HOH 71  472 71  HOH WAT A . 
D 4 HOH 72  473 73  HOH WAT A . 
D 4 HOH 73  474 74  HOH WAT A . 
D 4 HOH 74  475 75  HOH WAT A . 
D 4 HOH 75  476 76  HOH WAT A . 
D 4 HOH 76  477 77  HOH WAT A . 
D 4 HOH 77  478 78  HOH WAT A . 
D 4 HOH 78  479 79  HOH WAT A . 
D 4 HOH 79  480 80  HOH WAT A . 
D 4 HOH 80  481 81  HOH WAT A . 
D 4 HOH 81  482 82  HOH WAT A . 
D 4 HOH 82  483 83  HOH WAT A . 
D 4 HOH 83  484 84  HOH WAT A . 
D 4 HOH 84  485 85  HOH WAT A . 
D 4 HOH 85  486 86  HOH WAT A . 
D 4 HOH 86  487 87  HOH WAT A . 
D 4 HOH 87  488 88  HOH WAT A . 
D 4 HOH 88  489 89  HOH WAT A . 
D 4 HOH 89  490 90  HOH WAT A . 
D 4 HOH 90  491 91  HOH WAT A . 
D 4 HOH 91  492 92  HOH WAT A . 
D 4 HOH 92  493 93  HOH WAT A . 
D 4 HOH 93  494 94  HOH WAT A . 
D 4 HOH 94  495 95  HOH WAT A . 
D 4 HOH 95  496 96  HOH WAT A . 
D 4 HOH 96  497 97  HOH WAT A . 
D 4 HOH 97  498 98  HOH WAT A . 
D 4 HOH 98  499 99  HOH WAT A . 
D 4 HOH 99  500 100 HOH WAT A . 
D 4 HOH 100 501 101 HOH WAT A . 
D 4 HOH 101 502 102 HOH WAT A . 
D 4 HOH 102 503 103 HOH WAT A . 
D 4 HOH 103 504 104 HOH WAT A . 
D 4 HOH 104 505 105 HOH WAT A . 
D 4 HOH 105 506 106 HOH WAT A . 
D 4 HOH 106 507 107 HOH WAT A . 
D 4 HOH 107 508 108 HOH WAT A . 
D 4 HOH 108 509 109 HOH WAT A . 
D 4 HOH 109 510 110 HOH WAT A . 
D 4 HOH 110 511 111 HOH WAT A . 
D 4 HOH 111 512 112 HOH WAT A . 
D 4 HOH 112 513 113 HOH WAT A . 
D 4 HOH 113 514 114 HOH WAT A . 
D 4 HOH 114 515 115 HOH WAT A . 
D 4 HOH 115 516 116 HOH WAT A . 
D 4 HOH 116 517 117 HOH WAT A . 
D 4 HOH 117 518 118 HOH WAT A . 
D 4 HOH 118 519 119 HOH WAT A . 
D 4 HOH 119 520 120 HOH WAT A . 
D 4 HOH 120 521 121 HOH WAT A . 
D 4 HOH 121 522 122 HOH WAT A . 
D 4 HOH 122 523 123 HOH WAT A . 
D 4 HOH 123 524 124 HOH WAT A . 
D 4 HOH 124 525 125 HOH WAT A . 
D 4 HOH 125 526 126 HOH WAT A . 
D 4 HOH 126 527 127 HOH WAT A . 
D 4 HOH 127 528 128 HOH WAT A . 
D 4 HOH 128 529 129 HOH WAT A . 
D 4 HOH 129 530 130 HOH WAT A . 
D 4 HOH 130 531 131 HOH WAT A . 
D 4 HOH 131 532 132 HOH WAT A . 
D 4 HOH 132 533 133 HOH WAT A . 
D 4 HOH 133 534 134 HOH WAT A . 
D 4 HOH 134 535 135 HOH WAT A . 
D 4 HOH 135 536 136 HOH WAT A . 
D 4 HOH 136 537 137 HOH WAT A . 
D 4 HOH 137 538 138 HOH WAT A . 
D 4 HOH 138 539 139 HOH WAT A . 
D 4 HOH 139 540 140 HOH WAT A . 
D 4 HOH 140 541 141 HOH WAT A . 
D 4 HOH 141 542 142 HOH WAT A . 
D 4 HOH 142 543 143 HOH WAT A . 
D 4 HOH 143 544 144 HOH WAT A . 
D 4 HOH 144 545 146 HOH WAT A . 
D 4 HOH 145 546 147 HOH WAT A . 
D 4 HOH 146 547 148 HOH WAT A . 
D 4 HOH 147 548 149 HOH WAT A . 
D 4 HOH 148 549 150 HOH WAT A . 
D 4 HOH 149 550 151 HOH WAT A . 
D 4 HOH 150 551 152 HOH WAT A . 
D 4 HOH 151 552 153 HOH WAT A . 
D 4 HOH 152 553 154 HOH WAT A . 
D 4 HOH 153 554 155 HOH WAT A . 
D 4 HOH 154 555 156 HOH WAT A . 
D 4 HOH 155 556 157 HOH WAT A . 
D 4 HOH 156 557 158 HOH WAT A . 
D 4 HOH 157 558 159 HOH WAT A . 
D 4 HOH 158 559 160 HOH WAT A . 
D 4 HOH 159 560 161 HOH WAT A . 
D 4 HOH 160 561 162 HOH WAT A . 
D 4 HOH 161 562 163 HOH WAT A . 
D 4 HOH 162 563 164 HOH WAT A . 
D 4 HOH 163 564 165 HOH WAT A . 
D 4 HOH 164 565 166 HOH WAT A . 
D 4 HOH 165 566 167 HOH WAT A . 
D 4 HOH 166 567 168 HOH WAT A . 
D 4 HOH 167 568 169 HOH WAT A . 
D 4 HOH 168 569 170 HOH WAT A . 
D 4 HOH 169 570 172 HOH WAT A . 
D 4 HOH 170 571 173 HOH WAT A . 
D 4 HOH 171 572 174 HOH WAT A . 
D 4 HOH 172 573 175 HOH WAT A . 
D 4 HOH 173 574 176 HOH WAT A . 
D 4 HOH 174 575 177 HOH WAT A . 
D 4 HOH 175 576 178 HOH WAT A . 
D 4 HOH 176 577 179 HOH WAT A . 
D 4 HOH 177 578 180 HOH WAT A . 
D 4 HOH 178 579 181 HOH WAT A . 
D 4 HOH 179 580 182 HOH WAT A . 
D 4 HOH 180 581 183 HOH WAT A . 
D 4 HOH 181 582 184 HOH WAT A . 
D 4 HOH 182 583 185 HOH WAT A . 
D 4 HOH 183 584 186 HOH WAT A . 
D 4 HOH 184 585 187 HOH WAT A . 
D 4 HOH 185 586 188 HOH WAT A . 
D 4 HOH 186 587 189 HOH WAT A . 
D 4 HOH 187 588 190 HOH WAT A . 
D 4 HOH 188 589 191 HOH WAT A . 
D 4 HOH 189 590 192 HOH WAT A . 
# 
_pdbx_struct_mod_residue.id               1 
_pdbx_struct_mod_residue.label_asym_id    A 
_pdbx_struct_mod_residue.label_comp_id    CYS 
_pdbx_struct_mod_residue.label_seq_id     39 
_pdbx_struct_mod_residue.auth_asym_id     A 
_pdbx_struct_mod_residue.auth_comp_id     CYS 
_pdbx_struct_mod_residue.auth_seq_id      39 
_pdbx_struct_mod_residue.PDB_ins_code     ? 
_pdbx_struct_mod_residue.parent_comp_id   CYS 
_pdbx_struct_mod_residue.details          'DISULFIDE BRIDGE' 
# 
_pdbx_struct_assembly.id                   1 
_pdbx_struct_assembly.details              author_defined_assembly 
_pdbx_struct_assembly.method_details       ? 
_pdbx_struct_assembly.oligomeric_details   monomeric 
_pdbx_struct_assembly.oligomeric_count     1 
# 
_pdbx_struct_assembly_gen.assembly_id       1 
_pdbx_struct_assembly_gen.oper_expression   1 
_pdbx_struct_assembly_gen.asym_id_list      A,B,C,D 
# 
_pdbx_struct_oper_list.id                   1 
_pdbx_struct_oper_list.type                 'identity operation' 
_pdbx_struct_oper_list.name                 1_555 
_pdbx_struct_oper_list.symmetry_operation   x,y,z 
_pdbx_struct_oper_list.matrix[1][1]         1.0000000000 
_pdbx_struct_oper_list.matrix[1][2]         0.0000000000 
_pdbx_struct_oper_list.matrix[1][3]         0.0000000000 
_pdbx_struct_oper_list.vector[1]            0.0000000000 
_pdbx_struct_oper_list.matrix[2][1]         0.0000000000 
_pdbx_struct_oper_list.matrix[2][2]         1.0000000000 
_pdbx_struct_oper_list.matrix[2][3]         0.0000000000 
_pdbx_struct_oper_list.vector[2]            0.0000000000 
_pdbx_struct_oper_list.matrix[3][1]         0.0000000000 
_pdbx_struct_oper_list.matrix[3][2]         0.0000000000 
_pdbx_struct_oper_list.matrix[3][3]         1.0000000000 
_pdbx_struct_oper_list.vector[3]            0.0000000000 
# 
loop_
_pdbx_audit_revision_history.ordinal 
_pdbx_audit_revision_history.data_content_type 
_pdbx_audit_revision_history.major_revision 
_pdbx_audit_revision_history.minor_revision 
_pdbx_audit_revision_history.revision_date 
1 'Structure model' 1 0 2002-10-30 
2 'Structure model' 1 1 2008-04-28 
3 'Structure model' 1 2 2011-07-13 
4 'Structure model' 1 3 2021-10-27 
# 
_pdbx_audit_revision_details.ordinal             1 
_pdbx_audit_revision_details.revision_ordinal    1 
_pdbx_audit_revision_details.data_content_type   'Structure model' 
_pdbx_audit_revision_details.provider            repository 
_pdbx_audit_revision_details.type                'Initial release' 
_pdbx_audit_revision_details.description         ? 
_pdbx_audit_revision_details.details             ? 
# 
loop_
_pdbx_audit_revision_group.ordinal 
_pdbx_audit_revision_group.revision_ordinal 
_pdbx_audit_revision_group.data_content_type 
_pdbx_audit_revision_group.group 
1 2 'Structure model' 'Version format compliance' 
2 3 'Structure model' 'Version format compliance' 
3 4 'Structure model' 'Database references'       
4 4 'Structure model' 'Derived calculations'      
# 
loop_
_pdbx_audit_revision_category.ordinal 
_pdbx_audit_revision_category.revision_ordinal 
_pdbx_audit_revision_category.data_content_type 
_pdbx_audit_revision_category.category 
1 4 'Structure model' database_2         
2 4 'Structure model' struct_conn        
3 4 'Structure model' struct_ref_seq_dif 
4 4 'Structure model' struct_site        
# 
loop_
_pdbx_audit_revision_item.ordinal 
_pdbx_audit_revision_item.revision_ordinal 
_pdbx_audit_revision_item.data_content_type 
_pdbx_audit_revision_item.item 
1 4 'Structure model' '_database_2.pdbx_DOI'                
2 4 'Structure model' '_database_2.pdbx_database_accession' 
3 4 'Structure model' '_struct_conn.pdbx_leaving_atom_flag' 
4 4 'Structure model' '_struct_ref_seq_dif.details'         
5 4 'Structure model' '_struct_site.pdbx_auth_asym_id'      
6 4 'Structure model' '_struct_site.pdbx_auth_comp_id'      
7 4 'Structure model' '_struct_site.pdbx_auth_seq_id'       
# 
loop_
_software.name 
_software.classification 
_software.version 
_software.citation_id 
_software.pdbx_ordinal 
HKL-2000  'data collection' . ? 1 
SCALEPACK 'data scaling'    . ? 2 
CNS       refinement        . ? 3 
HKL-2000  'data reduction'  . ? 4 
CNS       phasing           . ? 5 
# 
loop_
_pdbx_entity_nonpoly.entity_id 
_pdbx_entity_nonpoly.name 
_pdbx_entity_nonpoly.comp_id 
2 'CITRIC ACID'        CIT 
3 BETA-MERCAPTOETHANOL BME 
4 water                HOH 
# 
